data_2GQB
#
_entry.id   2GQB
#
_entity_poly.entity_id   1
_entity_poly.type   'polypeptide(L)'
_entity_poly.pdbx_seq_one_letter_code
;MSIFGKIMSAIFGDSAAASPGGAQAPATTGAAGTAPTAPQPTAAPSIDVAPILDKAVKAKGEKLEWRTSIVDLMKALDID
SSLSARKELAKELGYSGDMNDSASMNIWLHKQVMSKLVANGGKLPPEIKH
;
_entity_poly.pdbx_strand_id   A
#
# COMPACT_ATOMS: atom_id res chain seq x y z
N MET A 1 -12.91 -13.41 2.43
CA MET A 1 -11.75 -12.97 3.23
C MET A 1 -11.82 -11.47 3.48
N SER A 2 -10.78 -10.92 4.09
CA SER A 2 -10.75 -9.50 4.40
C SER A 2 -9.57 -8.85 3.71
N ILE A 3 -9.81 -8.28 2.54
CA ILE A 3 -8.74 -7.78 1.68
C ILE A 3 -7.94 -6.66 2.34
N PHE A 4 -8.57 -5.90 3.23
CA PHE A 4 -7.85 -4.85 3.96
C PHE A 4 -6.77 -5.47 4.85
N GLY A 5 -6.97 -6.74 5.22
CA GLY A 5 -6.00 -7.46 6.00
C GLY A 5 -5.10 -8.31 5.11
N LYS A 6 -5.46 -8.41 3.84
CA LYS A 6 -4.69 -9.19 2.89
C LYS A 6 -3.61 -8.33 2.24
N ILE A 7 -3.95 -7.07 1.96
CA ILE A 7 -3.01 -6.15 1.36
C ILE A 7 -1.98 -5.66 2.36
N MET A 8 -2.39 -5.54 3.62
CA MET A 8 -1.51 -5.00 4.66
C MET A 8 -0.37 -5.96 4.99
N SER A 9 -0.54 -7.22 4.61
CA SER A 9 0.46 -8.23 4.89
C SER A 9 1.70 -8.02 4.01
N ALA A 10 1.57 -7.15 3.01
CA ALA A 10 2.70 -6.78 2.18
C ALA A 10 3.19 -5.38 2.56
N ILE A 11 2.24 -4.49 2.82
CA ILE A 11 2.56 -3.11 3.20
C ILE A 11 3.34 -3.08 4.51
N PHE A 12 2.88 -3.84 5.49
CA PHE A 12 3.54 -3.90 6.79
C PHE A 12 4.53 -5.06 6.82
N GLY A 13 4.92 -5.53 5.66
CA GLY A 13 5.82 -6.66 5.56
C GLY A 13 7.09 -6.34 4.79
N ASP A 14 7.58 -5.12 4.93
CA ASP A 14 8.83 -4.72 4.29
C ASP A 14 10.01 -5.27 5.08
N SER A 15 10.66 -6.27 4.52
CA SER A 15 11.83 -6.87 5.14
C SER A 15 12.94 -7.05 4.12
N ALA A 16 12.74 -6.46 2.94
CA ALA A 16 13.72 -6.55 1.87
C ALA A 16 14.78 -5.45 1.99
N ALA A 17 14.73 -4.75 3.13
CA ALA A 17 15.65 -3.65 3.42
C ALA A 17 15.45 -2.52 2.41
N ALA A 18 14.20 -2.34 1.99
CA ALA A 18 13.87 -1.26 1.08
C ALA A 18 13.45 -0.03 1.87
N SER A 19 12.23 -0.06 2.41
CA SER A 19 11.72 1.01 3.25
C SER A 19 11.72 2.37 2.53
N PRO A 20 11.23 3.44 3.18
CA PRO A 20 11.42 4.80 2.69
C PRO A 20 12.87 5.25 2.80
N GLY A 21 13.58 5.22 1.67
CA GLY A 21 14.94 5.72 1.64
C GLY A 21 15.94 4.80 2.32
N GLY A 22 15.72 3.50 2.20
CA GLY A 22 16.64 2.55 2.80
C GLY A 22 17.42 1.77 1.75
N ALA A 23 16.90 1.76 0.52
CA ALA A 23 17.53 1.04 -0.56
C ALA A 23 18.85 1.68 -0.97
N GLN A 24 19.89 0.87 -1.05
CA GLN A 24 21.22 1.34 -1.41
C GLN A 24 21.62 0.86 -2.80
N ALA A 25 22.73 1.36 -3.30
CA ALA A 25 23.23 0.96 -4.60
C ALA A 25 24.41 0.01 -4.45
N PRO A 26 24.40 -1.12 -5.17
CA PRO A 26 25.47 -2.12 -5.11
C PRO A 26 26.81 -1.56 -5.59
N ALA A 27 27.89 -2.09 -5.04
CA ALA A 27 29.23 -1.66 -5.41
C ALA A 27 30.14 -2.86 -5.61
N THR A 28 31.17 -2.69 -6.44
CA THR A 28 32.13 -3.74 -6.70
C THR A 28 33.07 -3.92 -5.50
N THR A 29 33.51 -5.15 -5.28
CA THR A 29 34.37 -5.45 -4.15
C THR A 29 35.71 -6.01 -4.63
N GLY A 30 36.49 -6.59 -3.74
CA GLY A 30 37.81 -7.07 -4.07
C GLY A 30 38.85 -6.43 -3.20
N ALA A 31 39.40 -5.31 -3.65
CA ALA A 31 40.31 -4.53 -2.82
C ALA A 31 39.50 -3.56 -1.97
N ALA A 32 38.23 -3.42 -2.30
CA ALA A 32 37.33 -2.53 -1.59
C ALA A 32 36.91 -3.12 -0.25
N GLY A 33 37.68 -2.83 0.78
CA GLY A 33 37.32 -3.23 2.12
C GLY A 33 37.34 -2.04 3.06
N THR A 34 37.65 -0.88 2.52
CA THR A 34 37.76 0.34 3.29
C THR A 34 36.39 0.99 3.49
N ALA A 35 35.74 0.63 4.59
CA ALA A 35 34.44 1.19 4.96
C ALA A 35 34.03 0.69 6.33
N PRO A 36 33.50 1.57 7.19
CA PRO A 36 33.06 1.21 8.54
C PRO A 36 31.94 0.18 8.51
N THR A 37 31.94 -0.72 9.48
CA THR A 37 30.91 -1.73 9.58
C THR A 37 30.22 -1.70 10.94
N ALA A 38 29.33 -0.73 11.10
CA ALA A 38 28.54 -0.61 12.32
C ALA A 38 27.07 -0.47 11.97
N PRO A 39 26.41 -1.59 11.62
CA PRO A 39 25.02 -1.60 11.20
C PRO A 39 24.07 -1.52 12.38
N GLN A 40 23.61 -0.32 12.68
CA GLN A 40 22.59 -0.13 13.69
C GLN A 40 21.21 -0.23 13.04
N PRO A 41 20.36 -1.11 13.58
CA PRO A 41 19.04 -1.37 13.01
C PRO A 41 18.18 -0.12 12.89
N THR A 42 17.43 -0.03 11.80
CA THR A 42 16.54 1.09 11.58
C THR A 42 15.12 0.72 12.01
N ALA A 43 14.70 1.26 13.14
CA ALA A 43 13.36 1.02 13.63
C ALA A 43 12.35 1.85 12.87
N ALA A 44 11.08 1.45 12.92
CA ALA A 44 10.04 2.12 12.18
C ALA A 44 8.71 1.95 12.87
N PRO A 45 8.40 2.84 13.81
CA PRO A 45 7.11 2.85 14.48
C PRO A 45 6.03 3.45 13.58
N SER A 46 6.49 4.11 12.54
CA SER A 46 5.62 4.64 11.52
C SER A 46 5.88 3.93 10.20
N ILE A 47 4.82 3.47 9.57
CA ILE A 47 4.94 2.74 8.31
C ILE A 47 4.51 3.63 7.16
N ASP A 48 5.47 4.22 6.49
CA ASP A 48 5.19 5.16 5.42
C ASP A 48 4.71 4.40 4.19
N VAL A 49 3.42 4.47 3.96
CA VAL A 49 2.79 3.65 2.93
C VAL A 49 3.06 4.22 1.53
N ALA A 50 3.41 5.50 1.47
CA ALA A 50 3.65 6.17 0.19
C ALA A 50 4.73 5.46 -0.64
N PRO A 51 5.98 5.29 -0.12
CA PRO A 51 7.05 4.62 -0.86
C PRO A 51 6.88 3.11 -0.89
N ILE A 52 5.69 2.65 -0.54
CA ILE A 52 5.35 1.25 -0.65
C ILE A 52 4.40 1.04 -1.82
N LEU A 53 3.29 1.79 -1.83
CA LEU A 53 2.27 1.61 -2.86
C LEU A 53 2.69 2.25 -4.18
N ASP A 54 3.33 3.42 -4.10
CA ASP A 54 3.81 4.09 -5.32
C ASP A 54 4.72 3.20 -6.13
N LYS A 55 5.46 2.34 -5.42
CA LYS A 55 6.40 1.44 -6.06
C LYS A 55 5.71 0.15 -6.45
N ALA A 56 4.85 -0.34 -5.56
CA ALA A 56 4.10 -1.57 -5.80
C ALA A 56 3.19 -1.42 -7.02
N VAL A 57 2.62 -0.24 -7.19
CA VAL A 57 1.75 0.04 -8.32
C VAL A 57 2.47 -0.19 -9.65
N LYS A 58 3.67 0.35 -9.78
CA LYS A 58 4.41 0.23 -11.03
C LYS A 58 5.13 -1.11 -11.10
N ALA A 59 5.17 -1.82 -9.98
CA ALA A 59 5.66 -3.18 -9.95
C ALA A 59 4.61 -4.11 -10.52
N LYS A 60 3.34 -3.76 -10.29
CA LYS A 60 2.21 -4.49 -10.85
C LYS A 60 2.28 -4.46 -12.38
N GLY A 61 2.54 -3.29 -12.93
CA GLY A 61 2.71 -3.17 -14.36
C GLY A 61 2.14 -1.89 -14.92
N GLU A 62 0.93 -1.56 -14.52
CA GLU A 62 0.23 -0.40 -15.05
C GLU A 62 0.23 0.73 -14.02
N LYS A 63 0.16 1.96 -14.49
CA LYS A 63 0.16 3.11 -13.59
C LYS A 63 -1.24 3.32 -13.03
N LEU A 64 -1.33 3.31 -11.71
CA LEU A 64 -2.61 3.41 -11.02
C LEU A 64 -2.61 4.61 -10.06
N GLU A 65 -3.77 4.89 -9.49
CA GLU A 65 -3.89 5.96 -8.51
C GLU A 65 -4.47 5.45 -7.20
N TRP A 66 -3.61 4.96 -6.33
CA TRP A 66 -4.03 4.44 -5.04
C TRP A 66 -4.47 5.56 -4.11
N ARG A 67 -4.08 6.77 -4.48
CA ARG A 67 -4.36 7.96 -3.67
C ARG A 67 -5.85 8.23 -3.61
N THR A 68 -6.57 7.84 -4.66
CA THR A 68 -8.01 8.09 -4.72
C THR A 68 -8.80 6.80 -4.93
N SER A 69 -8.27 5.91 -5.77
CA SER A 69 -8.99 4.72 -6.19
C SER A 69 -8.66 3.55 -5.28
N ILE A 70 -9.70 2.91 -4.75
CA ILE A 70 -9.51 1.79 -3.84
C ILE A 70 -9.18 0.52 -4.62
N VAL A 71 -9.73 0.41 -5.82
CA VAL A 71 -9.51 -0.77 -6.65
C VAL A 71 -8.07 -0.82 -7.15
N ASP A 72 -7.46 0.36 -7.28
CA ASP A 72 -6.11 0.46 -7.80
C ASP A 72 -5.07 -0.08 -6.83
N LEU A 73 -5.19 0.30 -5.55
CA LEU A 73 -4.23 -0.20 -4.56
C LEU A 73 -4.46 -1.68 -4.29
N MET A 74 -5.70 -2.11 -4.44
CA MET A 74 -6.06 -3.52 -4.26
C MET A 74 -5.37 -4.38 -5.34
N LYS A 75 -5.56 -3.99 -6.60
CA LYS A 75 -4.99 -4.72 -7.70
C LYS A 75 -3.45 -4.65 -7.64
N ALA A 76 -2.93 -3.56 -7.08
CA ALA A 76 -1.48 -3.33 -6.99
C ALA A 76 -0.78 -4.39 -6.15
N LEU A 77 -1.36 -4.71 -5.00
CA LEU A 77 -0.84 -5.81 -4.16
C LEU A 77 -1.20 -7.16 -4.79
N ASP A 78 -1.86 -7.07 -5.93
CA ASP A 78 -2.26 -8.21 -6.75
C ASP A 78 -3.41 -8.95 -6.10
N ILE A 79 -4.56 -8.33 -6.16
CA ILE A 79 -5.79 -8.95 -5.72
C ILE A 79 -6.68 -9.16 -6.93
N ASP A 80 -7.50 -10.21 -6.89
CA ASP A 80 -8.38 -10.58 -8.01
C ASP A 80 -9.06 -9.36 -8.62
N SER A 81 -9.71 -8.57 -7.74
CA SER A 81 -10.47 -7.40 -8.15
C SER A 81 -11.75 -7.81 -8.89
N SER A 82 -11.95 -9.11 -9.03
CA SER A 82 -13.12 -9.66 -9.70
C SER A 82 -14.32 -9.65 -8.74
N LEU A 83 -15.31 -10.49 -9.01
CA LEU A 83 -16.55 -10.50 -8.24
C LEU A 83 -16.30 -10.92 -6.79
N SER A 84 -15.66 -12.07 -6.60
CA SER A 84 -15.47 -12.60 -5.26
C SER A 84 -14.68 -11.64 -4.38
N ALA A 85 -13.66 -11.03 -4.94
CA ALA A 85 -12.79 -10.12 -4.20
C ALA A 85 -13.56 -8.87 -3.76
N ARG A 86 -14.25 -8.24 -4.70
CA ARG A 86 -14.98 -7.01 -4.42
C ARG A 86 -16.14 -7.29 -3.46
N LYS A 87 -16.60 -8.53 -3.45
CA LYS A 87 -17.71 -8.93 -2.61
C LYS A 87 -17.25 -9.09 -1.16
N GLU A 88 -16.14 -9.80 -0.97
CA GLU A 88 -15.66 -10.08 0.39
C GLU A 88 -15.19 -8.81 1.08
N LEU A 89 -14.37 -8.01 0.40
CA LEU A 89 -13.86 -6.77 0.97
C LEU A 89 -14.99 -5.87 1.40
N ALA A 90 -15.98 -5.71 0.54
CA ALA A 90 -17.10 -4.83 0.80
C ALA A 90 -17.95 -5.33 1.97
N LYS A 91 -18.24 -6.63 1.98
CA LYS A 91 -19.15 -7.18 2.98
C LYS A 91 -18.51 -7.23 4.37
N GLU A 92 -17.19 -7.29 4.42
CA GLU A 92 -16.47 -7.24 5.69
C GLU A 92 -16.56 -5.84 6.29
N LEU A 93 -16.72 -4.85 5.41
CA LEU A 93 -16.82 -3.45 5.85
C LEU A 93 -18.27 -3.03 6.08
N GLY A 94 -19.20 -3.76 5.46
CA GLY A 94 -20.60 -3.43 5.62
C GLY A 94 -21.40 -3.69 4.36
N TYR A 95 -20.77 -3.44 3.22
CA TYR A 95 -21.37 -3.67 1.90
C TYR A 95 -22.48 -2.67 1.58
N SER A 96 -22.32 -1.98 0.46
CA SER A 96 -23.32 -1.04 -0.02
C SER A 96 -23.46 -1.20 -1.53
N GLY A 97 -24.57 -1.78 -1.97
CA GLY A 97 -24.77 -2.03 -3.38
C GLY A 97 -26.21 -1.89 -3.80
N ASP A 98 -26.78 -0.73 -3.55
CA ASP A 98 -28.17 -0.47 -3.92
C ASP A 98 -28.23 0.28 -5.25
N MET A 99 -28.18 1.61 -5.18
CA MET A 99 -28.18 2.44 -6.38
C MET A 99 -26.83 3.14 -6.55
N ASN A 100 -25.95 2.92 -5.59
CA ASN A 100 -24.67 3.60 -5.55
C ASN A 100 -23.76 3.19 -6.70
N ASP A 101 -23.97 1.96 -7.20
CA ASP A 101 -23.19 1.42 -8.30
C ASP A 101 -21.68 1.48 -7.96
N SER A 102 -20.82 1.46 -8.96
CA SER A 102 -19.39 1.52 -8.74
C SER A 102 -18.95 2.96 -8.44
N ALA A 103 -19.82 3.91 -8.79
CA ALA A 103 -19.53 5.33 -8.61
C ALA A 103 -19.22 5.65 -7.16
N SER A 104 -20.19 5.42 -6.28
CA SER A 104 -20.01 5.68 -4.86
C SER A 104 -19.24 4.53 -4.21
N MET A 105 -19.18 3.40 -4.91
CA MET A 105 -18.50 2.21 -4.39
C MET A 105 -17.00 2.46 -4.23
N ASN A 106 -16.40 3.12 -5.22
CA ASN A 106 -14.98 3.46 -5.17
C ASN A 106 -14.70 4.39 -3.99
N ILE A 107 -15.60 5.35 -3.79
CA ILE A 107 -15.45 6.35 -2.75
C ILE A 107 -15.55 5.73 -1.37
N TRP A 108 -16.73 5.21 -1.05
CA TRP A 108 -17.04 4.68 0.27
C TRP A 108 -16.05 3.58 0.68
N LEU A 109 -15.75 2.69 -0.25
CA LEU A 109 -14.88 1.56 0.04
C LEU A 109 -13.47 2.05 0.34
N HIS A 110 -13.01 3.04 -0.42
CA HIS A 110 -11.67 3.61 -0.23
C HIS A 110 -11.54 4.20 1.17
N LYS A 111 -12.62 4.79 1.66
CA LYS A 111 -12.63 5.41 2.99
C LYS A 111 -12.48 4.34 4.07
N GLN A 112 -13.38 3.36 4.04
CA GLN A 112 -13.44 2.33 5.07
C GLN A 112 -12.18 1.48 5.12
N VAL A 113 -11.66 1.09 3.95
CA VAL A 113 -10.46 0.26 3.88
C VAL A 113 -9.28 0.97 4.54
N MET A 114 -9.15 2.28 4.32
CA MET A 114 -8.03 3.03 4.87
C MET A 114 -8.12 3.06 6.39
N SER A 115 -9.35 3.15 6.90
CA SER A 115 -9.58 3.22 8.35
C SER A 115 -9.14 1.91 9.02
N LYS A 116 -9.13 0.82 8.26
CA LYS A 116 -8.72 -0.47 8.80
C LYS A 116 -7.25 -0.73 8.48
N LEU A 117 -6.69 0.09 7.61
CA LEU A 117 -5.35 -0.15 7.06
C LEU A 117 -4.30 0.70 7.74
N VAL A 118 -4.40 2.01 7.59
CA VAL A 118 -3.38 2.91 8.10
C VAL A 118 -3.50 3.11 9.61
N ALA A 119 -4.56 2.57 10.19
CA ALA A 119 -4.76 2.63 11.63
C ALA A 119 -3.75 1.74 12.34
N ASN A 120 -3.17 0.79 11.62
CA ASN A 120 -2.22 -0.16 12.19
C ASN A 120 -0.81 0.43 12.26
N GLY A 121 -0.71 1.74 12.10
CA GLY A 121 0.58 2.40 12.15
C GLY A 121 0.98 2.95 10.79
N GLY A 122 0.10 2.82 9.82
CA GLY A 122 0.37 3.30 8.48
C GLY A 122 0.41 4.82 8.41
N LYS A 123 1.42 5.33 7.74
CA LYS A 123 1.59 6.76 7.55
C LYS A 123 1.29 7.10 6.10
N LEU A 124 0.43 8.08 5.91
CA LEU A 124 0.02 8.49 4.57
C LEU A 124 0.56 9.86 4.21
N PRO A 125 0.77 10.10 2.91
CA PRO A 125 1.12 11.43 2.41
C PRO A 125 0.01 12.44 2.72
N PRO A 126 0.36 13.73 2.81
CA PRO A 126 -0.51 14.79 3.35
C PRO A 126 -1.84 15.01 2.62
N GLU A 127 -2.03 14.35 1.49
CA GLU A 127 -3.27 14.54 0.74
C GLU A 127 -4.18 13.32 0.84
N ILE A 128 -3.68 12.25 1.45
CA ILE A 128 -4.51 11.08 1.70
C ILE A 128 -5.06 11.14 3.12
N LYS A 129 -6.30 11.54 3.25
CA LYS A 129 -6.96 11.63 4.53
C LYS A 129 -8.48 11.53 4.34
N HIS A 130 -8.98 10.30 4.44
CA HIS A 130 -10.41 10.02 4.27
C HIS A 130 -10.86 10.36 2.85
N MET A 1 -12.30 -13.40 2.88
CA MET A 1 -11.06 -13.51 3.68
C MET A 1 -10.64 -12.13 4.21
N SER A 2 -11.28 -11.08 3.68
CA SER A 2 -11.02 -9.69 4.09
C SER A 2 -9.78 -9.18 3.37
N ILE A 3 -10.00 -8.58 2.20
CA ILE A 3 -8.92 -8.13 1.34
C ILE A 3 -8.01 -7.12 2.05
N PHE A 4 -8.58 -6.28 2.90
CA PHE A 4 -7.79 -5.30 3.64
C PHE A 4 -6.81 -5.99 4.58
N GLY A 5 -7.18 -7.18 5.06
CA GLY A 5 -6.30 -7.93 5.92
C GLY A 5 -5.29 -8.74 5.12
N LYS A 6 -5.59 -8.94 3.86
CA LYS A 6 -4.71 -9.66 2.95
C LYS A 6 -3.61 -8.74 2.42
N ILE A 7 -3.99 -7.51 2.08
CA ILE A 7 -3.05 -6.55 1.50
C ILE A 7 -2.08 -5.98 2.53
N MET A 8 -2.54 -5.88 3.78
CA MET A 8 -1.74 -5.24 4.83
C MET A 8 -0.49 -6.07 5.18
N SER A 9 -0.49 -7.34 4.79
CA SER A 9 0.59 -8.23 5.14
C SER A 9 1.88 -7.84 4.43
N ALA A 10 1.73 -7.23 3.25
CA ALA A 10 2.87 -6.79 2.48
C ALA A 10 3.29 -5.37 2.89
N ILE A 11 2.29 -4.53 3.14
CA ILE A 11 2.53 -3.14 3.50
C ILE A 11 3.20 -3.03 4.86
N PHE A 12 2.65 -3.74 5.84
CA PHE A 12 3.18 -3.70 7.20
C PHE A 12 4.25 -4.77 7.40
N GLY A 13 4.70 -5.36 6.29
CA GLY A 13 5.73 -6.37 6.36
C GLY A 13 6.91 -6.00 5.48
N ASP A 14 7.13 -4.71 5.30
CA ASP A 14 8.20 -4.22 4.44
C ASP A 14 9.56 -4.60 4.98
N SER A 15 10.31 -5.29 4.14
CA SER A 15 11.69 -5.61 4.42
C SER A 15 12.50 -5.46 3.13
N ALA A 16 11.91 -4.75 2.18
CA ALA A 16 12.51 -4.58 0.86
C ALA A 16 12.86 -3.13 0.61
N ALA A 17 12.01 -2.23 1.09
CA ALA A 17 12.27 -0.80 0.97
C ALA A 17 12.95 -0.30 2.24
N ALA A 18 12.59 -0.92 3.37
CA ALA A 18 13.16 -0.60 4.67
C ALA A 18 12.79 0.82 5.08
N SER A 19 11.50 1.15 4.90
CA SER A 19 10.98 2.49 5.19
C SER A 19 11.48 3.50 4.15
N PRO A 20 10.78 4.64 4.00
CA PRO A 20 11.16 5.68 3.04
C PRO A 20 12.58 6.19 3.26
N GLY A 21 13.33 6.34 2.17
CA GLY A 21 14.70 6.80 2.27
C GLY A 21 15.45 6.64 0.96
N GLY A 22 16.76 6.48 1.06
CA GLY A 22 17.58 6.33 -0.11
C GLY A 22 18.87 7.11 0.02
N ALA A 23 19.99 6.46 -0.26
CA ALA A 23 21.29 7.10 -0.12
C ALA A 23 22.15 6.82 -1.33
N GLN A 24 22.60 7.88 -1.98
CA GLN A 24 23.47 7.76 -3.15
C GLN A 24 24.57 8.81 -3.09
N ALA A 25 25.81 8.36 -3.02
CA ALA A 25 26.95 9.25 -2.94
C ALA A 25 27.60 9.42 -4.32
N PRO A 26 27.65 10.66 -4.82
CA PRO A 26 28.27 10.97 -6.11
C PRO A 26 29.77 10.70 -6.08
N ALA A 27 30.31 10.29 -7.23
CA ALA A 27 31.73 10.00 -7.37
C ALA A 27 32.19 8.95 -6.35
N THR A 28 31.62 7.76 -6.43
CA THR A 28 31.98 6.67 -5.54
C THR A 28 33.26 5.98 -6.04
N THR A 29 33.80 6.49 -7.14
CA THR A 29 34.98 5.92 -7.78
C THR A 29 36.26 6.46 -7.14
N GLY A 30 36.30 6.45 -5.81
CA GLY A 30 37.47 6.93 -5.09
C GLY A 30 38.73 6.15 -5.42
N ALA A 31 39.81 6.86 -5.73
CA ALA A 31 41.04 6.22 -6.14
C ALA A 31 41.78 5.63 -4.95
N ALA A 32 41.74 6.34 -3.82
CA ALA A 32 42.41 5.88 -2.61
C ALA A 32 41.41 5.33 -1.61
N GLY A 33 40.97 4.09 -1.83
CA GLY A 33 40.13 3.40 -0.88
C GLY A 33 38.69 3.87 -0.89
N THR A 34 38.44 4.99 -0.20
CA THR A 34 37.09 5.50 0.05
C THR A 34 36.17 4.39 0.53
N ALA A 35 36.37 3.98 1.78
CA ALA A 35 35.60 2.88 2.35
C ALA A 35 34.37 3.40 3.08
N PRO A 36 33.18 3.04 2.56
CA PRO A 36 31.92 3.42 3.18
C PRO A 36 31.47 2.40 4.22
N THR A 37 30.38 2.73 4.91
CA THR A 37 29.75 1.80 5.82
C THR A 37 28.26 1.72 5.49
N ALA A 38 27.84 0.56 5.01
CA ALA A 38 26.45 0.37 4.59
C ALA A 38 25.53 0.21 5.79
N PRO A 39 24.67 1.20 6.04
CA PRO A 39 23.72 1.19 7.13
C PRO A 39 22.30 0.79 6.68
N GLN A 40 21.91 -0.43 7.01
CA GLN A 40 20.56 -0.89 6.71
C GLN A 40 19.67 -0.72 7.93
N PRO A 41 18.50 -0.09 7.77
CA PRO A 41 17.54 0.11 8.85
C PRO A 41 17.20 -1.19 9.57
N THR A 42 17.70 -1.31 10.79
CA THR A 42 17.50 -2.51 11.57
C THR A 42 16.17 -2.44 12.29
N ALA A 43 15.73 -1.23 12.57
CA ALA A 43 14.43 -1.00 13.17
C ALA A 43 13.46 -0.40 12.16
N ALA A 44 12.20 -0.77 12.27
CA ALA A 44 11.18 -0.26 11.38
C ALA A 44 9.87 -0.09 12.13
N PRO A 45 9.71 1.06 12.81
CA PRO A 45 8.53 1.34 13.63
C PRO A 45 7.39 1.92 12.81
N SER A 46 7.60 3.10 12.24
CA SER A 46 6.57 3.78 11.46
C SER A 46 6.47 3.18 10.07
N ILE A 47 5.25 2.82 9.68
CA ILE A 47 5.01 2.27 8.35
C ILE A 47 4.48 3.36 7.43
N ASP A 48 5.32 3.84 6.53
CA ASP A 48 4.88 4.85 5.57
C ASP A 48 4.27 4.15 4.38
N VAL A 49 2.97 4.33 4.22
CA VAL A 49 2.21 3.58 3.21
C VAL A 49 2.44 4.15 1.81
N ALA A 50 2.87 5.41 1.74
CA ALA A 50 2.99 6.09 0.45
C ALA A 50 4.06 5.45 -0.45
N PRO A 51 5.36 5.43 -0.04
CA PRO A 51 6.43 4.88 -0.89
C PRO A 51 6.24 3.40 -1.20
N ILE A 52 5.60 2.70 -0.27
CA ILE A 52 5.35 1.28 -0.45
C ILE A 52 4.43 1.03 -1.63
N LEU A 53 3.30 1.72 -1.66
CA LEU A 53 2.30 1.48 -2.70
C LEU A 53 2.65 2.24 -3.98
N ASP A 54 3.21 3.44 -3.83
CA ASP A 54 3.62 4.23 -4.99
C ASP A 54 4.59 3.47 -5.88
N LYS A 55 5.48 2.72 -5.26
CA LYS A 55 6.49 1.99 -6.02
C LYS A 55 6.01 0.57 -6.32
N ALA A 56 5.02 0.10 -5.57
CA ALA A 56 4.42 -1.20 -5.81
C ALA A 56 3.65 -1.16 -7.13
N VAL A 57 3.09 0.01 -7.42
CA VAL A 57 2.40 0.23 -8.70
C VAL A 57 3.35 -0.02 -9.87
N LYS A 58 4.58 0.44 -9.70
CA LYS A 58 5.59 0.33 -10.75
C LYS A 58 6.08 -1.10 -10.87
N ALA A 59 5.88 -1.90 -9.83
CA ALA A 59 6.31 -3.28 -9.82
C ALA A 59 5.22 -4.20 -10.36
N LYS A 60 3.97 -3.79 -10.17
CA LYS A 60 2.82 -4.55 -10.64
C LYS A 60 2.84 -4.63 -12.17
N GLY A 61 3.01 -3.49 -12.81
CA GLY A 61 3.20 -3.48 -14.24
C GLY A 61 2.10 -2.75 -15.00
N GLU A 62 1.21 -2.11 -14.27
CA GLU A 62 0.13 -1.35 -14.89
C GLU A 62 -0.06 -0.03 -14.16
N LYS A 63 -0.68 0.93 -14.83
CA LYS A 63 -0.90 2.24 -14.24
C LYS A 63 -1.95 2.15 -13.13
N LEU A 64 -1.52 2.41 -11.92
CA LEU A 64 -2.41 2.38 -10.78
C LEU A 64 -2.31 3.67 -9.99
N GLU A 65 -3.44 4.21 -9.62
CA GLU A 65 -3.49 5.40 -8.79
C GLU A 65 -4.27 5.12 -7.52
N TRP A 66 -3.61 4.41 -6.60
CA TRP A 66 -4.21 3.98 -5.34
C TRP A 66 -4.66 5.16 -4.49
N ARG A 67 -4.10 6.33 -4.78
CA ARG A 67 -4.43 7.54 -4.05
C ARG A 67 -5.88 7.95 -4.27
N THR A 68 -6.50 7.44 -5.33
CA THR A 68 -7.89 7.75 -5.61
C THR A 68 -8.72 6.48 -5.88
N SER A 69 -8.09 5.45 -6.39
CA SER A 69 -8.80 4.24 -6.77
C SER A 69 -8.51 3.11 -5.79
N ILE A 70 -9.56 2.52 -5.23
CA ILE A 70 -9.40 1.45 -4.26
C ILE A 70 -9.10 0.13 -4.95
N VAL A 71 -9.63 -0.05 -6.15
CA VAL A 71 -9.40 -1.25 -6.93
C VAL A 71 -7.94 -1.36 -7.33
N ASP A 72 -7.35 -0.21 -7.65
CA ASP A 72 -5.96 -0.15 -8.09
C ASP A 72 -5.01 -0.73 -7.04
N LEU A 73 -5.13 -0.28 -5.80
CA LEU A 73 -4.24 -0.76 -4.74
C LEU A 73 -4.53 -2.21 -4.38
N MET A 74 -5.78 -2.61 -4.54
CA MET A 74 -6.19 -3.97 -4.24
C MET A 74 -5.41 -4.97 -5.08
N LYS A 75 -5.44 -4.77 -6.40
CA LYS A 75 -4.73 -5.66 -7.31
C LYS A 75 -3.22 -5.40 -7.29
N ALA A 76 -2.84 -4.17 -6.91
CA ALA A 76 -1.43 -3.77 -6.86
C ALA A 76 -0.58 -4.76 -6.06
N LEU A 77 -1.04 -5.12 -4.86
CA LEU A 77 -0.38 -6.16 -4.08
C LEU A 77 -0.49 -7.47 -4.84
N ASP A 78 -1.71 -8.00 -4.93
CA ASP A 78 -2.05 -9.14 -5.77
C ASP A 78 -3.43 -9.68 -5.42
N ILE A 79 -4.45 -9.05 -5.98
CA ILE A 79 -5.83 -9.48 -5.75
C ILE A 79 -6.58 -9.56 -7.08
N ASP A 80 -7.38 -10.61 -7.23
CA ASP A 80 -8.08 -10.90 -8.48
C ASP A 80 -8.99 -9.75 -8.91
N SER A 81 -9.61 -9.10 -7.93
CA SER A 81 -10.46 -7.93 -8.17
C SER A 81 -11.72 -8.31 -8.96
N SER A 82 -12.03 -9.60 -9.00
CA SER A 82 -13.22 -10.08 -9.69
C SER A 82 -14.45 -9.83 -8.83
N LEU A 83 -15.55 -10.52 -9.15
CA LEU A 83 -16.80 -10.31 -8.46
C LEU A 83 -16.69 -10.76 -7.01
N SER A 84 -16.15 -11.96 -6.80
CA SER A 84 -16.00 -12.52 -5.47
C SER A 84 -15.17 -11.60 -4.56
N ALA A 85 -14.12 -11.02 -5.12
CA ALA A 85 -13.23 -10.15 -4.36
C ALA A 85 -13.94 -8.87 -3.92
N ARG A 86 -14.55 -8.16 -4.87
CA ARG A 86 -15.25 -6.92 -4.57
C ARG A 86 -16.42 -7.19 -3.63
N LYS A 87 -16.93 -8.41 -3.69
CA LYS A 87 -18.04 -8.83 -2.85
C LYS A 87 -17.59 -8.91 -1.40
N GLU A 88 -16.54 -9.70 -1.15
CA GLU A 88 -16.10 -9.95 0.22
C GLU A 88 -15.54 -8.69 0.87
N LEU A 89 -14.83 -7.87 0.09
CA LEU A 89 -14.24 -6.64 0.61
C LEU A 89 -15.33 -5.74 1.20
N ALA A 90 -16.41 -5.55 0.45
CA ALA A 90 -17.51 -4.73 0.91
C ALA A 90 -18.22 -5.40 2.09
N LYS A 91 -18.43 -6.70 1.98
CA LYS A 91 -19.10 -7.50 3.01
C LYS A 91 -18.45 -7.32 4.38
N GLU A 92 -17.13 -7.35 4.41
CA GLU A 92 -16.37 -7.25 5.65
C GLU A 92 -16.42 -5.83 6.21
N LEU A 93 -16.59 -4.86 5.32
CA LEU A 93 -16.65 -3.47 5.71
C LEU A 93 -18.05 -3.07 6.13
N GLY A 94 -19.02 -3.94 5.87
CA GLY A 94 -20.38 -3.68 6.29
C GLY A 94 -21.37 -3.78 5.15
N TYR A 95 -20.84 -3.74 3.93
CA TYR A 95 -21.64 -3.80 2.71
C TYR A 95 -22.72 -2.72 2.71
N SER A 96 -22.33 -1.51 2.32
CA SER A 96 -23.26 -0.40 2.27
C SER A 96 -23.12 0.32 0.94
N GLY A 97 -24.24 0.47 0.25
CA GLY A 97 -24.23 1.15 -1.03
C GLY A 97 -25.08 0.43 -2.06
N ASP A 98 -25.70 1.21 -2.94
CA ASP A 98 -26.52 0.66 -4.02
C ASP A 98 -26.91 1.76 -5.00
N MET A 99 -27.67 2.74 -4.52
CA MET A 99 -28.16 3.83 -5.36
C MET A 99 -27.01 4.72 -5.82
N ASN A 100 -25.90 4.63 -5.11
CA ASN A 100 -24.71 5.44 -5.40
C ASN A 100 -23.92 4.85 -6.55
N ASP A 101 -24.23 3.60 -6.90
CA ASP A 101 -23.57 2.89 -8.01
C ASP A 101 -22.05 2.92 -7.85
N SER A 102 -21.33 2.79 -8.97
CA SER A 102 -19.88 2.70 -8.98
C SER A 102 -19.25 4.03 -8.58
N ALA A 103 -19.92 5.13 -8.92
CA ALA A 103 -19.41 6.47 -8.66
C ALA A 103 -18.97 6.65 -7.22
N SER A 104 -19.91 6.47 -6.29
CA SER A 104 -19.59 6.65 -4.88
C SER A 104 -19.06 5.36 -4.27
N MET A 105 -19.15 4.26 -5.03
CA MET A 105 -18.68 2.96 -4.56
C MET A 105 -17.17 2.98 -4.36
N ASN A 106 -16.45 3.55 -5.32
CA ASN A 106 -15.00 3.63 -5.22
C ASN A 106 -14.57 4.58 -4.11
N ILE A 107 -15.39 5.60 -3.86
CA ILE A 107 -15.08 6.61 -2.85
C ILE A 107 -15.22 6.03 -1.44
N TRP A 108 -16.42 5.55 -1.11
CA TRP A 108 -16.70 5.00 0.21
C TRP A 108 -15.77 3.84 0.54
N LEU A 109 -15.63 2.93 -0.41
CA LEU A 109 -14.82 1.71 -0.22
C LEU A 109 -13.36 2.08 0.01
N HIS A 110 -12.90 3.08 -0.75
CA HIS A 110 -11.51 3.54 -0.67
C HIS A 110 -11.15 3.97 0.74
N LYS A 111 -12.02 4.76 1.34
CA LYS A 111 -11.77 5.32 2.66
C LYS A 111 -12.05 4.30 3.76
N GLN A 112 -13.00 3.41 3.50
CA GLN A 112 -13.39 2.42 4.47
C GLN A 112 -12.27 1.41 4.71
N VAL A 113 -11.62 0.99 3.64
CA VAL A 113 -10.48 0.08 3.73
C VAL A 113 -9.35 0.72 4.52
N MET A 114 -9.18 2.03 4.35
CA MET A 114 -8.12 2.75 5.04
C MET A 114 -8.28 2.67 6.55
N SER A 115 -9.53 2.64 7.00
CA SER A 115 -9.84 2.54 8.42
C SER A 115 -9.34 1.22 9.01
N LYS A 116 -9.15 0.23 8.17
CA LYS A 116 -8.69 -1.08 8.62
C LYS A 116 -7.20 -1.23 8.32
N LEU A 117 -6.69 -0.34 7.48
CA LEU A 117 -5.33 -0.45 6.99
C LEU A 117 -4.38 0.48 7.76
N VAL A 118 -4.48 1.78 7.49
CA VAL A 118 -3.52 2.75 8.00
C VAL A 118 -3.67 2.94 9.52
N ALA A 119 -4.81 2.54 10.05
CA ALA A 119 -5.07 2.67 11.48
C ALA A 119 -4.20 1.69 12.28
N ASN A 120 -3.56 0.76 11.59
CA ASN A 120 -2.71 -0.23 12.25
C ASN A 120 -1.35 0.36 12.63
N GLY A 121 -1.12 1.60 12.22
CA GLY A 121 0.17 2.24 12.47
C GLY A 121 0.82 2.72 11.19
N GLY A 122 0.02 2.90 10.15
CA GLY A 122 0.52 3.39 8.89
C GLY A 122 0.46 4.90 8.78
N LYS A 123 1.41 5.46 8.05
CA LYS A 123 1.49 6.89 7.85
C LYS A 123 1.41 7.21 6.36
N LEU A 124 0.51 8.12 6.01
CA LEU A 124 0.40 8.56 4.63
C LEU A 124 0.26 10.08 4.58
N PRO A 125 0.79 10.71 3.52
CA PRO A 125 0.64 12.16 3.30
C PRO A 125 -0.82 12.51 3.02
N PRO A 126 -1.21 13.77 3.25
CA PRO A 126 -2.61 14.22 3.08
C PRO A 126 -3.10 14.19 1.64
N GLU A 127 -2.37 13.48 0.78
CA GLU A 127 -2.75 13.34 -0.61
C GLU A 127 -3.73 12.17 -0.77
N ILE A 128 -3.68 11.24 0.18
CA ILE A 128 -4.53 10.06 0.12
C ILE A 128 -5.58 10.08 1.21
N LYS A 129 -6.61 10.89 1.00
CA LYS A 129 -7.78 10.94 1.89
C LYS A 129 -8.97 11.54 1.15
N HIS A 130 -9.62 10.74 0.34
CA HIS A 130 -10.80 11.15 -0.41
C HIS A 130 -11.43 9.94 -1.06
N MET A 1 -13.78 -12.29 3.10
CA MET A 1 -13.06 -12.75 4.31
C MET A 1 -12.28 -11.60 4.94
N SER A 2 -11.08 -11.33 4.42
CA SER A 2 -10.19 -10.35 5.03
C SER A 2 -9.20 -9.77 4.03
N ILE A 3 -9.70 -9.14 2.96
CA ILE A 3 -8.82 -8.54 1.95
C ILE A 3 -7.83 -7.54 2.56
N PHE A 4 -8.33 -6.67 3.44
CA PHE A 4 -7.48 -5.67 4.08
C PHE A 4 -6.39 -6.31 4.94
N GLY A 5 -6.60 -7.56 5.33
CA GLY A 5 -5.61 -8.27 6.11
C GLY A 5 -4.63 -9.02 5.23
N LYS A 6 -4.99 -9.16 3.96
CA LYS A 6 -4.15 -9.86 2.99
C LYS A 6 -3.20 -8.88 2.33
N ILE A 7 -3.63 -7.64 2.19
CA ILE A 7 -2.83 -6.61 1.55
C ILE A 7 -1.83 -5.99 2.52
N MET A 8 -2.19 -5.95 3.80
CA MET A 8 -1.37 -5.29 4.80
C MET A 8 -0.08 -6.05 5.05
N SER A 9 -0.06 -7.33 4.67
CA SER A 9 1.13 -8.16 4.82
C SER A 9 2.23 -7.69 3.85
N ALA A 10 1.81 -7.03 2.78
CA ALA A 10 2.75 -6.52 1.80
C ALA A 10 3.12 -5.08 2.11
N ILE A 11 2.25 -4.38 2.84
CA ILE A 11 2.50 -3.00 3.22
C ILE A 11 3.31 -2.94 4.51
N PHE A 12 2.78 -3.55 5.55
CA PHE A 12 3.38 -3.46 6.88
C PHE A 12 4.45 -4.52 7.07
N GLY A 13 4.78 -5.22 6.00
CA GLY A 13 5.79 -6.25 6.07
C GLY A 13 7.10 -5.82 5.44
N ASP A 14 7.19 -4.53 5.08
CA ASP A 14 8.39 -4.02 4.43
C ASP A 14 9.46 -3.66 5.46
N SER A 15 10.58 -4.35 5.36
CA SER A 15 11.76 -4.03 6.12
C SER A 15 12.99 -4.34 5.28
N ALA A 16 12.77 -4.39 3.96
CA ALA A 16 13.80 -4.81 3.01
C ALA A 16 13.26 -4.78 1.58
N ALA A 17 11.95 -4.96 1.43
CA ALA A 17 11.32 -4.99 0.12
C ALA A 17 11.42 -3.63 -0.57
N ALA A 18 11.17 -2.58 0.18
CA ALA A 18 11.29 -1.22 -0.34
C ALA A 18 12.22 -0.40 0.54
N SER A 19 11.73 -0.01 1.70
CA SER A 19 12.49 0.81 2.66
C SER A 19 12.91 2.14 2.04
N PRO A 20 12.07 3.18 2.17
CA PRO A 20 12.34 4.50 1.60
C PRO A 20 13.49 5.22 2.31
N GLY A 21 14.49 5.60 1.53
CA GLY A 21 15.62 6.34 2.07
C GLY A 21 16.66 5.45 2.71
N GLY A 22 17.91 5.67 2.35
CA GLY A 22 19.00 4.94 2.96
C GLY A 22 19.29 3.63 2.24
N ALA A 23 18.26 3.06 1.65
CA ALA A 23 18.39 1.81 0.93
C ALA A 23 18.75 2.06 -0.53
N GLN A 24 19.34 1.07 -1.17
CA GLN A 24 19.70 1.18 -2.57
C GLN A 24 18.58 0.62 -3.45
N ALA A 25 18.44 1.16 -4.65
CA ALA A 25 17.49 0.63 -5.60
C ALA A 25 17.97 -0.73 -6.10
N PRO A 26 17.07 -1.74 -6.09
CA PRO A 26 17.42 -3.11 -6.49
C PRO A 26 18.07 -3.18 -7.87
N ALA A 27 19.37 -3.37 -7.90
CA ALA A 27 20.12 -3.42 -9.14
C ALA A 27 21.01 -4.66 -9.17
N THR A 28 21.66 -4.90 -10.30
CA THR A 28 22.52 -6.04 -10.46
C THR A 28 23.84 -5.84 -9.70
N THR A 29 24.05 -6.65 -8.68
CA THR A 29 25.27 -6.58 -7.89
C THR A 29 25.83 -7.99 -7.68
N GLY A 30 27.13 -8.07 -7.45
CA GLY A 30 27.79 -9.35 -7.29
C GLY A 30 27.47 -9.99 -5.95
N ALA A 31 27.00 -11.23 -5.99
CA ALA A 31 26.68 -11.97 -4.78
C ALA A 31 27.88 -12.80 -4.31
N ALA A 32 29.00 -12.62 -4.99
CA ALA A 32 30.22 -13.32 -4.65
C ALA A 32 30.80 -12.77 -3.35
N GLY A 33 31.03 -13.65 -2.39
CA GLY A 33 31.55 -13.25 -1.11
C GLY A 33 30.45 -12.71 -0.23
N THR A 34 30.42 -11.38 -0.08
CA THR A 34 29.40 -10.71 0.72
C THR A 34 29.45 -11.18 2.18
N ALA A 35 30.25 -10.50 2.99
CA ALA A 35 30.38 -10.84 4.39
C ALA A 35 29.32 -10.12 5.21
N PRO A 36 28.44 -10.88 5.88
CA PRO A 36 27.37 -10.32 6.70
C PRO A 36 27.93 -9.70 7.98
N THR A 37 27.95 -8.37 8.03
CA THR A 37 28.43 -7.66 9.20
C THR A 37 27.33 -7.59 10.27
N ALA A 38 26.09 -7.79 9.83
CA ALA A 38 24.92 -7.78 10.72
C ALA A 38 24.77 -6.44 11.42
N PRO A 39 23.97 -5.53 10.85
CA PRO A 39 23.72 -4.21 11.43
C PRO A 39 22.70 -4.25 12.56
N GLN A 40 22.39 -5.47 13.01
CA GLN A 40 21.39 -5.73 14.07
C GLN A 40 19.97 -5.48 13.56
N PRO A 41 18.99 -6.22 14.10
CA PRO A 41 17.58 -6.08 13.71
C PRO A 41 17.01 -4.72 14.08
N THR A 42 16.33 -4.09 13.14
CA THR A 42 15.68 -2.82 13.38
C THR A 42 14.17 -2.97 13.24
N ALA A 43 13.44 -2.67 14.31
CA ALA A 43 11.99 -2.74 14.30
C ALA A 43 11.38 -1.55 13.56
N ALA A 44 10.14 -1.71 13.12
CA ALA A 44 9.48 -0.66 12.35
C ALA A 44 7.99 -0.63 12.68
N PRO A 45 7.63 0.02 13.80
CA PRO A 45 6.24 0.18 14.20
C PRO A 45 5.56 1.34 13.46
N SER A 46 6.38 2.12 12.78
CA SER A 46 5.90 3.23 11.98
C SER A 46 6.10 2.92 10.50
N ILE A 47 4.99 2.69 9.82
CA ILE A 47 5.01 2.34 8.41
C ILE A 47 4.58 3.54 7.57
N ASP A 48 5.18 3.71 6.40
CA ASP A 48 4.74 4.75 5.48
C ASP A 48 4.16 4.10 4.23
N VAL A 49 2.88 4.29 4.01
CA VAL A 49 2.16 3.58 2.96
C VAL A 49 2.45 4.16 1.57
N ALA A 50 2.85 5.43 1.55
CA ALA A 50 3.02 6.17 0.30
C ALA A 50 4.02 5.52 -0.66
N PRO A 51 5.29 5.33 -0.26
CA PRO A 51 6.31 4.78 -1.16
C PRO A 51 6.03 3.33 -1.53
N ILE A 52 5.47 2.59 -0.60
CA ILE A 52 5.20 1.17 -0.80
C ILE A 52 4.23 0.97 -1.96
N LEU A 53 3.12 1.68 -1.92
CA LEU A 53 2.10 1.54 -2.96
C LEU A 53 2.47 2.35 -4.19
N ASP A 54 3.23 3.41 -4.01
CA ASP A 54 3.68 4.24 -5.13
C ASP A 54 4.51 3.41 -6.09
N LYS A 55 5.37 2.57 -5.55
CA LYS A 55 6.21 1.71 -6.38
C LYS A 55 5.49 0.42 -6.71
N ALA A 56 4.52 0.04 -5.87
CA ALA A 56 3.72 -1.15 -6.10
C ALA A 56 2.89 -1.01 -7.36
N VAL A 57 2.53 0.23 -7.70
CA VAL A 57 1.81 0.51 -8.93
C VAL A 57 2.66 0.09 -10.13
N LYS A 58 3.94 0.43 -10.04
CA LYS A 58 4.88 0.19 -11.11
C LYS A 58 5.32 -1.27 -11.09
N ALA A 59 5.27 -1.89 -9.92
CA ALA A 59 5.59 -3.30 -9.76
C ALA A 59 4.45 -4.17 -10.29
N LYS A 60 3.23 -3.64 -10.22
CA LYS A 60 2.07 -4.32 -10.78
C LYS A 60 2.21 -4.37 -12.30
N GLY A 61 2.47 -3.22 -12.89
CA GLY A 61 2.75 -3.16 -14.31
C GLY A 61 1.83 -2.20 -15.04
N GLU A 62 0.68 -1.95 -14.44
CA GLU A 62 -0.32 -1.06 -15.04
C GLU A 62 -0.30 0.29 -14.35
N LYS A 63 -0.85 1.30 -14.99
CA LYS A 63 -0.86 2.64 -14.43
C LYS A 63 -2.02 2.80 -13.46
N LEU A 64 -1.71 3.06 -12.21
CA LEU A 64 -2.73 3.15 -11.17
C LEU A 64 -2.60 4.46 -10.40
N GLU A 65 -3.64 4.78 -9.65
CA GLU A 65 -3.63 5.89 -8.71
C GLU A 65 -4.35 5.51 -7.42
N TRP A 66 -3.62 4.85 -6.54
CA TRP A 66 -4.17 4.33 -5.29
C TRP A 66 -4.63 5.46 -4.36
N ARG A 67 -4.17 6.66 -4.65
CA ARG A 67 -4.48 7.84 -3.85
C ARG A 67 -5.98 8.14 -3.85
N THR A 68 -6.65 7.79 -4.94
CA THR A 68 -8.07 8.09 -5.06
C THR A 68 -8.88 6.82 -5.40
N SER A 69 -8.22 5.83 -6.00
CA SER A 69 -8.90 4.62 -6.40
C SER A 69 -8.61 3.49 -5.43
N ILE A 70 -9.65 2.92 -4.84
CA ILE A 70 -9.49 1.83 -3.88
C ILE A 70 -9.20 0.52 -4.60
N VAL A 71 -9.73 0.39 -5.81
CA VAL A 71 -9.53 -0.82 -6.59
C VAL A 71 -8.06 -0.98 -6.98
N ASP A 72 -7.41 0.16 -7.22
CA ASP A 72 -6.02 0.19 -7.66
C ASP A 72 -5.09 -0.40 -6.61
N LEU A 73 -5.20 0.08 -5.37
CA LEU A 73 -4.33 -0.38 -4.31
C LEU A 73 -4.64 -1.84 -3.95
N MET A 74 -5.91 -2.21 -4.07
CA MET A 74 -6.33 -3.58 -3.79
C MET A 74 -5.55 -4.57 -4.64
N LYS A 75 -5.55 -4.36 -5.95
CA LYS A 75 -4.86 -5.27 -6.85
C LYS A 75 -3.34 -5.10 -6.75
N ALA A 76 -2.90 -3.85 -6.60
CA ALA A 76 -1.48 -3.51 -6.56
C ALA A 76 -0.71 -4.40 -5.59
N LEU A 77 -1.24 -4.57 -4.39
CA LEU A 77 -0.55 -5.33 -3.36
C LEU A 77 -0.58 -6.83 -3.63
N ASP A 78 -1.77 -7.44 -3.58
CA ASP A 78 -1.86 -8.91 -3.59
C ASP A 78 -3.13 -9.42 -4.26
N ILE A 79 -4.09 -8.54 -4.52
CA ILE A 79 -5.43 -9.01 -4.87
C ILE A 79 -5.65 -9.00 -6.38
N ASP A 80 -6.51 -9.90 -6.84
CA ASP A 80 -6.78 -10.06 -8.28
C ASP A 80 -7.86 -9.11 -8.78
N SER A 81 -8.36 -8.28 -7.87
CA SER A 81 -9.43 -7.30 -8.14
C SER A 81 -10.63 -7.90 -8.88
N SER A 82 -10.86 -9.19 -8.68
CA SER A 82 -11.98 -9.86 -9.32
C SER A 82 -13.28 -9.58 -8.57
N LEU A 83 -14.41 -10.00 -9.14
CA LEU A 83 -15.72 -9.72 -8.54
C LEU A 83 -15.78 -10.26 -7.12
N SER A 84 -15.35 -11.50 -6.93
CA SER A 84 -15.36 -12.13 -5.62
C SER A 84 -14.63 -11.27 -4.58
N ALA A 85 -13.52 -10.69 -5.01
CA ALA A 85 -12.68 -9.89 -4.13
C ALA A 85 -13.40 -8.62 -3.69
N ARG A 86 -13.77 -7.78 -4.66
CA ARG A 86 -14.44 -6.52 -4.34
C ARG A 86 -15.81 -6.75 -3.69
N LYS A 87 -16.34 -7.95 -3.83
CA LYS A 87 -17.61 -8.30 -3.21
C LYS A 87 -17.42 -8.60 -1.72
N GLU A 88 -16.39 -9.39 -1.40
CA GLU A 88 -16.15 -9.75 -0.01
C GLU A 88 -15.67 -8.54 0.78
N LEU A 89 -14.78 -7.75 0.19
CA LEU A 89 -14.23 -6.57 0.85
C LEU A 89 -15.36 -5.63 1.29
N ALA A 90 -16.32 -5.43 0.40
CA ALA A 90 -17.43 -4.55 0.67
C ALA A 90 -18.33 -5.10 1.77
N LYS A 91 -18.53 -6.41 1.80
CA LYS A 91 -19.46 -7.02 2.75
C LYS A 91 -18.84 -7.14 4.14
N GLU A 92 -17.51 -7.13 4.22
CA GLU A 92 -16.83 -7.14 5.51
C GLU A 92 -16.98 -5.78 6.17
N LEU A 93 -17.08 -4.76 5.33
CA LEU A 93 -17.15 -3.39 5.80
C LEU A 93 -18.60 -2.95 6.02
N GLY A 94 -19.47 -3.34 5.10
CA GLY A 94 -20.87 -2.99 5.22
C GLY A 94 -21.68 -3.49 4.04
N TYR A 95 -21.43 -2.91 2.86
CA TYR A 95 -22.15 -3.25 1.63
C TYR A 95 -23.63 -2.87 1.79
N SER A 96 -23.87 -1.83 2.59
CA SER A 96 -25.22 -1.39 2.93
C SER A 96 -25.85 -0.56 1.81
N GLY A 97 -25.58 -0.93 0.56
CA GLY A 97 -26.11 -0.21 -0.57
C GLY A 97 -25.59 -0.75 -1.88
N ASP A 98 -26.37 -0.58 -2.94
CA ASP A 98 -25.98 -1.03 -4.27
C ASP A 98 -26.27 0.06 -5.30
N MET A 99 -27.38 0.78 -5.11
CA MET A 99 -27.81 1.81 -6.05
C MET A 99 -26.84 2.99 -6.09
N ASN A 100 -25.87 2.99 -5.18
CA ASN A 100 -24.81 4.00 -5.20
C ASN A 100 -23.91 3.80 -6.40
N ASP A 101 -23.91 2.58 -6.94
CA ASP A 101 -23.12 2.24 -8.14
C ASP A 101 -21.62 2.32 -7.84
N SER A 102 -20.80 1.86 -8.77
CA SER A 102 -19.36 1.90 -8.65
C SER A 102 -18.87 3.34 -8.43
N ALA A 103 -19.66 4.29 -8.94
CA ALA A 103 -19.35 5.71 -8.81
C ALA A 103 -19.05 6.10 -7.37
N SER A 104 -20.01 5.87 -6.49
CA SER A 104 -19.85 6.22 -5.09
C SER A 104 -19.19 5.06 -4.32
N MET A 105 -19.16 3.89 -4.94
CA MET A 105 -18.59 2.70 -4.29
C MET A 105 -17.08 2.82 -4.17
N ASN A 106 -16.43 3.48 -5.13
CA ASN A 106 -14.99 3.71 -5.06
C ASN A 106 -14.66 4.61 -3.88
N ILE A 107 -15.52 5.60 -3.66
CA ILE A 107 -15.31 6.58 -2.61
C ILE A 107 -15.49 5.96 -1.23
N TRP A 108 -16.67 5.40 -0.99
CA TRP A 108 -17.01 4.81 0.31
C TRP A 108 -16.04 3.71 0.71
N LEU A 109 -15.69 2.88 -0.25
CA LEU A 109 -14.83 1.74 0.00
C LEU A 109 -13.40 2.21 0.32
N HIS A 110 -12.98 3.28 -0.35
CA HIS A 110 -11.63 3.83 -0.14
C HIS A 110 -11.49 4.34 1.29
N LYS A 111 -12.58 4.90 1.81
CA LYS A 111 -12.60 5.38 3.19
C LYS A 111 -12.36 4.21 4.14
N GLN A 112 -13.30 3.26 4.12
CA GLN A 112 -13.33 2.15 5.06
C GLN A 112 -12.04 1.33 5.05
N VAL A 113 -11.63 0.88 3.87
CA VAL A 113 -10.46 0.01 3.74
C VAL A 113 -9.20 0.70 4.29
N MET A 114 -9.04 1.97 3.97
CA MET A 114 -7.83 2.68 4.38
C MET A 114 -7.89 3.00 5.87
N SER A 115 -9.11 3.15 6.39
CA SER A 115 -9.31 3.44 7.80
C SER A 115 -8.86 2.26 8.67
N LYS A 116 -8.71 1.09 8.06
CA LYS A 116 -8.14 -0.05 8.75
C LYS A 116 -6.63 0.02 8.61
N LEU A 117 -6.17 0.04 7.36
CA LEU A 117 -4.75 0.04 7.01
C LEU A 117 -3.95 1.07 7.82
N VAL A 118 -4.27 2.34 7.65
CA VAL A 118 -3.48 3.40 8.26
C VAL A 118 -3.62 3.40 9.78
N ALA A 119 -4.65 2.72 10.27
CA ALA A 119 -4.87 2.59 11.70
C ALA A 119 -3.93 1.54 12.29
N ASN A 120 -3.33 0.74 11.42
CA ASN A 120 -2.37 -0.27 11.86
C ASN A 120 -0.99 0.36 12.08
N GLY A 121 -0.88 1.65 11.77
CA GLY A 121 0.40 2.34 11.94
C GLY A 121 0.98 2.81 10.62
N GLY A 122 0.11 2.99 9.64
CA GLY A 122 0.55 3.46 8.34
C GLY A 122 0.42 4.96 8.19
N LYS A 123 1.53 5.60 7.84
CA LYS A 123 1.57 7.04 7.64
C LYS A 123 1.30 7.35 6.17
N LEU A 124 0.60 8.45 5.92
CA LEU A 124 0.33 8.89 4.56
C LEU A 124 0.58 10.39 4.42
N PRO A 125 0.97 10.84 3.23
CA PRO A 125 1.09 12.26 2.92
C PRO A 125 -0.28 12.88 2.67
N PRO A 126 -0.38 14.21 2.71
CA PRO A 126 -1.65 14.93 2.48
C PRO A 126 -2.19 14.76 1.07
N GLU A 127 -1.53 13.91 0.29
CA GLU A 127 -1.98 13.60 -1.06
C GLU A 127 -3.17 12.65 -1.00
N ILE A 128 -3.23 11.88 0.09
CA ILE A 128 -4.33 10.96 0.31
C ILE A 128 -5.09 11.40 1.55
N LYS A 129 -6.21 12.09 1.35
CA LYS A 129 -6.99 12.61 2.46
C LYS A 129 -7.73 11.49 3.19
N HIS A 130 -8.45 10.67 2.43
CA HIS A 130 -9.26 9.58 2.97
C HIS A 130 -10.23 9.10 1.91
N MET A 1 -13.37 -12.89 3.83
CA MET A 1 -11.99 -13.27 4.21
C MET A 1 -11.22 -12.03 4.66
N SER A 2 -11.63 -10.88 4.11
CA SER A 2 -11.20 -9.56 4.58
C SER A 2 -9.95 -9.11 3.85
N ILE A 3 -10.12 -8.69 2.60
CA ILE A 3 -9.01 -8.22 1.78
C ILE A 3 -8.25 -7.09 2.46
N PHE A 4 -8.98 -6.23 3.18
CA PHE A 4 -8.35 -5.11 3.88
C PHE A 4 -7.29 -5.58 4.88
N GLY A 5 -7.51 -6.77 5.42
CA GLY A 5 -6.57 -7.33 6.37
C GLY A 5 -5.50 -8.15 5.67
N LYS A 6 -5.82 -8.58 4.46
CA LYS A 6 -4.90 -9.40 3.67
C LYS A 6 -3.88 -8.54 2.93
N ILE A 7 -4.30 -7.35 2.49
CA ILE A 7 -3.42 -6.46 1.76
C ILE A 7 -2.40 -5.78 2.67
N MET A 8 -2.82 -5.46 3.89
CA MET A 8 -1.93 -4.77 4.83
C MET A 8 -0.78 -5.67 5.26
N SER A 9 -0.95 -6.97 5.04
CA SER A 9 0.07 -7.95 5.37
C SER A 9 1.33 -7.72 4.52
N ALA A 10 1.13 -7.28 3.28
CA ALA A 10 2.24 -7.07 2.37
C ALA A 10 2.79 -5.65 2.49
N ILE A 11 2.20 -4.87 3.39
CA ILE A 11 2.63 -3.49 3.61
C ILE A 11 3.31 -3.35 4.97
N PHE A 12 2.56 -3.66 6.02
CA PHE A 12 3.04 -3.48 7.39
C PHE A 12 3.77 -4.72 7.87
N GLY A 13 3.70 -5.78 7.09
CA GLY A 13 4.31 -7.04 7.48
C GLY A 13 5.55 -7.34 6.70
N ASP A 14 5.90 -6.46 5.77
CA ASP A 14 7.08 -6.67 4.94
C ASP A 14 8.18 -5.71 5.36
N SER A 15 9.42 -6.06 5.04
CA SER A 15 10.56 -5.21 5.33
C SER A 15 11.66 -5.44 4.32
N ALA A 16 11.30 -6.01 3.18
CA ALA A 16 12.27 -6.34 2.15
C ALA A 16 12.00 -5.58 0.87
N ALA A 17 10.72 -5.46 0.53
CA ALA A 17 10.31 -4.81 -0.71
C ALA A 17 10.69 -3.34 -0.73
N ALA A 18 10.19 -2.57 0.23
CA ALA A 18 10.43 -1.14 0.26
C ALA A 18 10.84 -0.69 1.66
N SER A 19 11.89 0.11 1.72
CA SER A 19 12.36 0.67 2.97
C SER A 19 13.08 1.99 2.69
N PRO A 20 12.41 3.12 2.95
CA PRO A 20 12.98 4.45 2.69
C PRO A 20 13.99 4.87 3.76
N GLY A 21 14.99 5.62 3.36
CA GLY A 21 15.99 6.10 4.29
C GLY A 21 17.34 6.29 3.63
N GLY A 22 18.40 6.09 4.39
CA GLY A 22 19.74 6.24 3.85
C GLY A 22 20.17 5.03 3.06
N ALA A 23 19.57 4.85 1.89
CA ALA A 23 19.90 3.74 1.02
C ALA A 23 20.93 4.19 -0.02
N GLN A 24 21.87 3.31 -0.32
CA GLN A 24 22.90 3.60 -1.32
C GLN A 24 22.63 2.81 -2.59
N ALA A 25 22.82 3.47 -3.73
CA ALA A 25 22.61 2.83 -5.02
C ALA A 25 23.61 1.70 -5.23
N PRO A 26 23.16 0.57 -5.81
CA PRO A 26 24.00 -0.60 -6.04
C PRO A 26 25.14 -0.32 -7.03
N ALA A 27 26.27 0.09 -6.50
CA ALA A 27 27.47 0.30 -7.28
C ALA A 27 28.65 -0.39 -6.63
N THR A 28 29.03 -1.53 -7.18
CA THR A 28 30.09 -2.33 -6.60
C THR A 28 31.07 -2.79 -7.70
N THR A 29 32.33 -2.97 -7.32
CA THR A 29 33.36 -3.38 -8.27
C THR A 29 33.04 -4.75 -8.87
N GLY A 30 32.42 -5.61 -8.08
CA GLY A 30 32.06 -6.94 -8.55
C GLY A 30 32.42 -8.01 -7.55
N ALA A 31 33.48 -8.74 -7.82
CA ALA A 31 33.97 -9.77 -6.92
C ALA A 31 34.49 -9.15 -5.63
N ALA A 32 34.99 -7.93 -5.75
CA ALA A 32 35.44 -7.18 -4.60
C ALA A 32 34.26 -6.42 -3.99
N GLY A 33 33.77 -6.94 -2.87
CA GLY A 33 32.65 -6.33 -2.21
C GLY A 33 32.91 -6.07 -0.74
N THR A 34 33.92 -5.27 -0.46
CA THR A 34 34.23 -4.91 0.92
C THR A 34 33.12 -4.03 1.49
N ALA A 35 32.42 -4.55 2.49
CA ALA A 35 31.32 -3.84 3.11
C ALA A 35 31.39 -3.94 4.62
N PRO A 36 31.03 -2.86 5.32
CA PRO A 36 31.05 -2.83 6.79
C PRO A 36 30.15 -3.90 7.40
N THR A 37 30.71 -4.67 8.32
CA THR A 37 29.98 -5.75 8.98
C THR A 37 29.32 -5.26 10.27
N ALA A 38 28.97 -3.98 10.29
CA ALA A 38 28.33 -3.39 11.47
C ALA A 38 26.87 -3.04 11.18
N PRO A 39 25.94 -3.87 11.67
CA PRO A 39 24.52 -3.61 11.55
C PRO A 39 23.98 -2.81 12.72
N GLN A 40 23.30 -1.71 12.44
CA GLN A 40 22.72 -0.88 13.49
C GLN A 40 21.22 -1.13 13.62
N PRO A 41 20.78 -1.67 14.77
CA PRO A 41 19.37 -1.87 15.06
C PRO A 41 18.69 -0.59 15.54
N THR A 42 17.71 -0.13 14.78
CA THR A 42 16.97 1.07 15.13
C THR A 42 15.51 0.93 14.73
N ALA A 43 14.60 1.21 15.65
CA ALA A 43 13.18 1.06 15.43
C ALA A 43 12.64 2.05 14.39
N ALA A 44 11.38 1.87 14.03
CA ALA A 44 10.73 2.70 13.04
C ALA A 44 9.28 2.87 13.45
N PRO A 45 9.01 3.94 14.21
CA PRO A 45 7.70 4.15 14.83
C PRO A 45 6.63 4.64 13.86
N SER A 46 6.94 4.56 12.57
CA SER A 46 5.99 4.91 11.53
C SER A 46 6.30 4.12 10.28
N ILE A 47 5.26 3.58 9.65
CA ILE A 47 5.40 2.79 8.45
C ILE A 47 5.01 3.62 7.24
N ASP A 48 5.99 4.00 6.43
CA ASP A 48 5.73 4.86 5.28
C ASP A 48 5.14 4.03 4.16
N VAL A 49 3.85 4.20 3.91
CA VAL A 49 3.13 3.37 2.97
C VAL A 49 3.24 3.91 1.55
N ALA A 50 3.57 5.20 1.46
CA ALA A 50 3.64 5.88 0.17
C ALA A 50 4.59 5.18 -0.80
N PRO A 51 5.88 4.97 -0.44
CA PRO A 51 6.84 4.31 -1.33
C PRO A 51 6.43 2.88 -1.67
N ILE A 52 5.80 2.20 -0.71
CA ILE A 52 5.39 0.82 -0.90
C ILE A 52 4.35 0.71 -2.00
N LEU A 53 3.37 1.60 -2.00
CA LEU A 53 2.29 1.54 -2.97
C LEU A 53 2.68 2.22 -4.27
N ASP A 54 3.40 3.34 -4.16
CA ASP A 54 3.80 4.09 -5.35
C ASP A 54 4.71 3.26 -6.25
N LYS A 55 5.62 2.51 -5.66
CA LYS A 55 6.49 1.63 -6.43
C LYS A 55 5.72 0.40 -6.90
N ALA A 56 4.71 0.00 -6.12
CA ALA A 56 3.87 -1.13 -6.48
C ALA A 56 3.02 -0.81 -7.70
N VAL A 57 2.76 0.47 -7.92
CA VAL A 57 1.96 0.91 -9.05
C VAL A 57 2.60 0.46 -10.36
N LYS A 58 3.87 0.79 -10.51
CA LYS A 58 4.61 0.47 -11.72
C LYS A 58 5.02 -1.00 -11.72
N ALA A 59 5.12 -1.57 -10.53
CA ALA A 59 5.50 -2.98 -10.40
C ALA A 59 4.35 -3.88 -10.83
N LYS A 60 3.13 -3.42 -10.57
CA LYS A 60 1.94 -4.15 -10.98
C LYS A 60 1.76 -4.01 -12.48
N GLY A 61 1.99 -2.81 -12.99
CA GLY A 61 2.05 -2.62 -14.43
C GLY A 61 1.12 -1.52 -14.94
N GLU A 62 0.06 -1.26 -14.20
CA GLU A 62 -0.96 -0.30 -14.64
C GLU A 62 -0.68 1.08 -14.09
N LYS A 63 -1.52 2.04 -14.45
CA LYS A 63 -1.48 3.33 -13.82
C LYS A 63 -2.50 3.32 -12.69
N LEU A 64 -2.10 2.71 -11.60
CA LEU A 64 -2.94 2.62 -10.41
C LEU A 64 -3.02 3.94 -9.68
N GLU A 65 -4.22 4.25 -9.20
CA GLU A 65 -4.44 5.43 -8.39
C GLU A 65 -4.96 5.02 -7.01
N TRP A 66 -4.05 4.74 -6.10
CA TRP A 66 -4.42 4.25 -4.78
C TRP A 66 -4.85 5.39 -3.87
N ARG A 67 -4.61 6.62 -4.31
CA ARG A 67 -4.91 7.80 -3.51
C ARG A 67 -6.42 8.00 -3.38
N THR A 68 -7.17 7.55 -4.36
CA THR A 68 -8.62 7.74 -4.34
C THR A 68 -9.37 6.46 -4.67
N SER A 69 -8.75 5.54 -5.40
CA SER A 69 -9.42 4.33 -5.82
C SER A 69 -9.00 3.15 -4.96
N ILE A 70 -9.99 2.44 -4.42
CA ILE A 70 -9.73 1.33 -3.52
C ILE A 70 -9.39 0.07 -4.30
N VAL A 71 -9.98 -0.06 -5.49
CA VAL A 71 -9.74 -1.23 -6.34
C VAL A 71 -8.29 -1.28 -6.79
N ASP A 72 -7.72 -0.11 -7.05
CA ASP A 72 -6.36 0.01 -7.54
C ASP A 72 -5.34 -0.51 -6.54
N LEU A 73 -5.43 -0.04 -5.30
CA LEU A 73 -4.47 -0.45 -4.27
C LEU A 73 -4.68 -1.91 -3.88
N MET A 74 -5.92 -2.38 -4.00
CA MET A 74 -6.24 -3.77 -3.69
C MET A 74 -5.43 -4.73 -4.54
N LYS A 75 -5.47 -4.53 -5.85
CA LYS A 75 -4.72 -5.38 -6.77
C LYS A 75 -3.24 -5.07 -6.72
N ALA A 76 -2.91 -3.80 -6.44
CA ALA A 76 -1.52 -3.33 -6.41
C ALA A 76 -0.64 -4.27 -5.59
N LEU A 77 -1.09 -4.63 -4.40
CA LEU A 77 -0.38 -5.60 -3.59
C LEU A 77 -0.44 -6.97 -4.24
N ASP A 78 -1.59 -7.65 -4.14
CA ASP A 78 -1.76 -8.97 -4.74
C ASP A 78 -3.17 -9.48 -4.52
N ILE A 79 -4.12 -8.89 -5.21
CA ILE A 79 -5.51 -9.32 -5.15
C ILE A 79 -6.10 -9.33 -6.55
N ASP A 80 -7.02 -10.26 -6.81
CA ASP A 80 -7.59 -10.46 -8.15
C ASP A 80 -8.20 -9.18 -8.71
N SER A 81 -8.73 -8.33 -7.82
CA SER A 81 -9.44 -7.10 -8.19
C SER A 81 -10.65 -7.39 -9.08
N SER A 82 -11.04 -8.65 -9.12
CA SER A 82 -12.16 -9.09 -9.93
C SER A 82 -13.45 -9.03 -9.12
N LEU A 83 -14.47 -9.74 -9.58
CA LEU A 83 -15.79 -9.74 -8.97
C LEU A 83 -15.71 -10.14 -7.50
N SER A 84 -15.17 -11.32 -7.23
CA SER A 84 -15.10 -11.85 -5.87
C SER A 84 -14.27 -10.97 -4.96
N ALA A 85 -13.32 -10.24 -5.55
CA ALA A 85 -12.44 -9.38 -4.77
C ALA A 85 -13.21 -8.20 -4.20
N ARG A 86 -13.74 -7.35 -5.08
CA ARG A 86 -14.46 -6.16 -4.64
C ARG A 86 -15.72 -6.53 -3.85
N LYS A 87 -16.33 -7.65 -4.20
CA LYS A 87 -17.54 -8.10 -3.54
C LYS A 87 -17.25 -8.57 -2.12
N GLU A 88 -16.14 -9.28 -1.93
CA GLU A 88 -15.82 -9.83 -0.61
C GLU A 88 -15.35 -8.72 0.32
N LEU A 89 -14.53 -7.81 -0.20
CA LEU A 89 -14.03 -6.70 0.58
C LEU A 89 -15.18 -5.84 1.08
N ALA A 90 -16.15 -5.62 0.21
CA ALA A 90 -17.31 -4.82 0.54
C ALA A 90 -18.19 -5.53 1.56
N LYS A 91 -18.44 -6.82 1.35
CA LYS A 91 -19.37 -7.57 2.23
C LYS A 91 -18.81 -7.73 3.63
N GLU A 92 -17.50 -7.60 3.78
CA GLU A 92 -16.88 -7.65 5.10
C GLU A 92 -17.18 -6.37 5.87
N LEU A 93 -17.19 -5.25 5.15
CA LEU A 93 -17.38 -3.94 5.76
C LEU A 93 -18.86 -3.55 5.83
N GLY A 94 -19.64 -3.94 4.83
CA GLY A 94 -21.05 -3.61 4.82
C GLY A 94 -21.71 -3.89 3.48
N TYR A 95 -20.98 -3.58 2.41
CA TYR A 95 -21.44 -3.80 1.03
C TYR A 95 -22.54 -2.81 0.65
N SER A 96 -22.18 -1.82 -0.16
CA SER A 96 -23.14 -0.85 -0.63
C SER A 96 -22.82 -0.50 -2.08
N GLY A 97 -23.59 -1.07 -3.00
CA GLY A 97 -23.36 -0.83 -4.40
C GLY A 97 -24.61 -1.06 -5.22
N ASP A 98 -25.51 -0.10 -5.18
CA ASP A 98 -26.75 -0.18 -5.95
C ASP A 98 -27.13 1.19 -6.49
N MET A 99 -27.68 2.04 -5.64
CA MET A 99 -28.07 3.39 -6.03
C MET A 99 -26.85 4.28 -6.19
N ASN A 100 -25.79 3.92 -5.47
CA ASN A 100 -24.56 4.71 -5.43
C ASN A 100 -23.62 4.30 -6.57
N ASP A 101 -23.97 3.21 -7.25
CA ASP A 101 -23.19 2.69 -8.37
C ASP A 101 -21.72 2.50 -7.97
N SER A 102 -20.82 2.60 -8.93
CA SER A 102 -19.41 2.37 -8.70
C SER A 102 -18.75 3.61 -8.10
N ALA A 103 -19.30 4.78 -8.42
CA ALA A 103 -18.70 6.05 -8.03
C ALA A 103 -18.58 6.18 -6.52
N SER A 104 -19.71 6.12 -5.82
CA SER A 104 -19.72 6.27 -4.38
C SER A 104 -19.18 5.01 -3.71
N MET A 105 -19.29 3.89 -4.40
CA MET A 105 -18.83 2.61 -3.86
C MET A 105 -17.30 2.59 -3.76
N ASN A 106 -16.64 3.18 -4.75
CA ASN A 106 -15.19 3.27 -4.75
C ASN A 106 -14.71 4.19 -3.62
N ILE A 107 -15.41 5.30 -3.44
CA ILE A 107 -15.05 6.28 -2.41
C ILE A 107 -15.29 5.72 -1.01
N TRP A 108 -16.50 5.21 -0.78
CA TRP A 108 -16.89 4.69 0.54
C TRP A 108 -15.93 3.57 0.99
N LEU A 109 -15.69 2.63 0.09
CA LEU A 109 -14.86 1.47 0.40
C LEU A 109 -13.42 1.91 0.67
N HIS A 110 -12.99 2.94 -0.06
CA HIS A 110 -11.63 3.46 0.09
C HIS A 110 -11.41 4.03 1.49
N LYS A 111 -12.43 4.71 2.00
CA LYS A 111 -12.35 5.29 3.34
C LYS A 111 -12.29 4.20 4.40
N GLN A 112 -13.26 3.29 4.33
CA GLN A 112 -13.44 2.26 5.34
C GLN A 112 -12.23 1.34 5.42
N VAL A 113 -11.76 0.86 4.28
CA VAL A 113 -10.61 -0.05 4.22
C VAL A 113 -9.37 0.60 4.84
N MET A 114 -9.14 1.87 4.55
CA MET A 114 -7.92 2.52 5.01
C MET A 114 -7.97 2.75 6.52
N SER A 115 -9.18 2.72 7.08
CA SER A 115 -9.35 2.85 8.52
C SER A 115 -8.81 1.60 9.24
N LYS A 116 -8.70 0.51 8.50
CA LYS A 116 -8.10 -0.71 9.04
C LYS A 116 -6.71 -0.91 8.45
N LEU A 117 -6.34 -0.02 7.55
CA LEU A 117 -5.10 -0.17 6.79
C LEU A 117 -4.00 0.70 7.41
N VAL A 118 -4.06 2.00 7.15
CA VAL A 118 -3.00 2.92 7.57
C VAL A 118 -3.07 3.20 9.07
N ALA A 119 -4.17 2.79 9.70
CA ALA A 119 -4.35 3.01 11.14
C ALA A 119 -3.39 2.12 11.95
N ASN A 120 -2.63 1.29 11.25
CA ASN A 120 -1.63 0.44 11.91
C ASN A 120 -0.30 1.17 12.05
N GLY A 121 -0.31 2.49 11.85
CA GLY A 121 0.91 3.27 11.96
C GLY A 121 1.46 3.66 10.61
N GLY A 122 0.63 3.55 9.59
CA GLY A 122 1.04 3.85 8.24
C GLY A 122 1.01 5.33 7.94
N LYS A 123 2.05 5.81 7.27
CA LYS A 123 2.15 7.19 6.87
C LYS A 123 1.70 7.34 5.41
N LEU A 124 0.86 8.33 5.15
CA LEU A 124 0.43 8.64 3.81
C LEU A 124 0.50 10.14 3.56
N PRO A 125 0.65 10.56 2.30
CA PRO A 125 0.59 11.97 1.93
C PRO A 125 -0.80 12.54 2.22
N PRO A 126 -0.87 13.83 2.58
CA PRO A 126 -2.15 14.49 2.94
C PRO A 126 -3.11 14.62 1.76
N GLU A 127 -2.85 13.87 0.71
CA GLU A 127 -3.71 13.86 -0.46
C GLU A 127 -4.86 12.89 -0.24
N ILE A 128 -4.67 11.96 0.68
CA ILE A 128 -5.70 11.01 1.03
C ILE A 128 -6.47 11.50 2.26
N LYS A 129 -7.42 12.37 2.01
CA LYS A 129 -8.27 12.90 3.07
C LYS A 129 -9.50 13.56 2.46
N HIS A 130 -10.57 12.80 2.35
CA HIS A 130 -11.82 13.31 1.79
C HIS A 130 -12.99 12.83 2.64
N MET A 1 -13.35 -13.09 3.22
CA MET A 1 -12.53 -12.98 4.44
C MET A 1 -12.35 -11.51 4.82
N SER A 2 -11.28 -10.89 4.33
CA SER A 2 -10.96 -9.49 4.61
C SER A 2 -9.77 -9.04 3.77
N ILE A 3 -10.05 -8.45 2.62
CA ILE A 3 -9.00 -8.06 1.68
C ILE A 3 -8.09 -6.97 2.26
N PHE A 4 -8.65 -6.09 3.08
CA PHE A 4 -7.86 -5.04 3.73
C PHE A 4 -6.79 -5.66 4.61
N GLY A 5 -7.06 -6.85 5.13
CA GLY A 5 -6.09 -7.54 5.96
C GLY A 5 -5.07 -8.29 5.12
N LYS A 6 -5.45 -8.59 3.89
CA LYS A 6 -4.57 -9.31 2.98
C LYS A 6 -3.54 -8.36 2.39
N ILE A 7 -3.99 -7.17 2.00
CA ILE A 7 -3.12 -6.19 1.41
C ILE A 7 -2.13 -5.61 2.43
N MET A 8 -2.59 -5.44 3.67
CA MET A 8 -1.76 -4.85 4.71
C MET A 8 -0.63 -5.81 5.11
N SER A 9 -0.85 -7.09 4.83
CA SER A 9 0.14 -8.11 5.16
C SER A 9 1.37 -8.02 4.25
N ALA A 10 1.20 -7.31 3.14
CA ALA A 10 2.31 -7.06 2.22
C ALA A 10 2.93 -5.71 2.50
N ILE A 11 2.09 -4.73 2.77
CA ILE A 11 2.53 -3.37 3.06
C ILE A 11 3.36 -3.32 4.34
N PHE A 12 2.78 -3.83 5.42
CA PHE A 12 3.46 -3.81 6.73
C PHE A 12 4.45 -4.96 6.83
N GLY A 13 4.74 -5.60 5.71
CA GLY A 13 5.72 -6.66 5.68
C GLY A 13 7.11 -6.13 5.45
N ASP A 14 7.21 -4.88 5.00
CA ASP A 14 8.50 -4.25 4.76
C ASP A 14 9.07 -3.68 6.04
N SER A 15 10.13 -4.30 6.52
CA SER A 15 10.87 -3.78 7.65
C SER A 15 12.35 -3.68 7.31
N ALA A 16 12.73 -4.27 6.17
CA ALA A 16 14.12 -4.29 5.74
C ALA A 16 14.22 -4.59 4.25
N ALA A 17 13.10 -4.45 3.54
CA ALA A 17 13.07 -4.77 2.12
C ALA A 17 13.26 -3.50 1.29
N ALA A 18 12.59 -2.43 1.69
CA ALA A 18 12.75 -1.16 1.03
C ALA A 18 12.90 -0.05 2.07
N SER A 19 11.77 0.36 2.64
CA SER A 19 11.71 1.44 3.63
C SER A 19 12.10 2.80 3.04
N PRO A 20 11.43 3.88 3.46
CA PRO A 20 11.71 5.24 2.97
C PRO A 20 13.06 5.78 3.44
N GLY A 21 14.02 5.82 2.54
CA GLY A 21 15.33 6.34 2.85
C GLY A 21 16.38 5.88 1.87
N GLY A 22 17.64 6.00 2.24
CA GLY A 22 18.71 5.50 1.40
C GLY A 22 19.80 6.53 1.17
N ALA A 23 19.80 7.11 -0.03
CA ALA A 23 20.87 8.02 -0.47
C ALA A 23 22.22 7.35 -0.34
N GLN A 24 22.55 6.48 -1.29
CA GLN A 24 23.78 5.72 -1.24
C GLN A 24 24.76 6.18 -2.32
N ALA A 25 25.95 6.56 -1.89
CA ALA A 25 27.01 6.95 -2.80
C ALA A 25 27.94 5.76 -3.07
N PRO A 26 28.55 5.71 -4.26
CA PRO A 26 29.47 4.63 -4.62
C PRO A 26 30.74 4.67 -3.78
N ALA A 27 30.92 3.67 -2.93
CA ALA A 27 32.06 3.60 -2.04
C ALA A 27 33.13 2.70 -2.61
N THR A 28 34.35 2.85 -2.08
CA THR A 28 35.50 2.04 -2.50
C THR A 28 35.85 2.34 -3.97
N THR A 29 35.53 3.55 -4.39
CA THR A 29 35.84 4.01 -5.73
C THR A 29 37.31 4.40 -5.83
N GLY A 30 37.65 5.52 -5.22
CA GLY A 30 39.03 5.98 -5.20
C GLY A 30 39.49 6.31 -3.80
N ALA A 31 38.78 5.75 -2.81
CA ALA A 31 39.10 5.98 -1.41
C ALA A 31 38.57 4.84 -0.55
N ALA A 32 39.01 4.79 0.69
CA ALA A 32 38.60 3.74 1.62
C ALA A 32 37.10 3.79 1.88
N GLY A 33 36.48 2.62 1.85
CA GLY A 33 35.06 2.52 2.12
C GLY A 33 34.76 1.46 3.16
N THR A 34 35.26 1.67 4.37
CA THR A 34 35.07 0.72 5.45
C THR A 34 33.63 0.75 5.97
N ALA A 35 33.03 1.96 5.93
CA ALA A 35 31.63 2.17 6.30
C ALA A 35 31.42 2.04 7.82
N PRO A 36 30.40 2.73 8.36
CA PRO A 36 30.07 2.65 9.78
C PRO A 36 29.37 1.34 10.14
N THR A 37 30.12 0.42 10.74
CA THR A 37 29.58 -0.85 11.15
C THR A 37 28.86 -0.74 12.48
N ALA A 38 27.61 -0.33 12.43
CA ALA A 38 26.79 -0.18 13.63
C ALA A 38 25.60 -1.11 13.58
N PRO A 39 25.67 -2.25 14.29
CA PRO A 39 24.57 -3.21 14.37
C PRO A 39 23.41 -2.66 15.20
N GLN A 40 22.20 -2.99 14.79
CA GLN A 40 21.01 -2.50 15.47
C GLN A 40 19.82 -3.40 15.23
N PRO A 41 18.94 -3.54 16.24
CA PRO A 41 17.71 -4.33 16.13
C PRO A 41 16.79 -3.78 15.05
N THR A 42 16.47 -4.61 14.07
CA THR A 42 15.66 -4.18 12.95
C THR A 42 14.17 -4.24 13.28
N ALA A 43 13.67 -3.16 13.89
CA ALA A 43 12.26 -3.01 14.14
C ALA A 43 11.69 -1.97 13.18
N ALA A 44 10.37 -1.90 13.06
CA ALA A 44 9.75 -0.98 12.13
C ALA A 44 8.58 -0.27 12.78
N PRO A 45 8.86 0.80 13.54
CA PRO A 45 7.85 1.58 14.22
C PRO A 45 7.32 2.71 13.34
N SER A 46 7.70 2.69 12.08
CA SER A 46 7.27 3.68 11.11
C SER A 46 7.11 3.04 9.74
N ILE A 47 5.86 2.84 9.33
CA ILE A 47 5.56 2.25 8.04
C ILE A 47 5.01 3.31 7.11
N ASP A 48 5.79 3.75 6.14
CA ASP A 48 5.32 4.76 5.21
C ASP A 48 4.70 4.08 4.00
N VAL A 49 3.39 4.20 3.87
CA VAL A 49 2.63 3.46 2.87
C VAL A 49 2.82 4.05 1.47
N ALA A 50 3.28 5.29 1.42
CA ALA A 50 3.44 6.00 0.15
C ALA A 50 4.35 5.24 -0.83
N PRO A 51 5.63 5.00 -0.49
CA PRO A 51 6.55 4.31 -1.39
C PRO A 51 6.15 2.86 -1.62
N ILE A 52 5.60 2.22 -0.60
CA ILE A 52 5.22 0.82 -0.67
C ILE A 52 4.19 0.58 -1.77
N LEU A 53 3.16 1.43 -1.81
CA LEU A 53 2.08 1.22 -2.76
C LEU A 53 2.35 1.89 -4.09
N ASP A 54 2.87 3.11 -4.05
CA ASP A 54 3.09 3.86 -5.28
C ASP A 54 4.04 3.13 -6.20
N LYS A 55 5.10 2.55 -5.63
CA LYS A 55 6.09 1.87 -6.44
C LYS A 55 5.62 0.48 -6.82
N ALA A 56 4.83 -0.15 -5.95
CA ALA A 56 4.23 -1.45 -6.25
C ALA A 56 3.26 -1.31 -7.42
N VAL A 57 2.68 -0.13 -7.54
CA VAL A 57 1.80 0.21 -8.64
C VAL A 57 2.50 0.02 -9.99
N LYS A 58 3.63 0.68 -10.19
CA LYS A 58 4.35 0.57 -11.45
C LYS A 58 5.12 -0.75 -11.52
N ALA A 59 5.11 -1.48 -10.42
CA ALA A 59 5.67 -2.82 -10.39
C ALA A 59 4.62 -3.85 -10.81
N LYS A 60 3.36 -3.42 -10.82
CA LYS A 60 2.27 -4.25 -11.29
C LYS A 60 2.17 -4.12 -12.81
N GLY A 61 2.40 -2.90 -13.29
CA GLY A 61 2.51 -2.69 -14.72
C GLY A 61 2.20 -1.27 -15.14
N GLU A 62 0.95 -0.86 -14.98
CA GLU A 62 0.47 0.41 -15.50
C GLU A 62 0.38 1.45 -14.38
N LYS A 63 -0.03 2.66 -14.73
CA LYS A 63 -0.23 3.70 -13.73
C LYS A 63 -1.56 3.46 -13.03
N LEU A 64 -1.45 3.00 -11.81
CA LEU A 64 -2.60 2.82 -10.93
C LEU A 64 -2.60 3.94 -9.90
N GLU A 65 -3.77 4.29 -9.39
CA GLU A 65 -3.87 5.41 -8.45
C GLU A 65 -4.58 4.99 -7.17
N TRP A 66 -3.79 4.48 -6.23
CA TRP A 66 -4.31 4.01 -4.96
C TRP A 66 -4.77 5.17 -4.09
N ARG A 67 -4.39 6.37 -4.47
CA ARG A 67 -4.76 7.57 -3.73
C ARG A 67 -6.27 7.83 -3.85
N THR A 68 -6.86 7.35 -4.93
CA THR A 68 -8.28 7.56 -5.18
C THR A 68 -9.05 6.25 -5.28
N SER A 69 -8.54 5.33 -6.07
CA SER A 69 -9.25 4.11 -6.41
C SER A 69 -8.92 2.98 -5.44
N ILE A 70 -9.95 2.31 -4.95
CA ILE A 70 -9.75 1.24 -3.98
C ILE A 70 -9.55 -0.12 -4.66
N VAL A 71 -10.25 -0.32 -5.78
CA VAL A 71 -10.10 -1.54 -6.57
C VAL A 71 -8.72 -1.55 -7.21
N ASP A 72 -8.19 -0.35 -7.35
CA ASP A 72 -6.90 -0.10 -7.95
C ASP A 72 -5.77 -0.74 -7.14
N LEU A 73 -5.62 -0.29 -5.90
CA LEU A 73 -4.55 -0.77 -5.03
C LEU A 73 -4.70 -2.26 -4.72
N MET A 74 -5.93 -2.74 -4.75
CA MET A 74 -6.21 -4.14 -4.47
C MET A 74 -5.46 -5.06 -5.43
N LYS A 75 -5.56 -4.78 -6.72
CA LYS A 75 -4.91 -5.63 -7.71
C LYS A 75 -3.40 -5.49 -7.63
N ALA A 76 -2.92 -4.32 -7.19
CA ALA A 76 -1.49 -4.04 -7.09
C ALA A 76 -0.79 -5.00 -6.11
N LEU A 77 -1.39 -5.20 -4.94
CA LEU A 77 -0.86 -6.18 -3.96
C LEU A 77 -1.12 -7.61 -4.44
N ASP A 78 -1.82 -7.70 -5.56
CA ASP A 78 -2.13 -8.95 -6.24
C ASP A 78 -3.30 -9.64 -5.59
N ILE A 79 -4.47 -9.22 -6.01
CA ILE A 79 -5.72 -9.84 -5.58
C ILE A 79 -6.55 -10.18 -6.80
N ASP A 80 -7.48 -11.15 -6.66
CA ASP A 80 -8.39 -11.53 -7.74
C ASP A 80 -8.99 -10.29 -8.43
N SER A 81 -9.55 -9.41 -7.61
CA SER A 81 -10.05 -8.11 -8.08
C SER A 81 -11.26 -8.23 -9.00
N SER A 82 -11.89 -9.39 -9.00
CA SER A 82 -13.13 -9.57 -9.75
C SER A 82 -14.31 -9.33 -8.81
N LEU A 83 -15.46 -9.89 -9.14
CA LEU A 83 -16.67 -9.70 -8.35
C LEU A 83 -16.51 -10.34 -6.98
N SER A 84 -15.92 -11.52 -6.92
CA SER A 84 -15.76 -12.26 -5.67
C SER A 84 -14.93 -11.46 -4.66
N ALA A 85 -13.80 -10.93 -5.13
CA ALA A 85 -12.91 -10.15 -4.27
C ALA A 85 -13.62 -8.90 -3.75
N ARG A 86 -14.20 -8.14 -4.67
CA ARG A 86 -14.92 -6.92 -4.32
C ARG A 86 -16.07 -7.22 -3.38
N LYS A 87 -16.59 -8.44 -3.46
CA LYS A 87 -17.73 -8.84 -2.65
C LYS A 87 -17.33 -9.00 -1.19
N GLU A 88 -16.31 -9.81 -0.93
CA GLU A 88 -15.91 -10.10 0.45
C GLU A 88 -15.37 -8.85 1.15
N LEU A 89 -14.65 -8.02 0.42
CA LEU A 89 -14.13 -6.78 0.97
C LEU A 89 -15.27 -5.85 1.38
N ALA A 90 -16.30 -5.81 0.53
CA ALA A 90 -17.45 -4.96 0.78
C ALA A 90 -18.24 -5.46 1.99
N LYS A 91 -18.47 -6.78 2.07
CA LYS A 91 -19.26 -7.38 3.14
C LYS A 91 -18.75 -6.97 4.51
N GLU A 92 -17.43 -6.97 4.64
CA GLU A 92 -16.77 -6.68 5.91
C GLU A 92 -16.88 -5.21 6.28
N LEU A 93 -16.92 -4.35 5.27
CA LEU A 93 -16.92 -2.91 5.51
C LEU A 93 -18.33 -2.33 5.56
N GLY A 94 -19.30 -3.08 5.04
CA GLY A 94 -20.68 -2.62 5.09
C GLY A 94 -21.52 -3.14 3.94
N TYR A 95 -20.90 -3.24 2.77
CA TYR A 95 -21.57 -3.70 1.55
C TYR A 95 -22.72 -2.77 1.17
N SER A 96 -22.36 -1.65 0.56
CA SER A 96 -23.34 -0.67 0.13
C SER A 96 -23.01 -0.16 -1.26
N GLY A 97 -23.58 -0.81 -2.27
CA GLY A 97 -23.29 -0.45 -3.64
C GLY A 97 -24.36 -0.93 -4.59
N ASP A 98 -25.24 -0.02 -4.99
CA ASP A 98 -26.30 -0.35 -5.92
C ASP A 98 -26.64 0.84 -6.80
N MET A 99 -27.41 1.78 -6.25
CA MET A 99 -27.87 2.94 -7.00
C MET A 99 -26.86 4.09 -6.91
N ASN A 100 -25.76 3.84 -6.24
CA ASN A 100 -24.73 4.85 -6.02
C ASN A 100 -23.62 4.76 -7.05
N ASP A 101 -23.72 3.77 -7.93
CA ASP A 101 -22.75 3.56 -9.02
C ASP A 101 -21.36 3.26 -8.45
N SER A 102 -20.41 2.95 -9.33
CA SER A 102 -19.02 2.76 -8.93
C SER A 102 -18.45 4.08 -8.42
N ALA A 103 -19.09 5.17 -8.82
CA ALA A 103 -18.70 6.52 -8.41
C ALA A 103 -18.57 6.63 -6.90
N SER A 104 -19.67 6.35 -6.20
CA SER A 104 -19.66 6.45 -4.74
C SER A 104 -19.04 5.20 -4.12
N MET A 105 -19.16 4.07 -4.82
CA MET A 105 -18.67 2.79 -4.30
C MET A 105 -17.14 2.80 -4.18
N ASN A 106 -16.48 3.39 -5.17
CA ASN A 106 -15.02 3.46 -5.17
C ASN A 106 -14.52 4.36 -4.04
N ILE A 107 -15.27 5.43 -3.78
CA ILE A 107 -14.88 6.40 -2.75
C ILE A 107 -15.14 5.86 -1.34
N TRP A 108 -16.36 5.36 -1.11
CA TRP A 108 -16.74 4.88 0.21
C TRP A 108 -15.88 3.70 0.66
N LEU A 109 -15.76 2.71 -0.21
CA LEU A 109 -15.00 1.50 0.11
C LEU A 109 -13.55 1.86 0.39
N HIS A 110 -13.03 2.84 -0.36
CA HIS A 110 -11.65 3.31 -0.19
C HIS A 110 -11.44 3.86 1.22
N LYS A 111 -12.44 4.60 1.71
CA LYS A 111 -12.36 5.20 3.03
C LYS A 111 -12.23 4.16 4.13
N GLN A 112 -13.14 3.19 4.12
CA GLN A 112 -13.20 2.21 5.18
C GLN A 112 -11.98 1.30 5.20
N VAL A 113 -11.44 1.00 4.02
CA VAL A 113 -10.21 0.21 3.91
C VAL A 113 -9.05 0.92 4.58
N MET A 114 -8.92 2.23 4.34
CA MET A 114 -7.83 3.02 4.92
C MET A 114 -7.88 2.98 6.44
N SER A 115 -9.10 2.97 6.98
CA SER A 115 -9.32 2.94 8.42
C SER A 115 -8.77 1.65 9.04
N LYS A 116 -8.70 0.59 8.24
CA LYS A 116 -8.20 -0.70 8.69
C LYS A 116 -6.74 -0.89 8.27
N LEU A 117 -6.24 0.06 7.51
CA LEU A 117 -4.91 -0.05 6.93
C LEU A 117 -3.91 0.83 7.67
N VAL A 118 -4.02 2.14 7.47
CA VAL A 118 -3.01 3.08 7.97
C VAL A 118 -3.12 3.27 9.48
N ALA A 119 -4.21 2.78 10.06
CA ALA A 119 -4.44 2.91 11.48
C ALA A 119 -3.49 2.04 12.28
N ASN A 120 -2.82 1.11 11.60
CA ASN A 120 -1.89 0.20 12.26
C ASN A 120 -0.52 0.83 12.44
N GLY A 121 -0.40 2.10 12.09
CA GLY A 121 0.87 2.79 12.23
C GLY A 121 1.47 3.19 10.90
N GLY A 122 0.65 3.13 9.86
CA GLY A 122 1.10 3.49 8.54
C GLY A 122 1.02 4.99 8.29
N LYS A 123 2.10 5.56 7.78
CA LYS A 123 2.15 6.98 7.46
C LYS A 123 1.83 7.18 5.99
N LEU A 124 1.06 8.21 5.69
CA LEU A 124 0.72 8.53 4.32
C LEU A 124 0.90 10.03 4.10
N PRO A 125 1.11 10.45 2.84
CA PRO A 125 1.15 11.87 2.50
C PRO A 125 -0.23 12.49 2.59
N PRO A 126 -0.32 13.83 2.72
CA PRO A 126 -1.59 14.55 2.84
C PRO A 126 -2.43 14.53 1.57
N GLU A 127 -2.35 13.43 0.82
CA GLU A 127 -3.12 13.26 -0.38
C GLU A 127 -4.24 12.25 -0.14
N ILE A 128 -3.98 11.31 0.76
CA ILE A 128 -4.86 10.16 0.91
C ILE A 128 -5.60 10.18 2.24
N LYS A 129 -6.73 10.88 2.25
CA LYS A 129 -7.69 10.83 3.35
C LYS A 129 -8.77 11.88 3.14
N HIS A 130 -10.02 11.44 3.14
CA HIS A 130 -11.15 12.35 3.08
C HIS A 130 -12.34 11.70 3.75
N MET A 1 -12.81 -12.77 3.71
CA MET A 1 -11.50 -12.97 4.35
C MET A 1 -10.82 -11.64 4.62
N SER A 2 -11.39 -10.58 4.03
CA SER A 2 -10.97 -9.21 4.27
C SER A 2 -9.73 -8.86 3.46
N ILE A 3 -9.95 -8.24 2.30
CA ILE A 3 -8.87 -7.88 1.41
C ILE A 3 -8.00 -6.79 2.01
N PHE A 4 -8.58 -5.97 2.88
CA PHE A 4 -7.81 -4.95 3.59
C PHE A 4 -6.76 -5.62 4.48
N GLY A 5 -7.04 -6.85 4.89
CA GLY A 5 -6.09 -7.61 5.66
C GLY A 5 -5.12 -8.36 4.75
N LYS A 6 -5.59 -8.71 3.56
CA LYS A 6 -4.78 -9.41 2.59
C LYS A 6 -3.67 -8.52 2.07
N ILE A 7 -3.98 -7.24 1.89
CA ILE A 7 -3.03 -6.30 1.35
C ILE A 7 -2.06 -5.80 2.43
N MET A 8 -2.56 -5.57 3.63
CA MET A 8 -1.73 -5.03 4.72
C MET A 8 -0.69 -6.04 5.17
N SER A 9 -0.91 -7.30 4.79
CA SER A 9 -0.01 -8.37 5.18
C SER A 9 1.37 -8.14 4.56
N ALA A 10 1.40 -7.50 3.41
CA ALA A 10 2.65 -7.16 2.73
C ALA A 10 3.14 -5.78 3.16
N ILE A 11 2.20 -4.86 3.31
CA ILE A 11 2.53 -3.49 3.70
C ILE A 11 3.19 -3.46 5.08
N PHE A 12 2.62 -4.21 6.01
CA PHE A 12 3.15 -4.29 7.37
C PHE A 12 4.00 -5.54 7.53
N GLY A 13 4.38 -6.14 6.40
CA GLY A 13 5.14 -7.37 6.43
C GLY A 13 6.50 -7.23 5.76
N ASP A 14 6.98 -6.00 5.67
CA ASP A 14 8.29 -5.74 5.09
C ASP A 14 9.05 -4.71 5.93
N SER A 15 10.36 -4.88 6.00
CA SER A 15 11.21 -3.96 6.73
C SER A 15 12.59 -3.87 6.07
N ALA A 16 12.62 -4.03 4.75
CA ALA A 16 13.89 -4.02 4.03
C ALA A 16 13.73 -3.60 2.57
N ALA A 17 12.64 -4.00 1.95
CA ALA A 17 12.46 -3.78 0.52
C ALA A 17 11.59 -2.57 0.24
N ALA A 18 10.45 -2.49 0.91
CA ALA A 18 9.48 -1.43 0.65
C ALA A 18 9.63 -0.27 1.63
N SER A 19 10.62 -0.38 2.50
CA SER A 19 10.88 0.65 3.50
C SER A 19 11.43 1.92 2.85
N PRO A 20 10.89 3.08 3.23
CA PRO A 20 11.31 4.38 2.66
C PRO A 20 12.75 4.75 3.02
N GLY A 21 13.65 4.60 2.06
CA GLY A 21 15.03 4.97 2.27
C GLY A 21 15.56 5.82 1.13
N GLY A 22 16.52 6.68 1.44
CA GLY A 22 17.07 7.57 0.43
C GLY A 22 18.02 6.87 -0.52
N ALA A 23 17.46 6.06 -1.42
CA ALA A 23 18.25 5.39 -2.44
C ALA A 23 17.87 5.88 -3.83
N GLN A 24 18.72 6.71 -4.40
CA GLN A 24 18.47 7.27 -5.73
C GLN A 24 19.66 7.00 -6.65
N ALA A 25 19.38 6.88 -7.95
CA ALA A 25 20.42 6.69 -8.94
C ALA A 25 21.06 8.04 -9.27
N PRO A 26 22.39 8.04 -9.52
CA PRO A 26 23.12 9.26 -9.86
C PRO A 26 22.68 9.84 -11.20
N ALA A 27 23.05 11.10 -11.44
CA ALA A 27 22.65 11.79 -12.65
C ALA A 27 23.27 11.15 -13.89
N THR A 28 22.41 10.78 -14.85
CA THR A 28 22.82 10.22 -16.14
C THR A 28 23.32 8.78 -16.02
N THR A 29 24.09 8.49 -14.98
CA THR A 29 24.66 7.18 -14.78
C THR A 29 23.65 6.24 -14.12
N GLY A 30 22.72 5.74 -14.93
CA GLY A 30 21.69 4.85 -14.44
C GLY A 30 22.24 3.54 -13.93
N ALA A 31 22.08 3.30 -12.62
CA ALA A 31 22.51 2.06 -11.98
C ALA A 31 24.03 1.90 -12.00
N ALA A 32 24.74 2.97 -12.33
CA ALA A 32 26.20 2.93 -12.36
C ALA A 32 26.78 3.31 -10.99
N GLY A 33 25.91 3.80 -10.11
CA GLY A 33 26.34 4.18 -8.79
C GLY A 33 26.31 3.03 -7.82
N THR A 34 27.49 2.58 -7.40
CA THR A 34 27.60 1.47 -6.47
C THR A 34 26.97 1.81 -5.13
N ALA A 35 26.15 0.90 -4.62
CA ALA A 35 25.48 1.09 -3.34
C ALA A 35 25.28 -0.24 -2.63
N PRO A 36 25.86 -0.38 -1.43
CA PRO A 36 25.73 -1.60 -0.63
C PRO A 36 24.42 -1.66 0.14
N THR A 37 23.70 -2.76 -0.01
CA THR A 37 22.44 -2.94 0.69
C THR A 37 22.71 -3.52 2.09
N ALA A 38 22.92 -2.63 3.05
CA ALA A 38 23.11 -3.02 4.44
C ALA A 38 22.36 -2.06 5.35
N PRO A 39 21.06 -2.29 5.56
CA PRO A 39 20.22 -1.42 6.36
C PRO A 39 20.42 -1.62 7.86
N GLN A 40 20.86 -2.83 8.24
CA GLN A 40 20.99 -3.23 9.63
C GLN A 40 19.69 -2.97 10.39
N PRO A 41 18.69 -3.86 10.21
CA PRO A 41 17.37 -3.70 10.81
C PRO A 41 17.42 -3.68 12.34
N THR A 42 17.31 -2.49 12.91
CA THR A 42 17.28 -2.32 14.35
C THR A 42 16.45 -1.10 14.72
N ALA A 43 15.64 -0.65 13.77
CA ALA A 43 14.78 0.52 13.96
C ALA A 43 13.57 0.45 13.04
N ALA A 44 12.46 0.99 13.51
CA ALA A 44 11.21 0.99 12.75
C ALA A 44 10.23 1.97 13.36
N PRO A 45 10.26 3.22 12.91
CA PRO A 45 9.41 4.28 13.47
C PRO A 45 7.93 4.13 13.09
N SER A 46 7.65 4.11 11.80
CA SER A 46 6.28 4.00 11.31
C SER A 46 6.27 3.37 9.93
N ILE A 47 5.11 2.87 9.51
CA ILE A 47 4.98 2.24 8.21
C ILE A 47 4.51 3.26 7.18
N ASP A 48 5.45 3.77 6.39
CA ASP A 48 5.12 4.78 5.38
C ASP A 48 4.50 4.09 4.17
N VAL A 49 3.19 4.21 4.05
CA VAL A 49 2.45 3.47 3.03
C VAL A 49 2.62 4.09 1.64
N ALA A 50 2.99 5.37 1.61
CA ALA A 50 3.08 6.11 0.36
C ALA A 50 4.11 5.50 -0.60
N PRO A 51 5.40 5.38 -0.20
CA PRO A 51 6.43 4.83 -1.09
C PRO A 51 6.19 3.36 -1.42
N ILE A 52 5.57 2.65 -0.48
CA ILE A 52 5.30 1.23 -0.68
C ILE A 52 4.38 1.01 -1.88
N LEU A 53 3.24 1.69 -1.88
CA LEU A 53 2.26 1.50 -2.95
C LEU A 53 2.66 2.26 -4.21
N ASP A 54 3.35 3.39 -4.04
CA ASP A 54 3.81 4.18 -5.17
C ASP A 54 4.72 3.34 -6.07
N LYS A 55 5.69 2.67 -5.46
CA LYS A 55 6.61 1.82 -6.21
C LYS A 55 5.98 0.47 -6.54
N ALA A 56 5.05 0.02 -5.70
CA ALA A 56 4.35 -1.25 -5.93
C ALA A 56 3.57 -1.19 -7.25
N VAL A 57 3.02 -0.02 -7.54
CA VAL A 57 2.31 0.20 -8.80
C VAL A 57 3.24 -0.02 -9.99
N LYS A 58 4.39 0.60 -9.92
CA LYS A 58 5.38 0.54 -10.99
C LYS A 58 5.91 -0.87 -11.17
N ALA A 59 6.01 -1.60 -10.07
CA ALA A 59 6.53 -2.95 -10.09
C ALA A 59 5.42 -3.97 -10.27
N LYS A 60 4.17 -3.51 -10.34
CA LYS A 60 3.04 -4.41 -10.50
C LYS A 60 2.85 -4.76 -11.95
N GLY A 61 2.86 -3.76 -12.81
CA GLY A 61 2.74 -4.02 -14.23
C GLY A 61 2.36 -2.79 -15.04
N GLU A 62 1.47 -1.97 -14.48
CA GLU A 62 0.96 -0.82 -15.22
C GLU A 62 0.67 0.36 -14.30
N LYS A 63 0.07 1.40 -14.87
CA LYS A 63 -0.20 2.63 -14.13
C LYS A 63 -1.45 2.47 -13.27
N LEU A 64 -1.27 2.66 -11.97
CA LEU A 64 -2.36 2.59 -11.02
C LEU A 64 -2.32 3.81 -10.12
N GLU A 65 -3.48 4.30 -9.72
CA GLU A 65 -3.56 5.46 -8.85
C GLU A 65 -4.29 5.12 -7.58
N TRP A 66 -3.54 4.64 -6.60
CA TRP A 66 -4.09 4.17 -5.35
C TRP A 66 -4.59 5.31 -4.48
N ARG A 67 -4.22 6.54 -4.83
CA ARG A 67 -4.68 7.70 -4.10
C ARG A 67 -6.20 7.84 -4.19
N THR A 68 -6.74 7.73 -5.40
CA THR A 68 -8.18 7.89 -5.60
C THR A 68 -8.87 6.53 -5.79
N SER A 69 -8.21 5.61 -6.46
CA SER A 69 -8.83 4.34 -6.80
C SER A 69 -8.57 3.29 -5.72
N ILE A 70 -9.63 2.87 -5.04
CA ILE A 70 -9.51 1.89 -3.98
C ILE A 70 -9.22 0.50 -4.56
N VAL A 71 -9.63 0.30 -5.82
CA VAL A 71 -9.39 -0.96 -6.50
C VAL A 71 -7.93 -1.06 -6.97
N ASP A 72 -7.35 0.10 -7.27
CA ASP A 72 -5.98 0.15 -7.80
C ASP A 72 -4.96 -0.32 -6.77
N LEU A 73 -5.11 0.11 -5.52
CA LEU A 73 -4.19 -0.32 -4.48
C LEU A 73 -4.41 -1.78 -4.13
N MET A 74 -5.63 -2.25 -4.30
CA MET A 74 -5.98 -3.64 -4.04
C MET A 74 -5.23 -4.56 -4.99
N LYS A 75 -5.25 -4.24 -6.28
CA LYS A 75 -4.56 -5.04 -7.27
C LYS A 75 -3.05 -4.81 -7.20
N ALA A 76 -2.65 -3.60 -6.82
CA ALA A 76 -1.24 -3.21 -6.74
C ALA A 76 -0.44 -4.14 -5.84
N LEU A 77 -1.01 -4.54 -4.71
CA LEU A 77 -0.40 -5.56 -3.88
C LEU A 77 -0.38 -6.87 -4.63
N ASP A 78 -1.53 -7.55 -4.68
CA ASP A 78 -1.67 -8.77 -5.47
C ASP A 78 -3.06 -9.36 -5.30
N ILE A 79 -4.05 -8.60 -5.72
CA ILE A 79 -5.43 -9.06 -5.66
C ILE A 79 -6.05 -9.02 -7.05
N ASP A 80 -6.86 -10.02 -7.35
CA ASP A 80 -7.46 -10.19 -8.68
C ASP A 80 -8.44 -9.06 -9.01
N SER A 81 -9.04 -8.48 -7.98
CA SER A 81 -9.98 -7.37 -8.09
C SER A 81 -11.17 -7.70 -9.01
N SER A 82 -11.48 -8.99 -9.11
CA SER A 82 -12.62 -9.44 -9.90
C SER A 82 -13.89 -9.31 -9.07
N LEU A 83 -14.92 -10.09 -9.39
CA LEU A 83 -16.20 -9.96 -8.71
C LEU A 83 -16.11 -10.48 -7.28
N SER A 84 -15.63 -11.70 -7.09
CA SER A 84 -15.56 -12.30 -5.77
C SER A 84 -14.70 -11.45 -4.82
N ALA A 85 -13.61 -10.90 -5.34
CA ALA A 85 -12.74 -10.04 -4.55
C ALA A 85 -13.47 -8.79 -4.06
N ARG A 86 -14.04 -8.03 -4.99
CA ARG A 86 -14.69 -6.77 -4.65
C ARG A 86 -15.93 -7.03 -3.79
N LYS A 87 -16.49 -8.23 -3.92
CA LYS A 87 -17.69 -8.59 -3.18
C LYS A 87 -17.34 -8.90 -1.73
N GLU A 88 -16.26 -9.65 -1.52
CA GLU A 88 -15.89 -10.05 -0.18
C GLU A 88 -15.35 -8.86 0.60
N LEU A 89 -14.54 -8.03 -0.05
CA LEU A 89 -13.97 -6.85 0.60
C LEU A 89 -15.08 -5.98 1.19
N ALA A 90 -16.14 -5.78 0.41
CA ALA A 90 -17.24 -4.97 0.84
C ALA A 90 -18.04 -5.65 1.95
N LYS A 91 -18.22 -6.97 1.84
CA LYS A 91 -19.05 -7.70 2.81
C LYS A 91 -18.35 -7.82 4.16
N GLU A 92 -17.02 -7.76 4.18
CA GLU A 92 -16.27 -7.78 5.44
C GLU A 92 -16.57 -6.49 6.20
N LEU A 93 -16.67 -5.40 5.46
CA LEU A 93 -17.01 -4.10 6.04
C LEU A 93 -18.48 -4.05 6.41
N GLY A 94 -19.32 -4.63 5.56
CA GLY A 94 -20.75 -4.66 5.84
C GLY A 94 -21.58 -4.81 4.58
N TYR A 95 -21.04 -4.35 3.46
CA TYR A 95 -21.72 -4.36 2.18
C TYR A 95 -22.96 -3.47 2.22
N SER A 96 -22.75 -2.19 2.01
CA SER A 96 -23.83 -1.22 2.05
C SER A 96 -23.87 -0.42 0.76
N GLY A 97 -24.97 -0.53 0.05
CA GLY A 97 -25.11 0.18 -1.21
C GLY A 97 -26.41 -0.14 -1.90
N ASP A 98 -26.83 0.72 -2.84
CA ASP A 98 -28.11 0.56 -3.52
C ASP A 98 -28.12 1.31 -4.84
N MET A 99 -28.10 2.64 -4.74
CA MET A 99 -28.21 3.50 -5.92
C MET A 99 -26.90 4.24 -6.18
N ASN A 100 -25.81 3.71 -5.65
CA ASN A 100 -24.52 4.37 -5.69
C ASN A 100 -23.69 3.96 -6.90
N ASP A 101 -23.86 2.71 -7.34
CA ASP A 101 -23.07 2.17 -8.46
C ASP A 101 -21.58 2.16 -8.09
N SER A 102 -20.73 1.72 -9.01
CA SER A 102 -19.30 1.67 -8.76
C SER A 102 -18.74 3.08 -8.55
N ALA A 103 -19.41 4.08 -9.12
CA ALA A 103 -19.00 5.47 -8.99
C ALA A 103 -18.88 5.88 -7.52
N SER A 104 -19.98 5.78 -6.79
CA SER A 104 -19.97 6.13 -5.38
C SER A 104 -19.38 5.00 -4.53
N MET A 105 -19.31 3.81 -5.11
CA MET A 105 -18.75 2.65 -4.40
C MET A 105 -17.27 2.83 -4.15
N ASN A 106 -16.56 3.43 -5.11
CA ASN A 106 -15.13 3.69 -4.95
C ASN A 106 -14.89 4.68 -3.81
N ILE A 107 -15.87 5.54 -3.57
CA ILE A 107 -15.76 6.57 -2.54
C ILE A 107 -15.91 5.97 -1.15
N TRP A 108 -17.03 5.30 -0.90
CA TRP A 108 -17.31 4.73 0.42
C TRP A 108 -16.28 3.67 0.81
N LEU A 109 -16.01 2.76 -0.11
CA LEU A 109 -15.08 1.67 0.13
C LEU A 109 -13.68 2.23 0.42
N HIS A 110 -13.36 3.34 -0.23
CA HIS A 110 -12.07 4.00 -0.05
C HIS A 110 -11.87 4.44 1.39
N LYS A 111 -12.96 4.93 1.99
CA LYS A 111 -12.93 5.39 3.37
C LYS A 111 -12.71 4.22 4.32
N GLN A 112 -13.62 3.24 4.24
CA GLN A 112 -13.66 2.12 5.17
C GLN A 112 -12.36 1.30 5.15
N VAL A 113 -11.89 0.96 3.96
CA VAL A 113 -10.70 0.13 3.84
C VAL A 113 -9.49 0.80 4.50
N MET A 114 -9.37 2.11 4.34
CA MET A 114 -8.26 2.85 4.90
C MET A 114 -8.34 2.89 6.42
N SER A 115 -9.56 2.93 6.95
CA SER A 115 -9.77 2.92 8.39
C SER A 115 -9.34 1.58 8.99
N LYS A 116 -9.28 0.56 8.15
CA LYS A 116 -8.85 -0.77 8.59
C LYS A 116 -7.38 -0.99 8.24
N LEU A 117 -6.80 -0.06 7.50
CA LEU A 117 -5.46 -0.22 6.97
C LEU A 117 -4.45 0.62 7.75
N VAL A 118 -4.52 1.93 7.57
CA VAL A 118 -3.51 2.84 8.11
C VAL A 118 -3.62 2.97 9.63
N ALA A 119 -4.74 2.52 10.18
CA ALA A 119 -4.96 2.60 11.63
C ALA A 119 -4.08 1.61 12.38
N ASN A 120 -3.39 0.74 11.63
CA ASN A 120 -2.51 -0.25 12.24
C ASN A 120 -1.10 0.30 12.40
N GLY A 121 -0.90 1.56 12.05
CA GLY A 121 0.41 2.17 12.15
C GLY A 121 0.90 2.68 10.81
N GLY A 122 0.01 2.73 9.83
CA GLY A 122 0.34 3.23 8.52
C GLY A 122 0.42 4.75 8.48
N LYS A 123 1.47 5.26 7.87
CA LYS A 123 1.72 6.69 7.79
C LYS A 123 1.52 7.17 6.35
N LEU A 124 0.73 8.23 6.19
CA LEU A 124 0.55 8.87 4.90
C LEU A 124 0.62 10.39 5.05
N PRO A 125 1.09 11.08 4.00
CA PRO A 125 1.11 12.55 3.97
C PRO A 125 -0.29 13.10 3.65
N PRO A 126 -0.49 14.42 3.78
CA PRO A 126 -1.76 15.06 3.41
C PRO A 126 -2.05 14.97 1.91
N GLU A 127 -1.17 14.28 1.20
CA GLU A 127 -1.36 13.97 -0.21
C GLU A 127 -2.37 12.84 -0.35
N ILE A 128 -2.50 12.05 0.71
CA ILE A 128 -3.37 10.90 0.67
C ILE A 128 -4.67 11.21 1.40
N LYS A 129 -5.70 11.52 0.64
CA LYS A 129 -7.01 11.79 1.21
C LYS A 129 -7.83 10.52 1.15
N HIS A 130 -7.97 9.87 2.29
CA HIS A 130 -8.58 8.55 2.32
C HIS A 130 -10.06 8.62 2.69
N MET A 1 -13.30 -13.49 2.69
CA MET A 1 -12.35 -13.15 3.77
C MET A 1 -12.23 -11.64 3.89
N SER A 2 -11.26 -11.18 4.65
CA SER A 2 -11.04 -9.76 4.85
C SER A 2 -9.87 -9.28 4.01
N ILE A 3 -10.17 -8.84 2.80
CA ILE A 3 -9.14 -8.48 1.84
C ILE A 3 -8.31 -7.29 2.31
N PHE A 4 -8.93 -6.40 3.08
CA PHE A 4 -8.22 -5.27 3.65
C PHE A 4 -7.11 -5.75 4.60
N GLY A 5 -7.27 -6.96 5.12
CA GLY A 5 -6.27 -7.54 5.98
C GLY A 5 -5.31 -8.43 5.22
N LYS A 6 -5.61 -8.66 3.95
CA LYS A 6 -4.78 -9.50 3.09
C LYS A 6 -3.74 -8.65 2.38
N ILE A 7 -4.10 -7.41 2.07
CA ILE A 7 -3.20 -6.49 1.38
C ILE A 7 -2.14 -5.94 2.31
N MET A 8 -2.48 -5.81 3.60
CA MET A 8 -1.58 -5.19 4.57
C MET A 8 -0.38 -6.08 4.87
N SER A 9 -0.48 -7.36 4.48
CA SER A 9 0.57 -8.34 4.74
C SER A 9 1.87 -7.98 4.02
N ALA A 10 1.74 -7.27 2.90
CA ALA A 10 2.89 -6.86 2.12
C ALA A 10 3.31 -5.43 2.48
N ILE A 11 2.35 -4.65 2.94
CA ILE A 11 2.60 -3.26 3.31
C ILE A 11 3.32 -3.17 4.65
N PHE A 12 2.77 -3.85 5.65
CA PHE A 12 3.32 -3.81 7.00
C PHE A 12 4.30 -4.97 7.20
N GLY A 13 4.79 -5.51 6.10
CA GLY A 13 5.70 -6.64 6.17
C GLY A 13 7.13 -6.26 5.83
N ASP A 14 7.41 -4.98 5.75
CA ASP A 14 8.76 -4.51 5.44
C ASP A 14 9.62 -4.55 6.71
N SER A 15 10.92 -4.57 6.51
CA SER A 15 11.89 -4.73 7.58
C SER A 15 13.28 -4.64 6.98
N ALA A 16 13.43 -5.21 5.79
CA ALA A 16 14.68 -5.17 5.05
C ALA A 16 14.41 -5.30 3.55
N ALA A 17 13.23 -4.88 3.14
CA ALA A 17 12.82 -5.01 1.74
C ALA A 17 12.97 -3.69 0.99
N ALA A 18 12.26 -2.66 1.44
CA ALA A 18 12.32 -1.37 0.79
C ALA A 18 12.96 -0.32 1.69
N SER A 19 12.36 -0.13 2.86
CA SER A 19 12.81 0.88 3.85
C SER A 19 12.97 2.26 3.21
N PRO A 20 11.94 3.12 3.34
CA PRO A 20 11.94 4.47 2.74
C PRO A 20 13.14 5.31 3.15
N GLY A 21 13.76 5.95 2.16
CA GLY A 21 14.92 6.78 2.43
C GLY A 21 15.43 7.44 1.16
N GLY A 22 16.75 7.41 0.99
CA GLY A 22 17.37 8.01 -0.19
C GLY A 22 18.74 7.41 -0.45
N ALA A 23 19.06 7.20 -1.72
CA ALA A 23 20.31 6.55 -2.08
C ALA A 23 21.31 7.54 -2.67
N GLN A 24 22.17 8.08 -1.81
CA GLN A 24 23.27 8.93 -2.26
C GLN A 24 24.48 8.05 -2.51
N ALA A 25 24.70 7.67 -3.76
CA ALA A 25 25.75 6.73 -4.11
C ALA A 25 27.04 7.44 -4.46
N PRO A 26 28.18 6.91 -3.97
CA PRO A 26 29.51 7.41 -4.34
C PRO A 26 29.91 6.93 -5.73
N ALA A 27 31.20 7.05 -6.04
CA ALA A 27 31.75 6.60 -7.32
C ALA A 27 31.21 7.44 -8.47
N THR A 28 30.68 8.61 -8.14
CA THR A 28 30.25 9.56 -9.16
C THR A 28 31.46 10.26 -9.76
N THR A 29 32.45 10.51 -8.90
CA THR A 29 33.75 10.96 -9.34
C THR A 29 34.68 9.74 -9.42
N GLY A 30 35.72 9.82 -10.24
CA GLY A 30 36.64 8.70 -10.40
C GLY A 30 37.47 8.42 -9.16
N ALA A 31 36.85 7.75 -8.19
CA ALA A 31 37.53 7.34 -6.98
C ALA A 31 36.88 6.07 -6.42
N ALA A 32 37.68 5.05 -6.16
CA ALA A 32 37.16 3.78 -5.67
C ALA A 32 36.83 3.87 -4.18
N GLY A 33 35.64 4.31 -3.87
CA GLY A 33 35.23 4.45 -2.49
C GLY A 33 33.78 4.09 -2.28
N THR A 34 33.35 3.03 -2.94
CA THR A 34 31.97 2.56 -2.82
C THR A 34 31.81 1.66 -1.59
N ALA A 35 32.11 2.24 -0.42
CA ALA A 35 32.03 1.51 0.82
C ALA A 35 30.85 1.99 1.67
N PRO A 36 30.12 1.07 2.29
CA PRO A 36 29.00 1.41 3.16
C PRO A 36 29.46 2.11 4.42
N THR A 37 29.45 3.44 4.39
CA THR A 37 29.85 4.23 5.55
C THR A 37 28.62 4.68 6.34
N ALA A 38 27.44 4.28 5.86
CA ALA A 38 26.19 4.60 6.50
C ALA A 38 25.55 3.33 7.05
N PRO A 39 24.94 3.41 8.24
CA PRO A 39 24.30 2.27 8.89
C PRO A 39 22.96 1.90 8.27
N GLN A 40 22.47 0.71 8.60
CA GLN A 40 21.18 0.24 8.10
C GLN A 40 20.04 0.76 8.99
N PRO A 41 18.91 1.13 8.37
CA PRO A 41 17.72 1.56 9.10
C PRO A 41 17.25 0.49 10.08
N THR A 42 17.44 0.74 11.35
CA THR A 42 17.14 -0.24 12.38
C THR A 42 15.71 -0.08 12.87
N ALA A 43 14.97 -1.18 12.86
CA ALA A 43 13.59 -1.22 13.34
C ALA A 43 12.67 -0.39 12.44
N ALA A 44 11.41 -0.29 12.84
CA ALA A 44 10.41 0.43 12.07
C ALA A 44 9.33 0.96 13.00
N PRO A 45 9.57 2.15 13.57
CA PRO A 45 8.63 2.76 14.50
C PRO A 45 7.40 3.33 13.80
N SER A 46 7.50 3.45 12.49
CA SER A 46 6.40 3.96 11.68
C SER A 46 6.43 3.29 10.30
N ILE A 47 5.26 3.07 9.72
CA ILE A 47 5.17 2.44 8.42
C ILE A 47 4.76 3.44 7.36
N ASP A 48 5.70 3.86 6.52
CA ASP A 48 5.41 4.83 5.49
C ASP A 48 4.88 4.11 4.25
N VAL A 49 3.57 4.21 4.04
CA VAL A 49 2.89 3.44 3.00
C VAL A 49 3.05 4.10 1.62
N ALA A 50 3.31 5.41 1.62
CA ALA A 50 3.41 6.17 0.37
C ALA A 50 4.42 5.56 -0.61
N PRO A 51 5.69 5.32 -0.19
CA PRO A 51 6.70 4.72 -1.08
C PRO A 51 6.42 3.25 -1.36
N ILE A 52 5.70 2.58 -0.46
CA ILE A 52 5.42 1.17 -0.61
C ILE A 52 4.43 0.94 -1.74
N LEU A 53 3.26 1.55 -1.64
CA LEU A 53 2.16 1.27 -2.55
C LEU A 53 2.46 1.79 -3.94
N ASP A 54 2.91 3.04 -4.03
CA ASP A 54 3.10 3.69 -5.32
C ASP A 54 4.24 3.04 -6.11
N LYS A 55 5.28 2.59 -5.42
CA LYS A 55 6.39 1.92 -6.07
C LYS A 55 6.08 0.45 -6.34
N ALA A 56 5.12 -0.09 -5.61
CA ALA A 56 4.60 -1.43 -5.91
C ALA A 56 3.67 -1.36 -7.11
N VAL A 57 3.14 -0.16 -7.35
CA VAL A 57 2.23 0.06 -8.48
C VAL A 57 2.97 -0.10 -9.80
N LYS A 58 4.13 0.53 -9.90
CA LYS A 58 4.95 0.43 -11.11
C LYS A 58 5.50 -0.99 -11.26
N ALA A 59 5.57 -1.71 -10.15
CA ALA A 59 6.01 -3.10 -10.15
C ALA A 59 4.89 -4.02 -10.61
N LYS A 60 3.67 -3.47 -10.68
CA LYS A 60 2.53 -4.22 -11.16
C LYS A 60 2.47 -4.13 -12.68
N GLY A 61 2.43 -2.91 -13.19
CA GLY A 61 2.46 -2.71 -14.61
C GLY A 61 2.07 -1.30 -15.03
N GLU A 62 0.86 -0.88 -14.68
CA GLU A 62 0.34 0.41 -15.09
C GLU A 62 0.42 1.42 -13.95
N LYS A 63 0.20 2.70 -14.26
CA LYS A 63 0.28 3.73 -13.24
C LYS A 63 -1.08 3.89 -12.57
N LEU A 64 -1.24 3.16 -11.48
CA LEU A 64 -2.47 3.17 -10.72
C LEU A 64 -2.50 4.35 -9.74
N GLU A 65 -3.71 4.74 -9.36
CA GLU A 65 -3.89 5.81 -8.39
C GLU A 65 -4.63 5.30 -7.17
N TRP A 66 -3.87 4.82 -6.20
CA TRP A 66 -4.44 4.27 -4.98
C TRP A 66 -5.02 5.37 -4.09
N ARG A 67 -4.80 6.61 -4.49
CA ARG A 67 -5.31 7.75 -3.75
C ARG A 67 -6.80 7.88 -3.96
N THR A 68 -7.28 7.44 -5.11
CA THR A 68 -8.69 7.58 -5.47
C THR A 68 -9.34 6.21 -5.68
N SER A 69 -8.63 5.33 -6.36
CA SER A 69 -9.18 4.04 -6.76
C SER A 69 -8.77 2.95 -5.77
N ILE A 70 -9.77 2.35 -5.14
CA ILE A 70 -9.51 1.29 -4.16
C ILE A 70 -9.18 -0.02 -4.88
N VAL A 71 -9.75 -0.19 -6.08
CA VAL A 71 -9.51 -1.38 -6.88
C VAL A 71 -8.06 -1.41 -7.35
N ASP A 72 -7.52 -0.22 -7.59
CA ASP A 72 -6.14 -0.06 -8.06
C ASP A 72 -5.16 -0.68 -7.07
N LEU A 73 -5.19 -0.24 -5.83
CA LEU A 73 -4.23 -0.71 -4.83
C LEU A 73 -4.49 -2.17 -4.46
N MET A 74 -5.75 -2.58 -4.55
CA MET A 74 -6.12 -3.96 -4.24
C MET A 74 -5.36 -4.93 -5.15
N LYS A 75 -5.48 -4.73 -6.46
CA LYS A 75 -4.78 -5.60 -7.40
C LYS A 75 -3.28 -5.34 -7.35
N ALA A 76 -2.90 -4.08 -7.07
CA ALA A 76 -1.50 -3.67 -7.04
C ALA A 76 -0.64 -4.61 -6.20
N LEU A 77 -1.14 -4.98 -5.02
CA LEU A 77 -0.44 -5.94 -4.19
C LEU A 77 -0.39 -7.29 -4.89
N ASP A 78 -1.52 -7.98 -4.96
CA ASP A 78 -1.58 -9.30 -5.60
C ASP A 78 -2.99 -9.87 -5.54
N ILE A 79 -3.97 -8.99 -5.44
CA ILE A 79 -5.34 -9.44 -5.23
C ILE A 79 -6.06 -9.59 -6.57
N ASP A 80 -6.89 -10.63 -6.66
CA ASP A 80 -7.60 -10.98 -7.89
C ASP A 80 -8.43 -9.81 -8.41
N SER A 81 -8.97 -9.04 -7.46
CA SER A 81 -9.63 -7.75 -7.73
C SER A 81 -10.86 -7.87 -8.64
N SER A 82 -11.36 -9.07 -8.84
CA SER A 82 -12.54 -9.28 -9.67
C SER A 82 -13.82 -9.08 -8.86
N LEU A 83 -14.97 -9.36 -9.49
CA LEU A 83 -16.27 -9.16 -8.83
C LEU A 83 -16.30 -9.88 -7.49
N SER A 84 -15.77 -11.10 -7.45
CA SER A 84 -15.78 -11.90 -6.24
C SER A 84 -15.00 -11.23 -5.12
N ALA A 85 -13.93 -10.53 -5.50
CA ALA A 85 -13.08 -9.86 -4.52
C ALA A 85 -13.79 -8.66 -3.91
N ARG A 86 -14.33 -7.79 -4.75
CA ARG A 86 -15.04 -6.62 -4.26
C ARG A 86 -16.30 -7.03 -3.49
N LYS A 87 -16.84 -8.19 -3.84
CA LYS A 87 -18.04 -8.71 -3.20
C LYS A 87 -17.78 -8.97 -1.71
N GLU A 88 -16.78 -9.79 -1.42
CA GLU A 88 -16.48 -10.14 -0.04
C GLU A 88 -15.93 -8.93 0.72
N LEU A 89 -15.07 -8.16 0.08
CA LEU A 89 -14.48 -6.97 0.69
C LEU A 89 -15.57 -6.00 1.14
N ALA A 90 -16.56 -5.80 0.30
CA ALA A 90 -17.63 -4.86 0.59
C ALA A 90 -18.52 -5.37 1.73
N LYS A 91 -18.86 -6.65 1.69
CA LYS A 91 -19.80 -7.21 2.66
C LYS A 91 -19.17 -7.33 4.05
N GLU A 92 -17.85 -7.47 4.10
CA GLU A 92 -17.14 -7.50 5.37
C GLU A 92 -17.13 -6.11 6.01
N LEU A 93 -17.23 -5.09 5.18
CA LEU A 93 -17.27 -3.70 5.65
C LEU A 93 -18.69 -3.29 6.02
N GLY A 94 -19.67 -3.90 5.36
CA GLY A 94 -21.06 -3.59 5.63
C GLY A 94 -21.85 -3.38 4.35
N TYR A 95 -21.15 -3.00 3.28
CA TYR A 95 -21.75 -2.78 1.97
C TYR A 95 -22.86 -1.73 2.04
N SER A 96 -22.46 -0.47 2.01
CA SER A 96 -23.42 0.64 2.06
C SER A 96 -23.52 1.32 0.69
N GLY A 97 -23.06 0.61 -0.34
CA GLY A 97 -23.16 1.11 -1.68
C GLY A 97 -24.20 0.36 -2.49
N ASP A 98 -25.41 0.88 -2.51
CA ASP A 98 -26.52 0.17 -3.15
C ASP A 98 -26.89 0.81 -4.49
N MET A 99 -27.80 1.78 -4.48
CA MET A 99 -28.27 2.39 -5.72
C MET A 99 -27.47 3.64 -6.07
N ASN A 100 -26.32 3.79 -5.43
CA ASN A 100 -25.42 4.90 -5.69
C ASN A 100 -24.38 4.52 -6.74
N ASP A 101 -24.56 3.32 -7.31
CA ASP A 101 -23.71 2.81 -8.39
C ASP A 101 -22.28 2.60 -7.94
N SER A 102 -21.43 2.25 -8.89
CA SER A 102 -20.02 2.00 -8.61
C SER A 102 -19.30 3.28 -8.21
N ALA A 103 -19.89 4.42 -8.59
CA ALA A 103 -19.31 5.73 -8.30
C ALA A 103 -19.05 5.91 -6.81
N SER A 104 -20.11 5.99 -6.02
CA SER A 104 -19.99 6.18 -4.59
C SER A 104 -19.52 4.89 -3.92
N MET A 105 -19.65 3.78 -4.64
CA MET A 105 -19.24 2.48 -4.13
C MET A 105 -17.72 2.45 -3.95
N ASN A 106 -16.99 2.90 -4.95
CA ASN A 106 -15.53 2.98 -4.87
C ASN A 106 -15.10 4.00 -3.83
N ILE A 107 -15.86 5.08 -3.70
CA ILE A 107 -15.56 6.14 -2.75
C ILE A 107 -15.69 5.64 -1.31
N TRP A 108 -16.87 5.14 -0.97
CA TRP A 108 -17.16 4.71 0.39
C TRP A 108 -16.21 3.60 0.83
N LEU A 109 -15.99 2.63 -0.06
CA LEU A 109 -15.18 1.46 0.27
C LEU A 109 -13.72 1.86 0.44
N HIS A 110 -13.28 2.87 -0.31
CA HIS A 110 -11.91 3.36 -0.20
C HIS A 110 -11.67 3.98 1.17
N LYS A 111 -12.70 4.64 1.69
CA LYS A 111 -12.63 5.25 3.02
C LYS A 111 -12.44 4.16 4.07
N GLN A 112 -13.30 3.16 4.02
CA GLN A 112 -13.37 2.14 5.05
C GLN A 112 -12.11 1.26 5.05
N VAL A 113 -11.64 0.88 3.88
CA VAL A 113 -10.45 0.05 3.77
C VAL A 113 -9.22 0.79 4.31
N MET A 114 -9.17 2.10 4.10
CA MET A 114 -8.06 2.89 4.59
C MET A 114 -8.07 2.93 6.12
N SER A 115 -9.26 2.89 6.69
CA SER A 115 -9.42 2.87 8.14
C SER A 115 -8.92 1.54 8.71
N LYS A 116 -8.91 0.51 7.85
CA LYS A 116 -8.43 -0.80 8.25
C LYS A 116 -6.93 -0.94 7.98
N LEU A 117 -6.39 0.05 7.29
CA LEU A 117 -4.99 0.01 6.88
C LEU A 117 -4.13 0.98 7.70
N VAL A 118 -4.29 2.27 7.42
CA VAL A 118 -3.38 3.28 7.95
C VAL A 118 -3.52 3.43 9.47
N ALA A 119 -4.61 2.90 10.02
CA ALA A 119 -4.82 2.95 11.46
C ALA A 119 -3.86 2.01 12.19
N ASN A 120 -3.14 1.18 11.44
CA ASN A 120 -2.19 0.25 12.02
C ASN A 120 -0.79 0.85 12.07
N GLY A 121 -0.70 2.16 11.91
CA GLY A 121 0.59 2.83 11.97
C GLY A 121 1.11 3.19 10.59
N GLY A 122 0.20 3.21 9.62
CA GLY A 122 0.57 3.55 8.27
C GLY A 122 0.56 5.05 8.03
N LYS A 123 1.67 5.57 7.55
CA LYS A 123 1.81 6.97 7.21
C LYS A 123 1.38 7.18 5.75
N LEU A 124 0.55 8.19 5.54
CA LEU A 124 0.07 8.50 4.21
C LEU A 124 0.31 9.97 3.88
N PRO A 125 0.28 10.33 2.58
CA PRO A 125 0.35 11.73 2.15
C PRO A 125 -0.96 12.45 2.48
N PRO A 126 -0.98 13.80 2.39
CA PRO A 126 -2.18 14.60 2.69
C PRO A 126 -3.29 14.42 1.65
N GLU A 127 -3.29 13.28 1.00
CA GLU A 127 -4.26 12.97 -0.04
C GLU A 127 -5.42 12.17 0.56
N ILE A 128 -5.11 11.30 1.52
CA ILE A 128 -6.11 10.36 2.05
C ILE A 128 -6.09 10.31 3.58
N LYS A 129 -7.05 11.00 4.19
CA LYS A 129 -7.29 10.86 5.62
C LYS A 129 -8.61 11.51 6.00
N HIS A 130 -9.45 10.74 6.70
CA HIS A 130 -10.75 11.19 7.19
C HIS A 130 -11.76 11.21 6.05
N MET A 1 -12.84 -13.59 1.92
CA MET A 1 -11.70 -13.32 2.82
C MET A 1 -11.56 -11.80 3.01
N SER A 2 -10.68 -11.37 3.89
CA SER A 2 -10.56 -9.97 4.22
C SER A 2 -9.35 -9.34 3.54
N ILE A 3 -9.62 -8.61 2.46
CA ILE A 3 -8.55 -8.09 1.62
C ILE A 3 -7.81 -6.94 2.28
N PHE A 4 -8.49 -6.22 3.18
CA PHE A 4 -7.82 -5.18 3.94
C PHE A 4 -6.73 -5.78 4.82
N GLY A 5 -6.89 -7.06 5.15
CA GLY A 5 -5.86 -7.76 5.89
C GLY A 5 -4.85 -8.40 4.96
N LYS A 6 -5.24 -8.58 3.71
CA LYS A 6 -4.38 -9.18 2.69
C LYS A 6 -3.31 -8.18 2.26
N ILE A 7 -3.73 -6.93 2.06
CA ILE A 7 -2.83 -5.91 1.57
C ILE A 7 -1.86 -5.43 2.65
N MET A 8 -2.32 -5.39 3.89
CA MET A 8 -1.49 -4.88 4.98
C MET A 8 -0.38 -5.87 5.35
N SER A 9 -0.49 -7.09 4.82
CA SER A 9 0.45 -8.15 5.14
C SER A 9 1.86 -7.79 4.68
N ALA A 10 1.96 -7.09 3.57
CA ALA A 10 3.25 -6.64 3.07
C ALA A 10 3.57 -5.26 3.60
N ILE A 11 2.56 -4.40 3.65
CA ILE A 11 2.73 -3.01 4.07
C ILE A 11 3.27 -2.93 5.50
N PHE A 12 2.65 -3.67 6.40
CA PHE A 12 3.04 -3.66 7.80
C PHE A 12 3.90 -4.89 8.12
N GLY A 13 4.47 -5.49 7.09
CA GLY A 13 5.26 -6.70 7.29
C GLY A 13 6.68 -6.57 6.78
N ASP A 14 7.07 -5.36 6.42
CA ASP A 14 8.43 -5.12 5.92
C ASP A 14 9.09 -3.94 6.61
N SER A 15 10.41 -3.93 6.61
CA SER A 15 11.19 -2.80 7.09
C SER A 15 12.56 -2.78 6.40
N ALA A 16 12.63 -3.39 5.21
CA ALA A 16 13.91 -3.55 4.52
C ALA A 16 13.78 -3.53 2.99
N ALA A 17 12.64 -3.98 2.48
CA ALA A 17 12.46 -4.08 1.03
C ALA A 17 11.51 -3.00 0.51
N ALA A 18 12.07 -2.09 -0.29
CA ALA A 18 11.30 -1.02 -0.94
C ALA A 18 10.82 0.03 0.08
N SER A 19 11.18 -0.15 1.34
CA SER A 19 10.85 0.82 2.36
C SER A 19 11.90 1.93 2.39
N PRO A 20 11.46 3.18 2.61
CA PRO A 20 12.35 4.34 2.61
C PRO A 20 13.42 4.28 3.69
N GLY A 21 14.68 4.36 3.28
CA GLY A 21 15.78 4.33 4.22
C GLY A 21 17.11 4.43 3.52
N GLY A 22 17.47 3.38 2.80
CA GLY A 22 18.74 3.37 2.10
C GLY A 22 18.60 2.83 0.69
N ALA A 23 19.73 2.75 -0.01
CA ALA A 23 19.75 2.24 -1.37
C ALA A 23 21.12 1.63 -1.67
N GLN A 24 21.20 0.87 -2.75
CA GLN A 24 22.46 0.25 -3.14
C GLN A 24 23.18 1.11 -4.16
N ALA A 25 24.48 0.86 -4.31
CA ALA A 25 25.29 1.60 -5.27
C ALA A 25 25.88 0.64 -6.29
N PRO A 26 25.60 0.87 -7.58
CA PRO A 26 26.14 0.04 -8.67
C PRO A 26 27.67 0.11 -8.71
N ALA A 27 28.30 -1.02 -8.45
CA ALA A 27 29.76 -1.06 -8.40
C ALA A 27 30.36 -1.52 -9.74
N THR A 28 30.71 -0.55 -10.57
CA THR A 28 31.41 -0.86 -11.82
C THR A 28 32.89 -1.05 -11.53
N THR A 29 33.54 -1.92 -12.28
CA THR A 29 34.96 -2.20 -12.10
C THR A 29 35.81 -0.97 -12.39
N GLY A 30 36.42 -0.42 -11.35
CA GLY A 30 37.27 0.73 -11.52
C GLY A 30 37.89 1.19 -10.21
N ALA A 31 37.07 1.69 -9.30
CA ALA A 31 37.55 2.19 -8.03
C ALA A 31 37.75 1.05 -7.03
N ALA A 32 36.65 0.34 -6.73
CA ALA A 32 36.63 -0.79 -5.79
C ALA A 32 36.87 -0.35 -4.35
N GLY A 33 38.05 0.21 -4.08
CA GLY A 33 38.39 0.60 -2.73
C GLY A 33 37.84 1.96 -2.35
N THR A 34 36.54 2.12 -2.50
CA THR A 34 35.86 3.36 -2.13
C THR A 34 34.40 3.07 -1.83
N ALA A 35 34.04 3.09 -0.56
CA ALA A 35 32.70 2.75 -0.14
C ALA A 35 31.92 3.98 0.30
N PRO A 36 30.62 4.04 -0.05
CA PRO A 36 29.74 5.10 0.43
C PRO A 36 29.42 4.93 1.91
N THR A 37 30.04 5.77 2.72
CA THR A 37 29.87 5.68 4.17
C THR A 37 28.50 6.17 4.61
N ALA A 38 27.57 5.24 4.77
CA ALA A 38 26.23 5.58 5.21
C ALA A 38 25.83 4.72 6.40
N PRO A 39 25.87 5.31 7.61
CA PRO A 39 25.44 4.62 8.83
C PRO A 39 23.94 4.33 8.80
N GLN A 40 23.54 3.26 9.46
CA GLN A 40 22.14 2.87 9.49
C GLN A 40 21.45 3.42 10.74
N PRO A 41 20.45 4.30 10.54
CA PRO A 41 19.57 4.73 11.62
C PRO A 41 18.52 3.67 11.90
N THR A 42 18.78 2.84 12.90
CA THR A 42 17.91 1.71 13.20
C THR A 42 16.68 2.18 13.96
N ALA A 43 15.65 2.56 13.22
CA ALA A 43 14.39 2.98 13.80
C ALA A 43 13.29 2.96 12.76
N ALA A 44 12.10 2.58 13.18
CA ALA A 44 10.93 2.55 12.30
C ALA A 44 9.65 2.45 13.13
N PRO A 45 9.23 3.57 13.74
CA PRO A 45 8.01 3.61 14.54
C PRO A 45 6.77 3.88 13.70
N SER A 46 6.97 4.24 12.45
CA SER A 46 5.87 4.56 11.56
C SER A 46 6.04 3.81 10.25
N ILE A 47 4.93 3.42 9.65
CA ILE A 47 4.96 2.65 8.41
C ILE A 47 4.56 3.52 7.23
N ASP A 48 5.52 3.84 6.37
CA ASP A 48 5.25 4.70 5.22
C ASP A 48 4.62 3.88 4.11
N VAL A 49 3.33 4.08 3.89
CA VAL A 49 2.57 3.26 2.96
C VAL A 49 2.72 3.79 1.53
N ALA A 50 3.09 5.06 1.41
CA ALA A 50 3.18 5.71 0.11
C ALA A 50 4.18 5.01 -0.83
N PRO A 51 5.45 4.77 -0.41
CA PRO A 51 6.44 4.15 -1.28
C PRO A 51 6.09 2.71 -1.62
N ILE A 52 5.51 2.02 -0.65
CA ILE A 52 5.17 0.62 -0.81
C ILE A 52 4.16 0.42 -1.93
N LEU A 53 3.12 1.25 -1.95
CA LEU A 53 2.06 1.11 -2.94
C LEU A 53 2.50 1.70 -4.27
N ASP A 54 3.20 2.82 -4.24
CA ASP A 54 3.66 3.47 -5.46
C ASP A 54 4.61 2.57 -6.24
N LYS A 55 5.52 1.91 -5.55
CA LYS A 55 6.45 0.98 -6.19
C LYS A 55 5.72 -0.30 -6.61
N ALA A 56 4.69 -0.67 -5.85
CA ALA A 56 3.89 -1.85 -6.20
C ALA A 56 3.10 -1.62 -7.48
N VAL A 57 2.69 -0.37 -7.68
CA VAL A 57 1.94 0.02 -8.89
C VAL A 57 2.75 -0.30 -10.15
N LYS A 58 4.00 0.16 -10.17
CA LYS A 58 4.85 -0.02 -11.34
C LYS A 58 5.31 -1.48 -11.45
N ALA A 59 5.24 -2.20 -10.34
CA ALA A 59 5.62 -3.60 -10.31
C ALA A 59 4.46 -4.46 -10.82
N LYS A 60 3.23 -3.99 -10.56
CA LYS A 60 2.04 -4.70 -10.98
C LYS A 60 2.01 -4.79 -12.50
N GLY A 61 2.28 -3.67 -13.16
CA GLY A 61 2.39 -3.70 -14.61
C GLY A 61 1.51 -2.69 -15.32
N GLU A 62 1.01 -1.70 -14.59
CA GLU A 62 0.18 -0.66 -15.21
C GLU A 62 0.15 0.58 -14.33
N LYS A 63 -0.33 1.69 -14.90
CA LYS A 63 -0.45 2.93 -14.15
C LYS A 63 -1.72 2.90 -13.31
N LEU A 64 -1.54 2.91 -12.01
CA LEU A 64 -2.67 2.87 -11.10
C LEU A 64 -2.84 4.21 -10.38
N GLU A 65 -4.01 4.45 -9.85
CA GLU A 65 -4.30 5.66 -9.12
C GLU A 65 -4.81 5.30 -7.72
N TRP A 66 -3.93 4.69 -6.93
CA TRP A 66 -4.34 4.14 -5.63
C TRP A 66 -4.76 5.23 -4.65
N ARG A 67 -4.50 6.48 -5.01
CA ARG A 67 -4.87 7.62 -4.17
C ARG A 67 -6.38 7.64 -3.93
N THR A 68 -7.15 7.55 -5.01
CA THR A 68 -8.60 7.62 -4.91
C THR A 68 -9.25 6.27 -5.25
N SER A 69 -8.60 5.50 -6.10
CA SER A 69 -9.16 4.23 -6.55
C SER A 69 -8.78 3.12 -5.58
N ILE A 70 -9.76 2.65 -4.82
CA ILE A 70 -9.53 1.64 -3.81
C ILE A 70 -9.20 0.28 -4.45
N VAL A 71 -9.66 0.10 -5.68
CA VAL A 71 -9.40 -1.14 -6.42
C VAL A 71 -7.95 -1.21 -6.86
N ASP A 72 -7.35 -0.05 -7.09
CA ASP A 72 -5.99 0.03 -7.62
C ASP A 72 -4.96 -0.42 -6.60
N LEU A 73 -5.06 0.09 -5.38
CA LEU A 73 -4.09 -0.29 -4.34
C LEU A 73 -4.26 -1.75 -3.96
N MET A 74 -5.46 -2.26 -4.16
CA MET A 74 -5.76 -3.65 -3.87
C MET A 74 -4.99 -4.58 -4.82
N LYS A 75 -5.07 -4.31 -6.11
CA LYS A 75 -4.40 -5.13 -7.10
C LYS A 75 -2.89 -4.91 -7.07
N ALA A 76 -2.50 -3.67 -6.73
CA ALA A 76 -1.10 -3.27 -6.73
C ALA A 76 -0.27 -4.13 -5.78
N LEU A 77 -0.81 -4.38 -4.60
CA LEU A 77 -0.12 -5.21 -3.63
C LEU A 77 0.07 -6.62 -4.19
N ASP A 78 -1.04 -7.35 -4.32
CA ASP A 78 -1.02 -8.70 -4.89
C ASP A 78 -2.37 -9.37 -4.71
N ILE A 79 -3.42 -8.80 -5.31
CA ILE A 79 -4.77 -9.31 -5.13
C ILE A 79 -5.48 -9.51 -6.47
N ASP A 80 -6.42 -10.46 -6.49
CA ASP A 80 -7.23 -10.77 -7.69
C ASP A 80 -7.86 -9.51 -8.28
N SER A 81 -8.47 -8.69 -7.42
CA SER A 81 -9.08 -7.40 -7.79
C SER A 81 -10.19 -7.52 -8.84
N SER A 82 -10.70 -8.73 -9.06
CA SER A 82 -11.79 -8.93 -9.99
C SER A 82 -13.13 -8.72 -9.29
N LEU A 83 -14.20 -9.25 -9.86
CA LEU A 83 -15.51 -9.19 -9.20
C LEU A 83 -15.44 -9.95 -7.89
N SER A 84 -14.76 -11.09 -7.92
CA SER A 84 -14.60 -11.94 -6.74
C SER A 84 -14.00 -11.18 -5.56
N ALA A 85 -12.87 -10.53 -5.78
CA ALA A 85 -12.18 -9.80 -4.72
C ALA A 85 -13.01 -8.63 -4.20
N ARG A 86 -13.59 -7.87 -5.13
CA ARG A 86 -14.38 -6.69 -4.77
C ARG A 86 -15.64 -7.09 -4.02
N LYS A 87 -16.08 -8.32 -4.23
CA LYS A 87 -17.28 -8.82 -3.58
C LYS A 87 -17.01 -9.11 -2.11
N GLU A 88 -15.90 -9.81 -1.84
CA GLU A 88 -15.59 -10.18 -0.46
C GLU A 88 -15.15 -8.97 0.35
N LEU A 89 -14.31 -8.12 -0.22
CA LEU A 89 -13.79 -6.94 0.47
C LEU A 89 -14.94 -6.07 0.96
N ALA A 90 -15.96 -5.91 0.13
CA ALA A 90 -17.09 -5.07 0.47
C ALA A 90 -17.89 -5.65 1.61
N LYS A 91 -18.12 -6.97 1.59
CA LYS A 91 -18.96 -7.61 2.60
C LYS A 91 -18.25 -7.69 3.94
N GLU A 92 -16.92 -7.75 3.92
CA GLU A 92 -16.16 -7.77 5.15
C GLU A 92 -16.31 -6.44 5.89
N LEU A 93 -16.53 -5.38 5.12
CA LEU A 93 -16.68 -4.05 5.69
C LEU A 93 -18.15 -3.73 5.97
N GLY A 94 -19.05 -4.60 5.51
CA GLY A 94 -20.46 -4.42 5.78
C GLY A 94 -21.34 -4.59 4.56
N TYR A 95 -20.80 -4.21 3.39
CA TYR A 95 -21.54 -4.27 2.13
C TYR A 95 -22.72 -3.29 2.16
N SER A 96 -22.52 -2.10 1.63
CA SER A 96 -23.55 -1.09 1.60
C SER A 96 -23.52 -0.35 0.27
N GLY A 97 -24.69 -0.03 -0.26
CA GLY A 97 -24.76 0.66 -1.54
C GLY A 97 -26.05 0.36 -2.27
N ASP A 98 -26.54 1.32 -3.04
CA ASP A 98 -27.80 1.15 -3.76
C ASP A 98 -27.94 2.16 -4.90
N MET A 99 -28.24 3.41 -4.55
CA MET A 99 -28.52 4.44 -5.55
C MET A 99 -27.28 5.31 -5.79
N ASN A 100 -26.15 4.88 -5.28
CA ASN A 100 -24.92 5.65 -5.33
C ASN A 100 -24.09 5.31 -6.55
N ASP A 101 -24.52 4.30 -7.31
CA ASP A 101 -23.83 3.85 -8.52
C ASP A 101 -22.35 3.55 -8.20
N SER A 102 -21.48 3.62 -9.19
CA SER A 102 -20.07 3.34 -9.00
C SER A 102 -19.35 4.54 -8.40
N ALA A 103 -19.96 5.71 -8.56
CA ALA A 103 -19.36 6.96 -8.10
C ALA A 103 -19.07 6.95 -6.61
N SER A 104 -20.12 6.92 -5.80
CA SER A 104 -19.96 6.95 -4.36
C SER A 104 -19.49 5.59 -3.83
N MET A 105 -19.63 4.55 -4.66
CA MET A 105 -19.26 3.20 -4.26
C MET A 105 -17.76 3.11 -4.02
N ASN A 106 -16.98 3.64 -4.95
CA ASN A 106 -15.52 3.63 -4.82
C ASN A 106 -15.10 4.48 -3.63
N ILE A 107 -15.86 5.52 -3.33
CA ILE A 107 -15.54 6.43 -2.24
C ILE A 107 -15.79 5.76 -0.88
N TRP A 108 -16.93 5.09 -0.75
CA TRP A 108 -17.29 4.43 0.50
C TRP A 108 -16.27 3.37 0.87
N LEU A 109 -16.00 2.46 -0.07
CA LEU A 109 -15.06 1.37 0.15
C LEU A 109 -13.65 1.93 0.42
N HIS A 110 -13.35 3.04 -0.25
CA HIS A 110 -12.06 3.72 -0.12
C HIS A 110 -11.80 4.12 1.33
N LYS A 111 -12.82 4.64 1.99
CA LYS A 111 -12.70 5.04 3.38
C LYS A 111 -12.56 3.82 4.29
N GLN A 112 -13.49 2.89 4.14
CA GLN A 112 -13.59 1.73 5.04
C GLN A 112 -12.29 0.93 5.07
N VAL A 113 -11.76 0.59 3.90
CA VAL A 113 -10.51 -0.16 3.82
C VAL A 113 -9.36 0.63 4.45
N MET A 114 -9.29 1.92 4.15
CA MET A 114 -8.18 2.75 4.58
C MET A 114 -8.18 2.88 6.10
N SER A 115 -9.37 2.91 6.69
CA SER A 115 -9.51 3.04 8.13
C SER A 115 -9.06 1.77 8.84
N LYS A 116 -9.04 0.65 8.12
CA LYS A 116 -8.57 -0.61 8.70
C LYS A 116 -7.07 -0.76 8.44
N LEU A 117 -6.54 0.12 7.62
CA LEU A 117 -5.15 0.03 7.18
C LEU A 117 -4.25 1.02 7.93
N VAL A 118 -4.39 2.29 7.61
CA VAL A 118 -3.45 3.30 8.11
C VAL A 118 -3.66 3.61 9.58
N ALA A 119 -4.82 3.25 10.11
CA ALA A 119 -5.13 3.51 11.51
C ALA A 119 -4.21 2.72 12.44
N ASN A 120 -3.53 1.71 11.89
CA ASN A 120 -2.62 0.89 12.67
C ASN A 120 -1.27 1.57 12.87
N GLY A 121 -1.06 2.69 12.19
CA GLY A 121 0.20 3.39 12.28
C GLY A 121 0.83 3.62 10.93
N GLY A 122 0.03 3.49 9.88
CA GLY A 122 0.52 3.72 8.54
C GLY A 122 0.50 5.19 8.17
N LYS A 123 1.51 5.61 7.45
CA LYS A 123 1.61 6.97 6.96
C LYS A 123 1.08 7.07 5.54
N LEU A 124 0.17 8.01 5.33
CA LEU A 124 -0.37 8.25 4.00
C LEU A 124 -0.40 9.75 3.73
N PRO A 125 -0.18 10.16 2.47
CA PRO A 125 -0.27 11.57 2.08
C PRO A 125 -1.68 12.10 2.29
N PRO A 126 -1.81 13.40 2.63
CA PRO A 126 -3.11 14.04 2.91
C PRO A 126 -4.05 14.12 1.70
N GLU A 127 -3.95 13.13 0.84
CA GLU A 127 -4.80 13.04 -0.33
C GLU A 127 -5.93 12.04 -0.06
N ILE A 128 -5.66 11.12 0.86
CA ILE A 128 -6.62 10.07 1.18
C ILE A 128 -7.35 10.39 2.48
N LYS A 129 -8.65 10.59 2.39
CA LYS A 129 -9.48 10.86 3.56
C LYS A 129 -10.92 10.46 3.29
N HIS A 130 -11.38 10.78 2.11
CA HIS A 130 -12.75 10.52 1.70
C HIS A 130 -12.76 9.90 0.31
N MET A 1 -12.72 -13.59 1.46
CA MET A 1 -12.09 -13.62 2.79
C MET A 1 -12.19 -12.26 3.48
N SER A 2 -11.15 -11.44 3.32
CA SER A 2 -11.09 -10.09 3.89
C SER A 2 -9.87 -9.36 3.32
N ILE A 3 -10.05 -8.74 2.16
CA ILE A 3 -8.97 -8.08 1.43
C ILE A 3 -8.18 -7.10 2.30
N PHE A 4 -8.88 -6.32 3.12
CA PHE A 4 -8.22 -5.33 3.97
C PHE A 4 -7.22 -5.98 4.92
N GLY A 5 -7.48 -7.22 5.31
CA GLY A 5 -6.58 -7.93 6.20
C GLY A 5 -5.47 -8.63 5.46
N LYS A 6 -5.63 -8.74 4.15
CA LYS A 6 -4.63 -9.39 3.30
C LYS A 6 -3.58 -8.39 2.88
N ILE A 7 -4.02 -7.24 2.39
CA ILE A 7 -3.12 -6.20 1.88
C ILE A 7 -2.22 -5.65 2.99
N MET A 8 -2.76 -5.51 4.20
CA MET A 8 -1.99 -4.97 5.32
C MET A 8 -0.81 -5.88 5.65
N SER A 9 -0.95 -7.17 5.34
CA SER A 9 0.07 -8.15 5.65
C SER A 9 1.26 -8.06 4.71
N ALA A 10 1.09 -7.34 3.60
CA ALA A 10 2.17 -7.12 2.66
C ALA A 10 2.80 -5.75 2.86
N ILE A 11 2.13 -4.92 3.66
CA ILE A 11 2.60 -3.57 3.93
C ILE A 11 3.26 -3.50 5.31
N PHE A 12 2.54 -3.97 6.33
CA PHE A 12 3.03 -3.92 7.70
C PHE A 12 3.96 -5.09 7.99
N GLY A 13 4.22 -5.88 6.96
CA GLY A 13 5.14 -7.00 7.08
C GLY A 13 6.32 -6.83 6.14
N ASP A 14 6.46 -5.63 5.59
CA ASP A 14 7.53 -5.35 4.64
C ASP A 14 8.83 -5.04 5.37
N SER A 15 9.94 -5.21 4.68
CA SER A 15 11.24 -4.87 5.24
C SER A 15 12.10 -4.13 4.22
N ALA A 16 11.75 -2.85 4.02
CA ALA A 16 12.57 -1.92 3.24
C ALA A 16 12.51 -2.21 1.74
N ALA A 17 11.33 -2.53 1.23
CA ALA A 17 11.16 -2.70 -0.21
C ALA A 17 10.98 -1.34 -0.87
N ALA A 18 12.10 -0.75 -1.30
CA ALA A 18 12.11 0.58 -1.91
C ALA A 18 11.65 1.64 -0.91
N SER A 19 12.01 1.43 0.35
CA SER A 19 11.66 2.36 1.42
C SER A 19 12.26 3.75 1.17
N PRO A 20 11.58 4.80 1.67
CA PRO A 20 12.01 6.18 1.45
C PRO A 20 13.33 6.50 2.16
N GLY A 21 14.19 7.25 1.49
CA GLY A 21 15.47 7.60 2.06
C GLY A 21 16.55 6.62 1.64
N GLY A 22 16.49 6.19 0.39
CA GLY A 22 17.45 5.23 -0.12
C GLY A 22 18.65 5.91 -0.74
N ALA A 23 19.80 5.26 -0.64
CA ALA A 23 21.04 5.79 -1.19
C ALA A 23 21.31 5.20 -2.57
N GLN A 24 22.38 5.67 -3.20
CA GLN A 24 22.76 5.18 -4.51
C GLN A 24 24.15 4.53 -4.46
N ALA A 25 24.20 3.25 -4.74
CA ALA A 25 25.47 2.52 -4.75
C ALA A 25 25.94 2.31 -6.18
N PRO A 26 27.00 3.03 -6.59
CA PRO A 26 27.54 2.95 -7.95
C PRO A 26 28.49 1.78 -8.13
N ALA A 27 28.97 1.60 -9.35
CA ALA A 27 29.93 0.55 -9.63
C ALA A 27 31.34 1.11 -9.63
N THR A 28 31.95 1.13 -8.46
CA THR A 28 33.29 1.69 -8.32
C THR A 28 34.33 0.57 -8.29
N THR A 29 35.20 0.56 -9.29
CA THR A 29 36.19 -0.48 -9.41
C THR A 29 37.55 0.01 -8.89
N GLY A 30 38.35 -0.93 -8.39
CA GLY A 30 39.65 -0.59 -7.86
C GLY A 30 40.10 -1.58 -6.81
N ALA A 31 39.17 -1.98 -5.95
CA ALA A 31 39.41 -2.93 -4.84
C ALA A 31 40.25 -2.28 -3.74
N ALA A 32 41.46 -1.88 -4.09
CA ALA A 32 42.37 -1.27 -3.12
C ALA A 32 41.90 0.13 -2.76
N GLY A 33 41.79 0.40 -1.47
CA GLY A 33 41.27 1.66 -1.00
C GLY A 33 40.45 1.47 0.25
N THR A 34 40.86 2.09 1.34
CA THR A 34 40.22 1.90 2.63
C THR A 34 39.00 2.79 2.78
N ALA A 35 37.83 2.16 2.76
CA ALA A 35 36.58 2.87 2.96
C ALA A 35 35.89 2.35 4.23
N PRO A 36 35.84 3.19 5.28
CA PRO A 36 35.27 2.79 6.57
C PRO A 36 33.80 2.44 6.48
N THR A 37 33.40 1.42 7.23
CA THR A 37 32.01 1.02 7.27
C THR A 37 31.37 1.50 8.56
N ALA A 38 30.76 2.66 8.52
CA ALA A 38 30.10 3.22 9.70
C ALA A 38 28.59 3.03 9.60
N PRO A 39 28.04 2.03 10.32
CA PRO A 39 26.62 1.76 10.31
C PRO A 39 25.86 2.60 11.32
N GLN A 40 25.18 3.62 10.82
CA GLN A 40 24.40 4.50 11.66
C GLN A 40 23.06 3.84 11.99
N PRO A 41 22.72 3.75 13.29
CA PRO A 41 21.49 3.10 13.75
C PRO A 41 20.24 3.61 13.05
N THR A 42 19.62 2.74 12.28
CA THR A 42 18.38 3.07 11.59
C THR A 42 17.21 2.35 12.27
N ALA A 43 16.03 2.95 12.19
CA ALA A 43 14.85 2.39 12.83
C ALA A 43 13.60 2.66 12.01
N ALA A 44 12.53 1.95 12.35
CA ALA A 44 11.25 2.12 11.67
C ALA A 44 10.12 1.93 12.67
N PRO A 45 9.76 2.99 13.39
CA PRO A 45 8.69 2.95 14.38
C PRO A 45 7.32 3.22 13.77
N SER A 46 7.30 3.39 12.46
CA SER A 46 6.07 3.66 11.74
C SER A 46 6.15 3.01 10.35
N ILE A 47 5.01 2.61 9.82
CA ILE A 47 4.95 1.95 8.52
C ILE A 47 4.61 2.94 7.42
N ASP A 48 5.59 3.26 6.59
CA ASP A 48 5.37 4.23 5.52
C ASP A 48 4.68 3.53 4.34
N VAL A 49 3.39 3.77 4.19
CA VAL A 49 2.57 3.03 3.23
C VAL A 49 2.70 3.59 1.82
N ALA A 50 2.91 4.91 1.74
CA ALA A 50 2.95 5.62 0.46
C ALA A 50 3.97 5.01 -0.51
N PRO A 51 5.26 4.88 -0.12
CA PRO A 51 6.30 4.36 -1.02
C PRO A 51 6.05 2.92 -1.43
N ILE A 52 5.59 2.11 -0.48
CA ILE A 52 5.36 0.70 -0.72
C ILE A 52 4.37 0.49 -1.86
N LEU A 53 3.32 1.31 -1.88
CA LEU A 53 2.28 1.15 -2.89
C LEU A 53 2.63 1.89 -4.15
N ASP A 54 3.29 3.04 -3.99
CA ASP A 54 3.75 3.83 -5.13
C ASP A 54 4.76 3.04 -5.95
N LYS A 55 5.51 2.17 -5.28
CA LYS A 55 6.44 1.29 -5.97
C LYS A 55 5.74 0.01 -6.43
N ALA A 56 4.73 -0.40 -5.68
CA ALA A 56 3.96 -1.62 -5.99
C ALA A 56 3.22 -1.46 -7.31
N VAL A 57 2.82 -0.24 -7.62
CA VAL A 57 2.14 0.05 -8.89
C VAL A 57 3.04 -0.34 -10.06
N LYS A 58 4.28 0.13 -10.00
CA LYS A 58 5.25 -0.15 -11.03
C LYS A 58 5.59 -1.63 -11.06
N ALA A 59 5.67 -2.23 -9.89
CA ALA A 59 6.02 -3.63 -9.75
C ALA A 59 4.91 -4.53 -10.27
N LYS A 60 3.67 -4.05 -10.18
CA LYS A 60 2.54 -4.80 -10.67
C LYS A 60 2.59 -4.86 -12.20
N GLY A 61 2.67 -3.70 -12.84
CA GLY A 61 2.89 -3.67 -14.27
C GLY A 61 2.42 -2.39 -14.92
N GLU A 62 1.25 -1.94 -14.54
CA GLU A 62 0.62 -0.79 -15.17
C GLU A 62 0.57 0.38 -14.20
N LYS A 63 0.32 1.59 -14.70
CA LYS A 63 0.29 2.75 -13.83
C LYS A 63 -1.14 3.09 -13.44
N LEU A 64 -1.48 2.79 -12.19
CA LEU A 64 -2.79 3.08 -11.66
C LEU A 64 -2.67 4.13 -10.56
N GLU A 65 -3.74 4.38 -9.82
CA GLU A 65 -3.71 5.42 -8.79
C GLU A 65 -4.46 4.99 -7.53
N TRP A 66 -3.71 4.49 -6.57
CA TRP A 66 -4.27 4.00 -5.31
C TRP A 66 -4.74 5.14 -4.41
N ARG A 67 -4.21 6.33 -4.67
CA ARG A 67 -4.55 7.50 -3.87
C ARG A 67 -6.03 7.85 -4.01
N THR A 68 -6.62 7.47 -5.14
CA THR A 68 -8.03 7.75 -5.39
C THR A 68 -8.82 6.46 -5.64
N SER A 69 -8.16 5.43 -6.17
CA SER A 69 -8.84 4.19 -6.52
C SER A 69 -8.55 3.11 -5.48
N ILE A 70 -9.60 2.59 -4.86
CA ILE A 70 -9.46 1.51 -3.90
C ILE A 70 -9.22 0.20 -4.63
N VAL A 71 -9.57 0.20 -5.92
CA VAL A 71 -9.40 -0.97 -6.76
C VAL A 71 -7.92 -1.19 -7.07
N ASP A 72 -7.16 -0.09 -7.15
CA ASP A 72 -5.74 -0.17 -7.47
C ASP A 72 -4.96 -0.81 -6.34
N LEU A 73 -4.92 -0.15 -5.19
CA LEU A 73 -4.11 -0.64 -4.06
C LEU A 73 -4.46 -2.07 -3.70
N MET A 74 -5.69 -2.46 -3.97
CA MET A 74 -6.15 -3.81 -3.76
C MET A 74 -5.33 -4.80 -4.59
N LYS A 75 -5.31 -4.58 -5.90
CA LYS A 75 -4.68 -5.52 -6.81
C LYS A 75 -3.15 -5.40 -6.77
N ALA A 76 -2.67 -4.19 -6.48
CA ALA A 76 -1.24 -3.88 -6.42
C ALA A 76 -0.48 -4.81 -5.49
N LEU A 77 -0.94 -4.92 -4.25
CA LEU A 77 -0.30 -5.81 -3.29
C LEU A 77 -0.36 -7.26 -3.77
N ASP A 78 -1.57 -7.82 -3.79
CA ASP A 78 -1.78 -9.20 -4.25
C ASP A 78 -3.23 -9.60 -4.07
N ILE A 79 -4.08 -9.18 -4.97
CA ILE A 79 -5.50 -9.51 -4.89
C ILE A 79 -6.07 -9.83 -6.27
N ASP A 80 -7.00 -10.80 -6.30
CA ASP A 80 -7.73 -11.22 -7.50
C ASP A 80 -8.28 -10.01 -8.27
N SER A 81 -8.91 -9.10 -7.54
CA SER A 81 -9.38 -7.81 -8.04
C SER A 81 -10.45 -7.93 -9.14
N SER A 82 -11.09 -9.09 -9.22
CA SER A 82 -12.22 -9.26 -10.13
C SER A 82 -13.52 -9.03 -9.36
N LEU A 83 -14.61 -9.65 -9.80
CA LEU A 83 -15.90 -9.47 -9.14
C LEU A 83 -15.85 -10.01 -7.72
N SER A 84 -15.29 -11.21 -7.57
CA SER A 84 -15.23 -11.88 -6.27
C SER A 84 -14.52 -11.02 -5.23
N ALA A 85 -13.36 -10.48 -5.59
CA ALA A 85 -12.57 -9.67 -4.68
C ALA A 85 -13.31 -8.41 -4.26
N ARG A 86 -13.79 -7.66 -5.24
CA ARG A 86 -14.53 -6.42 -4.97
C ARG A 86 -15.75 -6.70 -4.11
N LYS A 87 -16.32 -7.89 -4.28
CA LYS A 87 -17.52 -8.27 -3.57
C LYS A 87 -17.21 -8.57 -2.10
N GLU A 88 -16.14 -9.31 -1.85
CA GLU A 88 -15.80 -9.71 -0.48
C GLU A 88 -15.39 -8.49 0.34
N LEU A 89 -14.54 -7.64 -0.24
CA LEU A 89 -14.06 -6.45 0.46
C LEU A 89 -15.23 -5.58 0.89
N ALA A 90 -16.22 -5.44 0.03
CA ALA A 90 -17.38 -4.62 0.32
C ALA A 90 -18.25 -5.24 1.41
N LYS A 91 -18.56 -6.53 1.27
CA LYS A 91 -19.53 -7.17 2.16
C LYS A 91 -18.95 -7.43 3.55
N GLU A 92 -17.63 -7.54 3.66
CA GLU A 92 -16.99 -7.72 4.96
C GLU A 92 -16.93 -6.40 5.71
N LEU A 93 -16.94 -5.29 4.97
CA LEU A 93 -16.92 -3.97 5.57
C LEU A 93 -18.32 -3.49 5.90
N GLY A 94 -19.31 -3.95 5.14
CA GLY A 94 -20.69 -3.59 5.43
C GLY A 94 -21.58 -3.62 4.20
N TYR A 95 -21.00 -3.33 3.04
CA TYR A 95 -21.74 -3.30 1.77
C TYR A 95 -22.84 -2.23 1.84
N SER A 96 -22.63 -1.24 2.70
CA SER A 96 -23.60 -0.18 2.89
C SER A 96 -23.81 0.62 1.60
N GLY A 97 -25.04 0.64 1.13
CA GLY A 97 -25.36 1.34 -0.09
C GLY A 97 -26.40 0.61 -0.91
N ASP A 98 -26.71 1.13 -2.08
CA ASP A 98 -27.72 0.56 -2.96
C ASP A 98 -27.72 1.26 -4.31
N MET A 99 -28.20 2.49 -4.32
CA MET A 99 -28.38 3.26 -5.54
C MET A 99 -27.09 3.98 -5.96
N ASN A 100 -26.03 3.77 -5.20
CA ASN A 100 -24.77 4.46 -5.47
C ASN A 100 -23.96 3.75 -6.56
N ASP A 101 -24.36 2.52 -6.88
CA ASP A 101 -23.68 1.72 -7.91
C ASP A 101 -22.19 1.60 -7.58
N SER A 102 -21.37 1.27 -8.58
CA SER A 102 -19.95 1.11 -8.39
C SER A 102 -19.25 2.48 -8.31
N ALA A 103 -19.91 3.49 -8.86
CA ALA A 103 -19.37 4.85 -8.90
C ALA A 103 -19.03 5.34 -7.50
N SER A 104 -20.03 5.41 -6.63
CA SER A 104 -19.81 5.87 -5.27
C SER A 104 -19.30 4.71 -4.41
N MET A 105 -19.31 3.50 -4.96
CA MET A 105 -18.84 2.33 -4.23
C MET A 105 -17.31 2.33 -4.16
N ASN A 106 -16.67 2.89 -5.17
CA ASN A 106 -15.21 3.04 -5.15
C ASN A 106 -14.81 4.03 -4.07
N ILE A 107 -15.65 5.05 -3.88
CA ILE A 107 -15.39 6.11 -2.91
C ILE A 107 -15.62 5.63 -1.48
N TRP A 108 -16.80 5.07 -1.22
CA TRP A 108 -17.15 4.61 0.12
C TRP A 108 -16.20 3.51 0.59
N LEU A 109 -15.96 2.54 -0.28
CA LEU A 109 -15.12 1.41 0.05
C LEU A 109 -13.69 1.87 0.33
N HIS A 110 -13.25 2.88 -0.40
CA HIS A 110 -11.91 3.42 -0.26
C HIS A 110 -11.65 3.87 1.18
N LYS A 111 -12.56 4.69 1.71
CA LYS A 111 -12.38 5.24 3.05
C LYS A 111 -12.55 4.17 4.13
N GLN A 112 -13.41 3.19 3.89
CA GLN A 112 -13.62 2.11 4.86
C GLN A 112 -12.35 1.28 5.02
N VAL A 113 -11.75 0.91 3.89
CA VAL A 113 -10.49 0.18 3.90
C VAL A 113 -9.39 0.98 4.59
N MET A 114 -9.43 2.31 4.43
CA MET A 114 -8.43 3.17 5.06
C MET A 114 -8.46 3.01 6.57
N SER A 115 -9.67 2.86 7.12
CA SER A 115 -9.86 2.74 8.55
C SER A 115 -9.33 1.40 9.07
N LYS A 116 -9.12 0.45 8.17
CA LYS A 116 -8.63 -0.86 8.56
C LYS A 116 -7.16 -1.01 8.23
N LEU A 117 -6.64 -0.07 7.44
CA LEU A 117 -5.31 -0.19 6.89
C LEU A 117 -4.33 0.72 7.63
N VAL A 118 -4.35 2.00 7.27
CA VAL A 118 -3.36 2.96 7.76
C VAL A 118 -3.56 3.32 9.23
N ALA A 119 -4.69 2.91 9.78
CA ALA A 119 -5.00 3.18 11.18
C ALA A 119 -4.10 2.35 12.11
N ASN A 120 -3.40 1.39 11.54
CA ASN A 120 -2.53 0.51 12.32
C ASN A 120 -1.13 1.10 12.49
N GLY A 121 -0.97 2.36 12.11
CA GLY A 121 0.33 3.00 12.25
C GLY A 121 0.99 3.27 10.91
N GLY A 122 0.18 3.25 9.86
CA GLY A 122 0.69 3.55 8.54
C GLY A 122 0.82 5.05 8.31
N LYS A 123 1.94 5.46 7.74
CA LYS A 123 2.20 6.86 7.45
C LYS A 123 1.72 7.20 6.04
N LEU A 124 0.88 8.21 5.93
CA LEU A 124 0.44 8.70 4.65
C LEU A 124 0.47 10.22 4.61
N PRO A 125 0.71 10.81 3.43
CA PRO A 125 0.57 12.25 3.24
C PRO A 125 -0.91 12.64 3.25
N PRO A 126 -1.22 13.89 3.67
CA PRO A 126 -2.61 14.36 3.79
C PRO A 126 -3.35 14.44 2.45
N GLU A 127 -2.72 13.92 1.41
CA GLU A 127 -3.33 13.86 0.09
C GLU A 127 -4.32 12.70 0.03
N ILE A 128 -4.10 11.69 0.85
CA ILE A 128 -4.98 10.55 0.89
C ILE A 128 -6.02 10.73 1.99
N LYS A 129 -7.01 11.54 1.69
CA LYS A 129 -8.15 11.73 2.58
C LYS A 129 -9.43 11.65 1.77
N HIS A 130 -9.88 10.43 1.55
CA HIS A 130 -11.05 10.18 0.72
C HIS A 130 -11.81 8.98 1.27
N MET A 1 -13.26 -12.74 3.53
CA MET A 1 -11.97 -13.11 4.13
C MET A 1 -11.20 -11.87 4.54
N SER A 2 -11.68 -10.73 4.03
CA SER A 2 -11.23 -9.41 4.45
C SER A 2 -9.99 -9.00 3.67
N ILE A 3 -10.24 -8.46 2.48
CA ILE A 3 -9.17 -8.10 1.56
C ILE A 3 -8.23 -7.07 2.17
N PHE A 4 -8.76 -6.21 3.04
CA PHE A 4 -7.92 -5.20 3.72
C PHE A 4 -6.87 -5.88 4.60
N GLY A 5 -7.16 -7.09 5.05
CA GLY A 5 -6.19 -7.85 5.82
C GLY A 5 -5.36 -8.74 4.93
N LYS A 6 -5.81 -8.92 3.70
CA LYS A 6 -5.10 -9.73 2.72
C LYS A 6 -4.04 -8.92 1.99
N ILE A 7 -4.31 -7.62 1.82
CA ILE A 7 -3.38 -6.74 1.12
C ILE A 7 -2.26 -6.25 2.05
N MET A 8 -2.57 -6.16 3.34
CA MET A 8 -1.63 -5.58 4.30
C MET A 8 -0.40 -6.48 4.48
N SER A 9 -0.52 -7.74 4.09
CA SER A 9 0.57 -8.69 4.21
C SER A 9 1.79 -8.26 3.40
N ALA A 10 1.56 -7.49 2.34
CA ALA A 10 2.64 -7.03 1.48
C ALA A 10 3.12 -5.64 1.91
N ILE A 11 2.33 -4.98 2.73
CA ILE A 11 2.67 -3.63 3.19
C ILE A 11 3.35 -3.70 4.56
N PHE A 12 2.72 -4.38 5.50
CA PHE A 12 3.24 -4.48 6.85
C PHE A 12 4.03 -5.77 7.01
N GLY A 13 4.15 -6.51 5.93
CA GLY A 13 4.95 -7.72 5.92
C GLY A 13 6.32 -7.49 5.31
N ASP A 14 6.61 -6.24 5.02
CA ASP A 14 7.89 -5.85 4.45
C ASP A 14 8.67 -5.04 5.47
N SER A 15 9.87 -4.63 5.13
CA SER A 15 10.69 -3.83 6.03
C SER A 15 11.43 -2.71 5.28
N ALA A 16 11.32 -2.71 3.94
CA ALA A 16 11.98 -1.73 3.06
C ALA A 16 13.49 -1.87 3.05
N ALA A 17 14.09 -2.08 4.22
CA ALA A 17 15.54 -2.24 4.37
C ALA A 17 16.26 -0.94 3.99
N ALA A 18 15.56 0.18 4.19
CA ALA A 18 16.09 1.49 3.86
C ALA A 18 15.21 2.57 4.46
N SER A 19 13.89 2.39 4.30
CA SER A 19 12.89 3.32 4.83
C SER A 19 12.89 4.64 4.07
N PRO A 20 11.77 5.41 4.14
CA PRO A 20 11.69 6.73 3.52
C PRO A 20 12.75 7.68 4.07
N GLY A 21 13.81 7.86 3.31
CA GLY A 21 14.90 8.72 3.72
C GLY A 21 16.24 8.19 3.28
N GLY A 22 16.81 7.30 4.08
CA GLY A 22 18.12 6.75 3.79
C GLY A 22 18.06 5.59 2.82
N ALA A 23 17.37 5.78 1.71
CA ALA A 23 17.27 4.77 0.68
C ALA A 23 18.49 4.81 -0.23
N GLN A 24 19.02 3.65 -0.56
CA GLN A 24 20.21 3.54 -1.39
C GLN A 24 19.88 3.87 -2.84
N ALA A 25 20.27 5.07 -3.27
CA ALA A 25 20.02 5.51 -4.62
C ALA A 25 21.31 5.50 -5.44
N PRO A 26 21.24 5.11 -6.71
CA PRO A 26 22.41 5.06 -7.58
C PRO A 26 22.94 6.46 -7.90
N ALA A 27 23.97 6.86 -7.18
CA ALA A 27 24.61 8.14 -7.41
C ALA A 27 26.08 8.07 -7.00
N THR A 28 26.97 8.37 -7.92
CA THR A 28 28.39 8.33 -7.65
C THR A 28 29.09 9.56 -8.21
N THR A 29 30.05 10.08 -7.46
CA THR A 29 30.82 11.23 -7.89
C THR A 29 32.23 10.82 -8.26
N GLY A 30 32.44 9.51 -8.44
CA GLY A 30 33.75 8.99 -8.76
C GLY A 30 34.52 8.59 -7.52
N ALA A 31 35.11 9.57 -6.85
CA ALA A 31 35.77 9.33 -5.58
C ALA A 31 34.86 9.79 -4.43
N ALA A 32 34.23 8.82 -3.78
CA ALA A 32 33.29 9.14 -2.70
C ALA A 32 33.48 8.17 -1.54
N GLY A 33 33.54 8.70 -0.33
CA GLY A 33 33.72 7.88 0.85
C GLY A 33 32.41 7.38 1.40
N THR A 34 31.60 6.79 0.54
CA THR A 34 30.29 6.28 0.93
C THR A 34 30.42 4.92 1.59
N ALA A 35 30.30 4.91 2.92
CA ALA A 35 30.37 3.68 3.69
C ALA A 35 29.51 3.79 4.93
N PRO A 36 28.73 2.74 5.25
CA PRO A 36 27.91 2.69 6.46
C PRO A 36 28.77 2.52 7.71
N THR A 37 29.14 3.65 8.31
CA THR A 37 30.01 3.62 9.47
C THR A 37 29.23 3.94 10.75
N ALA A 38 27.96 4.28 10.58
CA ALA A 38 27.09 4.58 11.72
C ALA A 38 25.96 3.56 11.84
N PRO A 39 26.17 2.51 12.64
CA PRO A 39 25.16 1.47 12.85
C PRO A 39 24.06 1.90 13.81
N GLN A 40 22.86 2.06 13.30
CA GLN A 40 21.73 2.44 14.12
C GLN A 40 21.03 1.20 14.67
N PRO A 41 20.47 1.30 15.88
CA PRO A 41 19.78 0.16 16.53
C PRO A 41 18.56 -0.30 15.75
N THR A 42 18.37 -1.60 15.68
CA THR A 42 17.21 -2.20 15.03
C THR A 42 15.93 -1.81 15.77
N ALA A 43 15.03 -1.14 15.06
CA ALA A 43 13.79 -0.66 15.66
C ALA A 43 12.68 -0.61 14.63
N ALA A 44 11.51 -0.15 15.04
CA ALA A 44 10.36 -0.05 14.17
C ALA A 44 9.63 1.26 14.44
N PRO A 45 10.05 2.33 13.77
CA PRO A 45 9.53 3.66 14.01
C PRO A 45 8.17 3.91 13.34
N SER A 46 8.12 3.80 12.01
CA SER A 46 6.87 4.03 11.29
C SER A 46 6.88 3.28 9.95
N ILE A 47 5.70 2.90 9.50
CA ILE A 47 5.54 2.27 8.20
C ILE A 47 4.98 3.30 7.21
N ASP A 48 5.78 3.66 6.22
CA ASP A 48 5.33 4.63 5.23
C ASP A 48 4.71 3.91 4.04
N VAL A 49 3.40 4.06 3.88
CA VAL A 49 2.67 3.31 2.87
C VAL A 49 2.84 3.94 1.48
N ALA A 50 3.17 5.23 1.47
CA ALA A 50 3.28 5.97 0.21
C ALA A 50 4.34 5.38 -0.72
N PRO A 51 5.62 5.27 -0.30
CA PRO A 51 6.69 4.73 -1.15
C PRO A 51 6.48 3.25 -1.45
N ILE A 52 5.71 2.57 -0.63
CA ILE A 52 5.44 1.16 -0.84
C ILE A 52 4.52 0.96 -2.04
N LEU A 53 3.37 1.63 -2.03
CA LEU A 53 2.33 1.35 -3.01
C LEU A 53 2.59 2.06 -4.32
N ASP A 54 3.11 3.28 -4.25
CA ASP A 54 3.35 4.06 -5.46
C ASP A 54 4.34 3.36 -6.37
N LYS A 55 5.32 2.70 -5.77
CA LYS A 55 6.34 1.99 -6.55
C LYS A 55 5.87 0.57 -6.83
N ALA A 56 4.98 0.05 -5.99
CA ALA A 56 4.40 -1.27 -6.19
C ALA A 56 3.47 -1.26 -7.40
N VAL A 57 2.98 -0.08 -7.75
CA VAL A 57 2.18 0.09 -8.96
C VAL A 57 3.03 -0.25 -10.19
N LYS A 58 4.25 0.25 -10.18
CA LYS A 58 5.19 0.02 -11.26
C LYS A 58 5.75 -1.40 -11.20
N ALA A 59 5.65 -1.99 -10.01
CA ALA A 59 6.08 -3.36 -9.80
C ALA A 59 5.01 -4.34 -10.26
N LYS A 60 3.79 -3.84 -10.41
CA LYS A 60 2.69 -4.64 -10.92
C LYS A 60 2.78 -4.74 -12.43
N GLY A 61 2.88 -3.59 -13.09
CA GLY A 61 3.12 -3.58 -14.52
C GLY A 61 2.27 -2.58 -15.26
N GLU A 62 1.39 -1.90 -14.55
CA GLU A 62 0.48 -0.94 -15.17
C GLU A 62 0.33 0.31 -14.29
N LYS A 63 -0.21 1.37 -14.86
CA LYS A 63 -0.43 2.61 -14.12
C LYS A 63 -1.74 2.53 -13.35
N LEU A 64 -1.65 2.74 -12.05
CA LEU A 64 -2.82 2.68 -11.17
C LEU A 64 -2.83 3.91 -10.27
N GLU A 65 -3.98 4.22 -9.67
CA GLU A 65 -4.08 5.36 -8.77
C GLU A 65 -4.68 4.95 -7.42
N TRP A 66 -3.80 4.54 -6.50
CA TRP A 66 -4.23 4.04 -5.20
C TRP A 66 -4.61 5.19 -4.26
N ARG A 67 -4.15 6.38 -4.59
CA ARG A 67 -4.43 7.57 -3.79
C ARG A 67 -5.92 7.90 -3.81
N THR A 68 -6.58 7.48 -4.89
CA THR A 68 -7.99 7.78 -5.08
C THR A 68 -8.81 6.51 -5.17
N SER A 69 -8.33 5.56 -5.96
CA SER A 69 -9.09 4.37 -6.27
C SER A 69 -8.69 3.20 -5.37
N ILE A 70 -9.67 2.60 -4.73
CA ILE A 70 -9.42 1.50 -3.81
C ILE A 70 -9.22 0.20 -4.58
N VAL A 71 -9.87 0.10 -5.74
CA VAL A 71 -9.76 -1.09 -6.57
C VAL A 71 -8.37 -1.19 -7.18
N ASP A 72 -7.75 -0.04 -7.42
CA ASP A 72 -6.42 0.02 -8.01
C ASP A 72 -5.38 -0.61 -7.10
N LEU A 73 -5.34 -0.18 -5.85
CA LEU A 73 -4.37 -0.71 -4.91
C LEU A 73 -4.67 -2.16 -4.57
N MET A 74 -5.96 -2.52 -4.59
CA MET A 74 -6.38 -3.87 -4.28
C MET A 74 -5.71 -4.88 -5.22
N LYS A 75 -5.85 -4.65 -6.52
CA LYS A 75 -5.23 -5.53 -7.51
C LYS A 75 -3.72 -5.36 -7.51
N ALA A 76 -3.26 -4.11 -7.35
CA ALA A 76 -1.83 -3.78 -7.36
C ALA A 76 -1.02 -4.69 -6.46
N LEU A 77 -1.57 -5.04 -5.30
CA LEU A 77 -0.90 -5.97 -4.42
C LEU A 77 -1.00 -7.40 -4.97
N ASP A 78 -2.11 -8.07 -4.72
CA ASP A 78 -2.20 -9.51 -5.02
C ASP A 78 -3.65 -9.94 -5.28
N ILE A 79 -4.55 -8.98 -5.36
CA ILE A 79 -5.96 -9.32 -5.30
C ILE A 79 -6.63 -9.34 -6.67
N ASP A 80 -7.42 -10.39 -6.88
CA ASP A 80 -8.19 -10.61 -8.10
C ASP A 80 -8.99 -9.37 -8.52
N SER A 81 -9.69 -8.76 -7.56
CA SER A 81 -10.40 -7.49 -7.76
C SER A 81 -11.58 -7.61 -8.73
N SER A 82 -12.07 -8.84 -8.95
CA SER A 82 -13.22 -9.05 -9.80
C SER A 82 -14.50 -8.87 -8.99
N LEU A 83 -15.57 -9.55 -9.39
CA LEU A 83 -16.85 -9.43 -8.71
C LEU A 83 -16.74 -9.98 -7.29
N SER A 84 -16.22 -11.19 -7.15
CA SER A 84 -16.10 -11.83 -5.84
C SER A 84 -15.28 -10.97 -4.87
N ALA A 85 -14.26 -10.30 -5.38
CA ALA A 85 -13.39 -9.48 -4.55
C ALA A 85 -14.13 -8.26 -4.01
N ARG A 86 -14.78 -7.51 -4.90
CA ARG A 86 -15.52 -6.33 -4.49
C ARG A 86 -16.72 -6.73 -3.63
N LYS A 87 -17.17 -7.95 -3.81
CA LYS A 87 -18.31 -8.47 -3.08
C LYS A 87 -17.96 -8.71 -1.62
N GLU A 88 -16.86 -9.42 -1.37
CA GLU A 88 -16.49 -9.73 0.00
C GLU A 88 -15.92 -8.51 0.71
N LEU A 89 -15.05 -7.75 0.04
CA LEU A 89 -14.43 -6.59 0.65
C LEU A 89 -15.48 -5.60 1.14
N ALA A 90 -16.51 -5.42 0.32
CA ALA A 90 -17.61 -4.54 0.67
C ALA A 90 -18.35 -5.03 1.91
N LYS A 91 -18.65 -6.33 1.94
CA LYS A 91 -19.45 -6.89 3.04
C LYS A 91 -18.67 -6.91 4.35
N GLU A 92 -17.34 -7.02 4.28
CA GLU A 92 -16.52 -6.98 5.49
C GLU A 92 -16.62 -5.61 6.13
N LEU A 93 -16.90 -4.61 5.30
CA LEU A 93 -17.06 -3.24 5.76
C LEU A 93 -18.52 -2.96 6.11
N GLY A 94 -19.44 -3.39 5.26
CA GLY A 94 -20.85 -3.15 5.49
C GLY A 94 -21.71 -3.44 4.28
N TYR A 95 -21.11 -3.31 3.10
CA TYR A 95 -21.79 -3.56 1.82
C TYR A 95 -22.88 -2.51 1.58
N SER A 96 -22.80 -1.40 2.30
CA SER A 96 -23.76 -0.31 2.15
C SER A 96 -23.43 0.53 0.93
N GLY A 97 -23.70 -0.04 -0.25
CA GLY A 97 -23.45 0.65 -1.49
C GLY A 97 -23.91 -0.13 -2.70
N ASP A 98 -24.83 0.43 -3.46
CA ASP A 98 -25.36 -0.23 -4.66
C ASP A 98 -25.97 0.80 -5.59
N MET A 99 -26.94 1.56 -5.07
CA MET A 99 -27.64 2.58 -5.87
C MET A 99 -26.73 3.77 -6.18
N ASN A 100 -25.59 3.79 -5.53
CA ASN A 100 -24.61 4.85 -5.72
C ASN A 100 -23.58 4.44 -6.77
N ASP A 101 -23.83 3.28 -7.40
CA ASP A 101 -22.98 2.77 -8.47
C ASP A 101 -21.58 2.48 -7.93
N SER A 102 -20.67 2.10 -8.82
CA SER A 102 -19.29 1.85 -8.44
C SER A 102 -18.57 3.18 -8.25
N ALA A 103 -19.18 4.24 -8.76
CA ALA A 103 -18.65 5.60 -8.64
C ALA A 103 -18.45 5.97 -7.16
N SER A 104 -19.54 6.08 -6.42
CA SER A 104 -19.47 6.45 -5.02
C SER A 104 -18.94 5.28 -4.20
N MET A 105 -19.02 4.07 -4.76
CA MET A 105 -18.56 2.88 -4.05
C MET A 105 -17.05 2.86 -3.96
N ASN A 106 -16.38 3.40 -4.97
CA ASN A 106 -14.92 3.48 -4.99
C ASN A 106 -14.44 4.42 -3.89
N ILE A 107 -15.22 5.47 -3.64
CA ILE A 107 -14.85 6.47 -2.64
C ILE A 107 -15.11 5.96 -1.22
N TRP A 108 -16.35 5.56 -0.96
CA TRP A 108 -16.75 5.08 0.38
C TRP A 108 -15.85 3.94 0.85
N LEU A 109 -15.68 2.95 -0.01
CA LEU A 109 -14.92 1.75 0.33
C LEU A 109 -13.45 2.09 0.53
N HIS A 110 -12.96 3.07 -0.23
CA HIS A 110 -11.57 3.51 -0.11
C HIS A 110 -11.29 4.01 1.30
N LYS A 111 -12.20 4.80 1.83
CA LYS A 111 -12.02 5.41 3.15
C LYS A 111 -12.11 4.35 4.24
N GLN A 112 -13.09 3.48 4.12
CA GLN A 112 -13.34 2.47 5.16
C GLN A 112 -12.20 1.46 5.25
N VAL A 113 -11.64 1.07 4.11
CA VAL A 113 -10.49 0.18 4.09
C VAL A 113 -9.26 0.87 4.65
N MET A 114 -9.16 2.17 4.40
CA MET A 114 -8.05 2.96 4.93
C MET A 114 -8.09 2.97 6.46
N SER A 115 -9.31 2.97 7.01
CA SER A 115 -9.50 2.94 8.46
C SER A 115 -8.95 1.65 9.07
N LYS A 116 -8.63 0.69 8.23
CA LYS A 116 -8.01 -0.54 8.68
C LYS A 116 -6.51 -0.45 8.47
N LEU A 117 -6.11 -0.37 7.20
CA LEU A 117 -4.70 -0.37 6.77
C LEU A 117 -3.83 0.58 7.59
N VAL A 118 -4.08 1.88 7.46
CA VAL A 118 -3.20 2.87 8.08
C VAL A 118 -3.35 2.85 9.60
N ALA A 119 -4.41 2.22 10.07
CA ALA A 119 -4.64 2.09 11.51
C ALA A 119 -3.84 0.91 12.07
N ASN A 120 -3.21 0.13 11.18
CA ASN A 120 -2.30 -0.93 11.61
C ASN A 120 -0.93 -0.36 11.94
N GLY A 121 -0.72 0.92 11.61
CA GLY A 121 0.55 1.56 11.88
C GLY A 121 1.19 2.12 10.63
N GLY A 122 0.38 2.37 9.61
CA GLY A 122 0.89 2.89 8.36
C GLY A 122 0.62 4.37 8.20
N LYS A 123 1.62 5.10 7.76
CA LYS A 123 1.50 6.54 7.57
C LYS A 123 1.16 6.85 6.12
N LEU A 124 0.24 7.79 5.94
CA LEU A 124 -0.18 8.19 4.60
C LEU A 124 -0.08 9.71 4.46
N PRO A 125 0.18 10.20 3.23
CA PRO A 125 0.17 11.62 2.93
C PRO A 125 -1.24 12.15 2.78
N PRO A 126 -1.46 13.48 2.89
CA PRO A 126 -2.79 14.10 2.78
C PRO A 126 -3.41 13.97 1.39
N GLU A 127 -2.88 13.06 0.59
CA GLU A 127 -3.44 12.75 -0.72
C GLU A 127 -4.56 11.73 -0.59
N ILE A 128 -4.59 11.05 0.56
CA ILE A 128 -5.58 10.03 0.81
C ILE A 128 -6.82 10.62 1.46
N LYS A 129 -7.94 10.58 0.76
CA LYS A 129 -9.20 11.08 1.29
C LYS A 129 -9.79 10.05 2.25
N HIS A 130 -9.93 10.45 3.51
CA HIS A 130 -10.44 9.57 4.54
C HIS A 130 -11.57 10.25 5.30
N MET A 1 -13.38 -13.17 2.73
CA MET A 1 -12.31 -12.88 3.71
C MET A 1 -12.02 -11.38 3.74
N SER A 2 -11.13 -10.99 4.64
CA SER A 2 -10.88 -9.58 4.90
C SER A 2 -9.65 -9.12 4.14
N ILE A 3 -9.88 -8.60 2.95
CA ILE A 3 -8.79 -8.24 2.05
C ILE A 3 -8.00 -7.06 2.59
N PHE A 4 -8.65 -6.21 3.37
CA PHE A 4 -7.95 -5.08 3.99
C PHE A 4 -6.87 -5.58 4.96
N GLY A 5 -7.05 -6.78 5.49
CA GLY A 5 -6.05 -7.37 6.35
C GLY A 5 -5.07 -8.22 5.57
N LYS A 6 -5.35 -8.39 4.30
CA LYS A 6 -4.51 -9.19 3.42
C LYS A 6 -3.53 -8.30 2.67
N ILE A 7 -4.00 -7.13 2.23
CA ILE A 7 -3.16 -6.19 1.51
C ILE A 7 -2.07 -5.60 2.42
N MET A 8 -2.42 -5.36 3.68
CA MET A 8 -1.49 -4.75 4.62
C MET A 8 -0.41 -5.75 5.05
N SER A 9 -0.62 -7.02 4.70
CA SER A 9 0.35 -8.06 5.02
C SER A 9 1.66 -7.82 4.28
N ALA A 10 1.57 -7.17 3.12
CA ALA A 10 2.75 -6.86 2.33
C ALA A 10 3.22 -5.44 2.61
N ILE A 11 2.54 -4.77 3.51
CA ILE A 11 2.87 -3.39 3.87
C ILE A 11 3.51 -3.36 5.26
N PHE A 12 2.79 -3.90 6.23
CA PHE A 12 3.25 -3.94 7.62
C PHE A 12 4.00 -5.23 7.90
N GLY A 13 4.30 -5.97 6.84
CA GLY A 13 4.98 -7.25 6.99
C GLY A 13 6.34 -7.26 6.33
N ASP A 14 6.87 -6.07 6.04
CA ASP A 14 8.17 -5.96 5.41
C ASP A 14 9.02 -4.89 6.06
N SER A 15 10.32 -5.09 6.03
CA SER A 15 11.27 -4.12 6.51
C SER A 15 12.59 -4.28 5.75
N ALA A 16 12.55 -5.04 4.65
CA ALA A 16 13.77 -5.39 3.94
C ALA A 16 13.61 -5.33 2.42
N ALA A 17 12.42 -5.64 1.92
CA ALA A 17 12.20 -5.73 0.48
C ALA A 17 12.06 -4.33 -0.14
N ALA A 18 13.21 -3.71 -0.42
CA ALA A 18 13.25 -2.37 -1.02
C ALA A 18 12.59 -1.35 -0.10
N SER A 19 12.67 -1.60 1.19
CA SER A 19 12.12 -0.70 2.20
C SER A 19 12.77 0.68 2.13
N PRO A 20 12.02 1.73 2.51
CA PRO A 20 12.50 3.12 2.43
C PRO A 20 13.75 3.36 3.29
N GLY A 21 14.90 3.39 2.64
CA GLY A 21 16.15 3.64 3.34
C GLY A 21 17.27 4.02 2.39
N GLY A 22 18.00 5.07 2.73
CA GLY A 22 19.09 5.52 1.88
C GLY A 22 20.37 4.76 2.16
N ALA A 23 20.52 3.62 1.51
CA ALA A 23 21.72 2.80 1.69
C ALA A 23 22.10 2.11 0.37
N GLN A 24 23.25 2.47 -0.16
CA GLN A 24 23.77 1.82 -1.36
C GLN A 24 24.69 0.69 -0.98
N ALA A 25 24.39 -0.50 -1.47
CA ALA A 25 25.19 -1.68 -1.16
C ALA A 25 26.35 -1.82 -2.15
N PRO A 26 27.60 -1.74 -1.63
CA PRO A 26 28.79 -1.87 -2.48
C PRO A 26 28.99 -3.30 -2.97
N ALA A 27 29.00 -3.45 -4.29
CA ALA A 27 29.18 -4.77 -4.89
C ALA A 27 30.65 -5.14 -4.97
N THR A 28 31.18 -5.66 -3.88
CA THR A 28 32.56 -6.11 -3.85
C THR A 28 32.73 -7.31 -4.78
N THR A 29 33.41 -7.09 -5.90
CA THR A 29 33.52 -8.09 -6.94
C THR A 29 34.98 -8.25 -7.38
N GLY A 30 35.40 -9.49 -7.58
CA GLY A 30 36.74 -9.76 -8.06
C GLY A 30 37.42 -10.86 -7.28
N ALA A 31 38.75 -10.84 -7.28
CA ALA A 31 39.52 -11.79 -6.52
C ALA A 31 40.11 -11.13 -5.29
N ALA A 32 39.70 -11.64 -4.11
CA ALA A 32 40.11 -11.08 -2.82
C ALA A 32 39.58 -9.67 -2.65
N GLY A 33 38.47 -9.55 -1.93
CA GLY A 33 37.85 -8.26 -1.74
C GLY A 33 37.55 -7.99 -0.29
N THR A 34 37.54 -6.72 0.09
CA THR A 34 37.31 -6.35 1.47
C THR A 34 35.88 -5.86 1.67
N ALA A 35 35.02 -6.76 2.13
CA ALA A 35 33.63 -6.43 2.38
C ALA A 35 33.36 -6.42 3.89
N PRO A 36 32.97 -5.26 4.43
CA PRO A 36 32.69 -5.12 5.86
C PRO A 36 31.30 -5.60 6.25
N THR A 37 31.12 -5.88 7.53
CA THR A 37 29.81 -6.24 8.05
C THR A 37 29.39 -5.23 9.12
N ALA A 38 28.45 -4.37 8.75
CA ALA A 38 27.98 -3.33 9.66
C ALA A 38 26.79 -3.81 10.48
N PRO A 39 26.61 -3.24 11.69
CA PRO A 39 25.46 -3.53 12.54
C PRO A 39 24.22 -2.76 12.10
N GLN A 40 23.20 -3.50 11.68
CA GLN A 40 21.94 -2.89 11.24
C GLN A 40 20.94 -2.83 12.39
N PRO A 41 20.66 -1.62 12.89
CA PRO A 41 19.64 -1.40 13.91
C PRO A 41 18.24 -1.35 13.28
N THR A 42 17.51 -2.45 13.38
CA THR A 42 16.19 -2.55 12.80
C THR A 42 15.17 -1.79 13.64
N ALA A 43 14.89 -0.56 13.25
CA ALA A 43 13.95 0.28 13.97
C ALA A 43 12.99 0.97 13.01
N ALA A 44 11.75 1.12 13.43
CA ALA A 44 10.71 1.72 12.61
C ALA A 44 9.53 2.13 13.48
N PRO A 45 9.54 3.38 13.97
CA PRO A 45 8.49 3.88 14.86
C PRO A 45 7.20 4.20 14.11
N SER A 46 7.31 4.35 12.80
CA SER A 46 6.17 4.66 11.96
C SER A 46 6.31 3.95 10.61
N ILE A 47 5.19 3.59 10.02
CA ILE A 47 5.21 2.86 8.76
C ILE A 47 4.75 3.77 7.62
N ASP A 48 5.65 4.04 6.68
CA ASP A 48 5.30 4.88 5.54
C ASP A 48 4.75 4.01 4.43
N VAL A 49 3.48 4.20 4.12
CA VAL A 49 2.80 3.34 3.14
C VAL A 49 3.01 3.86 1.72
N ALA A 50 3.37 5.13 1.61
CA ALA A 50 3.50 5.79 0.32
C ALA A 50 4.53 5.11 -0.60
N PRO A 51 5.79 4.93 -0.15
CA PRO A 51 6.85 4.36 -1.00
C PRO A 51 6.60 2.90 -1.35
N ILE A 52 5.63 2.28 -0.69
CA ILE A 52 5.30 0.90 -0.97
C ILE A 52 4.28 0.82 -2.10
N LEU A 53 3.17 1.53 -1.97
CA LEU A 53 2.08 1.43 -2.94
C LEU A 53 2.38 2.26 -4.19
N ASP A 54 3.02 3.40 -4.03
CA ASP A 54 3.28 4.29 -5.16
C ASP A 54 4.21 3.63 -6.17
N LYS A 55 5.12 2.81 -5.68
CA LYS A 55 6.06 2.14 -6.56
C LYS A 55 5.49 0.81 -7.03
N ALA A 56 4.65 0.20 -6.18
CA ALA A 56 3.97 -1.04 -6.54
C ALA A 56 3.06 -0.82 -7.74
N VAL A 57 2.52 0.39 -7.86
CA VAL A 57 1.72 0.79 -9.01
C VAL A 57 2.45 0.47 -10.32
N LYS A 58 3.66 0.98 -10.45
CA LYS A 58 4.41 0.84 -11.70
C LYS A 58 5.07 -0.53 -11.79
N ALA A 59 5.11 -1.25 -10.67
CA ALA A 59 5.64 -2.60 -10.65
C ALA A 59 4.57 -3.60 -11.02
N LYS A 60 3.32 -3.22 -10.78
CA LYS A 60 2.17 -4.05 -11.16
C LYS A 60 2.04 -4.07 -12.67
N GLY A 61 2.03 -2.88 -13.27
CA GLY A 61 2.04 -2.81 -14.71
C GLY A 61 1.31 -1.60 -15.27
N GLU A 62 0.11 -1.36 -14.78
CA GLU A 62 -0.75 -0.31 -15.34
C GLU A 62 -0.62 0.99 -14.55
N LYS A 63 -1.16 2.07 -15.11
CA LYS A 63 -1.15 3.35 -14.43
C LYS A 63 -2.24 3.38 -13.38
N LEU A 64 -1.83 3.41 -12.13
CA LEU A 64 -2.76 3.38 -11.01
C LEU A 64 -2.64 4.64 -10.17
N GLU A 65 -3.56 4.84 -9.24
CA GLU A 65 -3.47 5.91 -8.27
C GLU A 65 -4.28 5.56 -7.02
N TRP A 66 -3.61 4.86 -6.12
CA TRP A 66 -4.20 4.36 -4.88
C TRP A 66 -4.73 5.49 -3.99
N ARG A 67 -4.32 6.72 -4.30
CA ARG A 67 -4.74 7.87 -3.53
C ARG A 67 -6.21 8.17 -3.74
N THR A 68 -6.81 7.61 -4.79
CA THR A 68 -8.21 7.84 -5.08
C THR A 68 -8.99 6.52 -5.21
N SER A 69 -8.39 5.53 -5.85
CA SER A 69 -9.07 4.31 -6.21
C SER A 69 -8.79 3.20 -5.21
N ILE A 70 -9.84 2.46 -4.82
CA ILE A 70 -9.68 1.39 -3.83
C ILE A 70 -9.34 0.06 -4.51
N VAL A 71 -9.94 -0.19 -5.67
CA VAL A 71 -9.63 -1.40 -6.43
C VAL A 71 -8.19 -1.32 -6.90
N ASP A 72 -7.73 -0.09 -6.99
CA ASP A 72 -6.38 0.25 -7.39
C ASP A 72 -5.35 -0.41 -6.47
N LEU A 73 -5.30 0.06 -5.24
CA LEU A 73 -4.32 -0.42 -4.26
C LEU A 73 -4.52 -1.90 -3.93
N MET A 74 -5.75 -2.38 -4.07
CA MET A 74 -6.06 -3.77 -3.80
C MET A 74 -5.24 -4.69 -4.72
N LYS A 75 -5.40 -4.51 -6.02
CA LYS A 75 -4.67 -5.34 -6.97
C LYS A 75 -3.19 -4.99 -6.97
N ALA A 76 -2.88 -3.72 -6.70
CA ALA A 76 -1.49 -3.24 -6.68
C ALA A 76 -0.59 -4.12 -5.82
N LEU A 77 -1.07 -4.49 -4.63
CA LEU A 77 -0.31 -5.37 -3.75
C LEU A 77 -0.16 -6.75 -4.38
N ASP A 78 -1.25 -7.50 -4.45
CA ASP A 78 -1.22 -8.85 -5.03
C ASP A 78 -2.61 -9.48 -4.97
N ILE A 79 -3.64 -8.65 -5.04
CA ILE A 79 -4.99 -9.17 -4.92
C ILE A 79 -5.61 -9.37 -6.30
N ASP A 80 -6.37 -10.46 -6.43
CA ASP A 80 -6.91 -10.90 -7.72
C ASP A 80 -7.73 -9.82 -8.41
N SER A 81 -8.36 -8.97 -7.60
CA SER A 81 -9.28 -7.93 -8.08
C SER A 81 -10.39 -8.52 -8.94
N SER A 82 -10.62 -9.81 -8.78
CA SER A 82 -11.66 -10.52 -9.52
C SER A 82 -12.98 -10.40 -8.78
N LEU A 83 -14.03 -11.02 -9.31
CA LEU A 83 -15.36 -10.98 -8.70
C LEU A 83 -15.29 -11.32 -7.22
N SER A 84 -14.64 -12.44 -6.92
CA SER A 84 -14.53 -12.92 -5.55
C SER A 84 -13.98 -11.84 -4.61
N ALA A 85 -12.88 -11.21 -5.03
CA ALA A 85 -12.17 -10.25 -4.20
C ALA A 85 -13.03 -9.01 -3.90
N ARG A 86 -13.44 -8.30 -4.95
CA ARG A 86 -14.21 -7.07 -4.77
C ARG A 86 -15.55 -7.36 -4.08
N LYS A 87 -16.04 -8.57 -4.22
CA LYS A 87 -17.29 -8.97 -3.60
C LYS A 87 -17.10 -9.09 -2.09
N GLU A 88 -16.08 -9.84 -1.67
CA GLU A 88 -15.89 -10.14 -0.25
C GLU A 88 -15.38 -8.94 0.52
N LEU A 89 -14.60 -8.08 -0.13
CA LEU A 89 -14.08 -6.89 0.52
C LEU A 89 -15.22 -6.00 0.97
N ALA A 90 -16.22 -5.83 0.10
CA ALA A 90 -17.38 -5.04 0.44
C ALA A 90 -18.22 -5.73 1.51
N LYS A 91 -18.29 -7.06 1.43
CA LYS A 91 -19.05 -7.87 2.38
C LYS A 91 -18.53 -7.70 3.81
N GLU A 92 -17.21 -7.65 3.95
CA GLU A 92 -16.57 -7.50 5.26
C GLU A 92 -16.96 -6.17 5.89
N LEU A 93 -17.13 -5.16 5.06
CA LEU A 93 -17.48 -3.83 5.53
C LEU A 93 -18.98 -3.69 5.75
N GLY A 94 -19.77 -4.36 4.93
CA GLY A 94 -21.21 -4.31 5.09
C GLY A 94 -21.95 -4.60 3.80
N TYR A 95 -21.32 -4.27 2.66
CA TYR A 95 -21.89 -4.52 1.33
C TYR A 95 -23.14 -3.67 1.10
N SER A 96 -23.34 -2.69 1.97
CA SER A 96 -24.52 -1.83 1.89
C SER A 96 -24.22 -0.62 1.02
N GLY A 97 -24.56 -0.72 -0.26
CA GLY A 97 -24.37 0.37 -1.18
C GLY A 97 -25.39 0.34 -2.29
N ASP A 98 -25.99 1.48 -2.59
CA ASP A 98 -27.06 1.57 -3.58
C ASP A 98 -27.18 2.98 -4.15
N MET A 99 -27.63 3.90 -3.31
CA MET A 99 -27.89 5.29 -3.73
C MET A 99 -26.61 6.03 -4.09
N ASN A 100 -25.47 5.40 -3.80
CA ASN A 100 -24.17 5.99 -4.09
C ASN A 100 -23.71 5.68 -5.51
N ASP A 101 -24.44 4.80 -6.20
CA ASP A 101 -24.10 4.43 -7.57
C ASP A 101 -22.73 3.74 -7.60
N SER A 102 -22.30 3.28 -8.77
CA SER A 102 -20.97 2.71 -8.91
C SER A 102 -19.90 3.78 -8.67
N ALA A 103 -20.30 5.04 -8.88
CA ALA A 103 -19.42 6.18 -8.68
C ALA A 103 -18.90 6.27 -7.26
N SER A 104 -19.80 6.55 -6.31
CA SER A 104 -19.42 6.75 -4.93
C SER A 104 -19.12 5.42 -4.25
N MET A 105 -19.33 4.32 -4.97
CA MET A 105 -19.01 2.99 -4.47
C MET A 105 -17.50 2.84 -4.36
N ASN A 106 -16.79 3.37 -5.35
CA ASN A 106 -15.33 3.35 -5.36
C ASN A 106 -14.80 4.32 -4.31
N ILE A 107 -15.50 5.43 -4.15
CA ILE A 107 -15.10 6.47 -3.19
C ILE A 107 -15.26 5.98 -1.76
N TRP A 108 -16.46 5.50 -1.42
CA TRP A 108 -16.75 5.03 -0.07
C TRP A 108 -15.83 3.88 0.31
N LEU A 109 -15.79 2.85 -0.53
CA LEU A 109 -15.01 1.65 -0.27
C LEU A 109 -13.54 2.02 -0.04
N HIS A 110 -13.08 3.03 -0.78
CA HIS A 110 -11.70 3.48 -0.69
C HIS A 110 -11.37 4.00 0.71
N LYS A 111 -12.32 4.70 1.33
CA LYS A 111 -12.07 5.30 2.62
C LYS A 111 -12.26 4.28 3.73
N GLN A 112 -13.31 3.48 3.62
CA GLN A 112 -13.62 2.48 4.64
C GLN A 112 -12.50 1.46 4.78
N VAL A 113 -11.99 0.98 3.65
CA VAL A 113 -10.88 0.03 3.66
C VAL A 113 -9.60 0.69 4.16
N MET A 114 -9.41 1.95 3.81
CA MET A 114 -8.21 2.67 4.19
C MET A 114 -8.16 2.85 5.71
N SER A 115 -9.34 2.94 6.31
CA SER A 115 -9.47 3.07 7.75
C SER A 115 -9.01 1.78 8.43
N LYS A 116 -9.09 0.67 7.70
CA LYS A 116 -8.66 -0.62 8.23
C LYS A 116 -7.19 -0.84 7.91
N LEU A 117 -6.64 0.04 7.09
CA LEU A 117 -5.28 -0.11 6.58
C LEU A 117 -4.32 0.81 7.33
N VAL A 118 -4.43 2.12 7.09
CA VAL A 118 -3.45 3.08 7.58
C VAL A 118 -3.60 3.34 9.08
N ALA A 119 -4.77 3.01 9.62
CA ALA A 119 -5.01 3.21 11.05
C ALA A 119 -4.25 2.18 11.88
N ASN A 120 -3.52 1.31 11.20
CA ASN A 120 -2.68 0.32 11.86
C ASN A 120 -1.33 0.92 12.23
N GLY A 121 -1.14 2.19 11.90
CA GLY A 121 0.10 2.87 12.21
C GLY A 121 0.84 3.32 10.99
N GLY A 122 0.14 3.42 9.87
CA GLY A 122 0.75 3.85 8.63
C GLY A 122 0.60 5.33 8.39
N LYS A 123 1.64 5.95 7.86
CA LYS A 123 1.65 7.36 7.54
C LYS A 123 1.43 7.53 6.04
N LEU A 124 0.55 8.44 5.67
CA LEU A 124 0.22 8.66 4.27
C LEU A 124 0.17 10.15 3.94
N PRO A 125 0.43 10.52 2.68
CA PRO A 125 0.29 11.90 2.21
C PRO A 125 -1.13 12.42 2.44
N PRO A 126 -1.28 13.71 2.75
CA PRO A 126 -2.58 14.32 3.11
C PRO A 126 -3.59 14.39 1.95
N GLU A 127 -3.46 13.49 0.99
CA GLU A 127 -4.39 13.42 -0.13
C GLU A 127 -5.41 12.31 0.11
N ILE A 128 -5.05 11.41 1.01
CA ILE A 128 -5.90 10.27 1.32
C ILE A 128 -6.67 10.53 2.61
N LYS A 129 -7.84 9.91 2.75
CA LYS A 129 -8.73 10.08 3.90
C LYS A 129 -9.43 11.43 3.84
N HIS A 130 -10.72 11.38 3.58
CA HIS A 130 -11.53 12.58 3.45
C HIS A 130 -13.00 12.19 3.37
N MET A 1 -13.47 -12.83 3.16
CA MET A 1 -12.55 -13.04 4.29
C MET A 1 -12.15 -11.69 4.91
N SER A 2 -11.13 -11.06 4.34
CA SER A 2 -10.62 -9.77 4.80
C SER A 2 -9.44 -9.34 3.96
N ILE A 3 -9.71 -8.80 2.77
CA ILE A 3 -8.65 -8.38 1.86
C ILE A 3 -7.71 -7.36 2.53
N PHE A 4 -8.29 -6.45 3.30
CA PHE A 4 -7.51 -5.44 4.02
C PHE A 4 -6.54 -6.09 5.01
N GLY A 5 -6.93 -7.25 5.55
CA GLY A 5 -6.08 -7.94 6.48
C GLY A 5 -5.10 -8.87 5.78
N LYS A 6 -5.19 -8.92 4.46
CA LYS A 6 -4.32 -9.74 3.65
C LYS A 6 -3.22 -8.88 3.04
N ILE A 7 -3.61 -7.72 2.54
CA ILE A 7 -2.67 -6.80 1.88
C ILE A 7 -1.70 -6.17 2.88
N MET A 8 -2.15 -6.00 4.12
CA MET A 8 -1.34 -5.34 5.14
C MET A 8 -0.15 -6.22 5.54
N SER A 9 -0.21 -7.50 5.20
CA SER A 9 0.84 -8.44 5.56
C SER A 9 2.13 -8.13 4.81
N ALA A 10 2.02 -7.33 3.76
CA ALA A 10 3.18 -6.93 2.98
C ALA A 10 3.57 -5.49 3.28
N ILE A 11 2.58 -4.60 3.31
CA ILE A 11 2.81 -3.18 3.59
C ILE A 11 3.47 -2.99 4.95
N PHE A 12 2.96 -3.69 5.95
CA PHE A 12 3.48 -3.57 7.31
C PHE A 12 4.39 -4.74 7.62
N GLY A 13 4.83 -5.43 6.58
CA GLY A 13 5.67 -6.59 6.76
C GLY A 13 6.87 -6.59 5.86
N ASP A 14 7.50 -5.42 5.70
CA ASP A 14 8.70 -5.34 4.88
C ASP A 14 9.82 -6.14 5.52
N SER A 15 10.29 -7.11 4.78
CA SER A 15 11.41 -7.93 5.20
C SER A 15 12.40 -8.05 4.05
N ALA A 16 12.19 -7.22 3.03
CA ALA A 16 12.99 -7.26 1.82
C ALA A 16 13.95 -6.08 1.77
N ALA A 17 13.91 -5.26 2.82
CA ALA A 17 14.76 -4.07 2.92
C ALA A 17 14.38 -3.07 1.82
N ALA A 18 13.08 -2.88 1.64
CA ALA A 18 12.57 -1.95 0.65
C ALA A 18 11.98 -0.72 1.33
N SER A 19 12.34 -0.55 2.60
CA SER A 19 11.87 0.56 3.40
C SER A 19 12.21 1.91 2.74
N PRO A 20 11.24 2.84 2.75
CA PRO A 20 11.41 4.16 2.14
C PRO A 20 12.63 4.89 2.68
N GLY A 21 13.58 5.16 1.80
CA GLY A 21 14.81 5.83 2.20
C GLY A 21 16.02 4.98 1.93
N GLY A 22 15.84 3.66 1.99
CA GLY A 22 16.95 2.75 1.78
C GLY A 22 17.23 2.49 0.31
N ALA A 23 17.38 3.57 -0.46
CA ALA A 23 17.64 3.46 -1.88
C ALA A 23 18.66 4.50 -2.32
N GLN A 24 19.93 4.17 -2.15
CA GLN A 24 21.01 5.05 -2.57
C GLN A 24 21.59 4.56 -3.89
N ALA A 25 22.42 5.38 -4.50
CA ALA A 25 23.15 4.97 -5.69
C ALA A 25 24.55 4.52 -5.29
N PRO A 26 24.83 3.20 -5.40
CA PRO A 26 26.13 2.63 -5.00
C PRO A 26 27.30 3.27 -5.74
N ALA A 27 28.27 3.73 -5.00
CA ALA A 27 29.42 4.40 -5.58
C ALA A 27 30.52 3.39 -5.90
N THR A 28 31.32 3.69 -6.91
CA THR A 28 32.42 2.82 -7.29
C THR A 28 33.51 2.86 -6.23
N THR A 29 33.83 1.69 -5.68
CA THR A 29 34.82 1.57 -4.63
C THR A 29 36.16 2.15 -5.05
N GLY A 30 36.57 3.22 -4.38
CA GLY A 30 37.80 3.90 -4.73
C GLY A 30 38.32 4.75 -3.58
N ALA A 31 38.44 6.04 -3.82
CA ALA A 31 38.96 6.96 -2.81
C ALA A 31 37.82 7.55 -1.97
N ALA A 32 36.63 7.00 -2.13
CA ALA A 32 35.46 7.46 -1.40
C ALA A 32 35.08 6.48 -0.30
N GLY A 33 36.03 5.63 0.06
CA GLY A 33 35.78 4.62 1.06
C GLY A 33 36.24 5.06 2.44
N THR A 34 35.72 6.19 2.89
CA THR A 34 36.06 6.71 4.20
C THR A 34 35.08 6.18 5.25
N ALA A 35 35.41 5.01 5.80
CA ALA A 35 34.59 4.35 6.81
C ALA A 35 33.32 3.73 6.21
N PRO A 36 33.01 2.48 6.59
CA PRO A 36 31.81 1.80 6.11
C PRO A 36 30.54 2.42 6.68
N THR A 37 29.91 3.27 5.89
CA THR A 37 28.70 3.94 6.31
C THR A 37 27.53 2.97 6.36
N ALA A 38 27.11 2.62 7.58
CA ALA A 38 26.02 1.69 7.77
C ALA A 38 25.07 2.19 8.85
N PRO A 39 23.75 2.19 8.56
CA PRO A 39 22.72 2.59 9.52
C PRO A 39 22.49 1.53 10.59
N GLN A 40 22.86 1.85 11.83
CA GLN A 40 22.72 0.93 12.94
C GLN A 40 21.27 0.87 13.47
N PRO A 41 20.65 2.03 13.79
CA PRO A 41 19.30 2.06 14.37
C PRO A 41 18.25 1.42 13.46
N THR A 42 17.91 0.18 13.76
CA THR A 42 16.90 -0.53 13.00
C THR A 42 15.54 -0.39 13.68
N ALA A 43 14.82 0.64 13.28
CA ALA A 43 13.50 0.93 13.83
C ALA A 43 12.70 1.76 12.84
N ALA A 44 11.39 1.77 13.04
CA ALA A 44 10.49 2.51 12.15
C ALA A 44 9.20 2.81 12.89
N PRO A 45 9.15 3.99 13.54
CA PRO A 45 8.00 4.39 14.37
C PRO A 45 6.82 4.86 13.53
N SER A 46 7.03 5.00 12.24
CA SER A 46 5.98 5.42 11.34
C SER A 46 6.12 4.70 10.00
N ILE A 47 5.14 3.88 9.66
CA ILE A 47 5.13 3.17 8.39
C ILE A 47 4.49 4.03 7.32
N ASP A 48 5.29 4.60 6.45
CA ASP A 48 4.76 5.47 5.41
C ASP A 48 4.24 4.62 4.26
N VAL A 49 2.93 4.60 4.10
CA VAL A 49 2.30 3.72 3.13
C VAL A 49 2.38 4.30 1.72
N ALA A 50 2.67 5.59 1.63
CA ALA A 50 2.65 6.28 0.35
C ALA A 50 3.67 5.69 -0.64
N PRO A 51 4.98 5.66 -0.31
CA PRO A 51 6.00 5.13 -1.22
C PRO A 51 5.83 3.65 -1.49
N ILE A 52 5.34 2.91 -0.48
CA ILE A 52 5.14 1.47 -0.60
C ILE A 52 4.21 1.14 -1.76
N LEU A 53 3.06 1.79 -1.79
CA LEU A 53 2.06 1.50 -2.80
C LEU A 53 2.36 2.27 -4.09
N ASP A 54 3.04 3.40 -3.94
CA ASP A 54 3.43 4.22 -5.09
C ASP A 54 4.36 3.43 -6.01
N LYS A 55 5.21 2.60 -5.42
CA LYS A 55 6.12 1.78 -6.19
C LYS A 55 5.48 0.43 -6.50
N ALA A 56 4.51 0.05 -5.67
CA ALA A 56 3.74 -1.18 -5.89
C ALA A 56 2.96 -1.10 -7.20
N VAL A 57 2.60 0.12 -7.57
CA VAL A 57 1.97 0.39 -8.87
C VAL A 57 2.90 -0.06 -9.99
N LYS A 58 4.16 0.33 -9.87
CA LYS A 58 5.18 0.00 -10.85
C LYS A 58 5.50 -1.49 -10.81
N ALA A 59 5.35 -2.07 -9.62
CA ALA A 59 5.59 -3.50 -9.45
C ALA A 59 4.43 -4.31 -10.02
N LYS A 60 3.26 -3.70 -10.13
CA LYS A 60 2.10 -4.37 -10.72
C LYS A 60 2.23 -4.38 -12.23
N GLY A 61 2.62 -3.25 -12.80
CA GLY A 61 2.92 -3.22 -14.22
C GLY A 61 2.71 -1.86 -14.86
N GLU A 62 1.50 -1.35 -14.77
CA GLU A 62 1.13 -0.15 -15.52
C GLU A 62 0.92 1.04 -14.59
N LYS A 63 0.66 2.21 -15.19
CA LYS A 63 0.41 3.42 -14.43
C LYS A 63 -0.95 3.32 -13.75
N LEU A 64 -0.94 3.38 -12.44
CA LEU A 64 -2.15 3.24 -11.64
C LEU A 64 -2.15 4.28 -10.54
N GLU A 65 -3.26 4.41 -9.83
CA GLU A 65 -3.38 5.42 -8.79
C GLU A 65 -4.21 4.93 -7.61
N TRP A 66 -3.55 4.20 -6.71
CA TRP A 66 -4.17 3.69 -5.48
C TRP A 66 -4.72 4.81 -4.61
N ARG A 67 -4.25 6.02 -4.86
CA ARG A 67 -4.59 7.17 -4.06
C ARG A 67 -6.06 7.56 -4.25
N THR A 68 -6.65 7.09 -5.35
CA THR A 68 -8.06 7.31 -5.59
C THR A 68 -8.78 5.99 -5.89
N SER A 69 -8.05 5.02 -6.42
CA SER A 69 -8.63 3.74 -6.78
C SER A 69 -8.36 2.71 -5.70
N ILE A 70 -9.41 2.27 -5.00
CA ILE A 70 -9.27 1.27 -3.96
C ILE A 70 -9.00 -0.11 -4.57
N VAL A 71 -9.50 -0.31 -5.77
CA VAL A 71 -9.31 -1.56 -6.49
C VAL A 71 -7.83 -1.73 -6.88
N ASP A 72 -7.17 -0.60 -7.11
CA ASP A 72 -5.78 -0.59 -7.54
C ASP A 72 -4.86 -1.21 -6.50
N LEU A 73 -4.76 -0.58 -5.33
CA LEU A 73 -3.86 -1.06 -4.30
C LEU A 73 -4.16 -2.51 -3.92
N MET A 74 -5.41 -2.92 -4.13
CA MET A 74 -5.82 -4.28 -3.85
C MET A 74 -5.07 -5.27 -4.76
N LYS A 75 -4.96 -4.94 -6.04
CA LYS A 75 -4.29 -5.84 -6.97
C LYS A 75 -2.77 -5.73 -6.83
N ALA A 76 -2.30 -4.52 -6.56
CA ALA A 76 -0.86 -4.23 -6.49
C ALA A 76 -0.19 -5.10 -5.43
N LEU A 77 -0.89 -5.36 -4.34
CA LEU A 77 -0.35 -6.22 -3.29
C LEU A 77 -0.30 -7.68 -3.72
N ASP A 78 -1.45 -8.34 -3.78
CA ASP A 78 -1.48 -9.79 -4.02
C ASP A 78 -2.91 -10.27 -4.26
N ILE A 79 -3.77 -9.42 -4.80
CA ILE A 79 -5.18 -9.77 -4.91
C ILE A 79 -5.65 -9.72 -6.38
N ASP A 80 -6.62 -10.57 -6.71
CA ASP A 80 -7.16 -10.69 -8.07
C ASP A 80 -7.70 -9.37 -8.59
N SER A 81 -8.30 -8.60 -7.68
CA SER A 81 -8.94 -7.31 -7.96
C SER A 81 -10.14 -7.46 -8.90
N SER A 82 -10.52 -8.70 -9.18
CA SER A 82 -11.67 -8.97 -10.03
C SER A 82 -12.94 -8.90 -9.20
N LEU A 83 -14.07 -9.30 -9.78
CA LEU A 83 -15.37 -9.21 -9.11
C LEU A 83 -15.32 -9.94 -7.76
N SER A 84 -14.63 -11.08 -7.73
CA SER A 84 -14.48 -11.86 -6.50
C SER A 84 -13.93 -11.01 -5.36
N ALA A 85 -12.97 -10.14 -5.70
CA ALA A 85 -12.31 -9.30 -4.71
C ALA A 85 -13.23 -8.18 -4.23
N ARG A 86 -13.79 -7.44 -5.18
CA ARG A 86 -14.68 -6.32 -4.85
C ARG A 86 -15.94 -6.82 -4.14
N LYS A 87 -16.26 -8.09 -4.34
CA LYS A 87 -17.44 -8.69 -3.75
C LYS A 87 -17.25 -8.89 -2.26
N GLU A 88 -16.17 -9.56 -1.88
CA GLU A 88 -15.94 -9.83 -0.47
C GLU A 88 -15.56 -8.56 0.27
N LEU A 89 -14.62 -7.80 -0.27
CA LEU A 89 -14.11 -6.59 0.39
C LEU A 89 -15.24 -5.66 0.82
N ALA A 90 -16.21 -5.48 -0.06
CA ALA A 90 -17.32 -4.58 0.19
C ALA A 90 -18.25 -5.11 1.28
N LYS A 91 -18.59 -6.39 1.21
CA LYS A 91 -19.56 -6.96 2.13
C LYS A 91 -19.00 -7.10 3.54
N GLU A 92 -17.68 -7.32 3.64
CA GLU A 92 -17.04 -7.46 4.95
C GLU A 92 -17.12 -6.15 5.72
N LEU A 93 -16.96 -5.04 5.00
CA LEU A 93 -17.00 -3.71 5.62
C LEU A 93 -18.44 -3.26 5.86
N GLY A 94 -19.38 -3.91 5.18
CA GLY A 94 -20.78 -3.59 5.37
C GLY A 94 -21.33 -2.75 4.25
N TYR A 95 -21.09 -3.17 3.02
CA TYR A 95 -21.66 -2.49 1.85
C TYR A 95 -23.15 -2.76 1.80
N SER A 96 -23.92 -1.83 2.35
CA SER A 96 -25.37 -1.94 2.33
C SER A 96 -25.96 -0.69 1.68
N GLY A 97 -26.38 -0.82 0.44
CA GLY A 97 -26.91 0.31 -0.27
C GLY A 97 -27.38 -0.07 -1.65
N ASP A 98 -27.57 0.94 -2.49
CA ASP A 98 -28.11 0.73 -3.84
C ASP A 98 -28.10 2.06 -4.58
N MET A 99 -28.59 3.09 -3.89
CA MET A 99 -28.72 4.43 -4.46
C MET A 99 -27.36 5.13 -4.60
N ASN A 100 -26.33 4.51 -4.05
CA ASN A 100 -24.99 5.09 -4.09
C ASN A 100 -24.32 4.82 -5.43
N ASP A 101 -24.84 3.83 -6.16
CA ASP A 101 -24.34 3.47 -7.48
C ASP A 101 -22.85 3.09 -7.40
N SER A 102 -22.16 3.11 -8.53
CA SER A 102 -20.75 2.78 -8.57
C SER A 102 -19.90 3.98 -8.16
N ALA A 103 -20.49 5.17 -8.25
CA ALA A 103 -19.80 6.40 -7.97
C ALA A 103 -19.37 6.48 -6.50
N SER A 104 -20.34 6.47 -5.61
CA SER A 104 -20.06 6.57 -4.18
C SER A 104 -19.45 5.28 -3.66
N MET A 105 -19.58 4.22 -4.44
CA MET A 105 -19.06 2.91 -4.07
C MET A 105 -17.54 2.94 -3.96
N ASN A 106 -16.89 3.55 -4.94
CA ASN A 106 -15.43 3.65 -4.93
C ASN A 106 -14.97 4.64 -3.86
N ILE A 107 -15.74 5.69 -3.67
CA ILE A 107 -15.42 6.73 -2.70
C ILE A 107 -15.45 6.17 -1.27
N TRP A 108 -16.56 5.55 -0.91
CA TRP A 108 -16.75 5.01 0.44
C TRP A 108 -15.75 3.88 0.73
N LEU A 109 -15.65 2.93 -0.19
CA LEU A 109 -14.82 1.75 0.02
C LEU A 109 -13.36 2.13 0.19
N HIS A 110 -12.91 3.12 -0.57
CA HIS A 110 -11.51 3.55 -0.54
C HIS A 110 -11.15 4.13 0.83
N LYS A 111 -12.14 4.70 1.50
CA LYS A 111 -11.90 5.30 2.81
C LYS A 111 -11.97 4.25 3.90
N GLN A 112 -12.99 3.39 3.83
CA GLN A 112 -13.23 2.39 4.86
C GLN A 112 -12.10 1.37 4.92
N VAL A 113 -11.68 0.86 3.76
CA VAL A 113 -10.55 -0.07 3.69
C VAL A 113 -9.30 0.57 4.27
N MET A 114 -9.10 1.84 3.96
CA MET A 114 -7.90 2.56 4.38
C MET A 114 -7.89 2.70 5.89
N SER A 115 -9.07 2.79 6.48
CA SER A 115 -9.21 2.91 7.92
C SER A 115 -8.92 1.58 8.62
N LYS A 116 -8.87 0.51 7.83
CA LYS A 116 -8.50 -0.81 8.33
C LYS A 116 -7.03 -1.06 8.06
N LEU A 117 -6.44 -0.16 7.28
CA LEU A 117 -5.06 -0.31 6.85
C LEU A 117 -4.14 0.61 7.65
N VAL A 118 -4.32 1.91 7.49
CA VAL A 118 -3.42 2.89 8.10
C VAL A 118 -3.54 2.90 9.62
N ALA A 119 -4.65 2.37 10.13
CA ALA A 119 -4.89 2.33 11.57
C ALA A 119 -3.88 1.41 12.27
N ASN A 120 -3.18 0.60 11.48
CA ASN A 120 -2.17 -0.31 12.01
C ASN A 120 -0.85 0.42 12.28
N GLY A 121 -0.82 1.71 11.99
CA GLY A 121 0.38 2.49 12.20
C GLY A 121 0.97 3.02 10.90
N GLY A 122 0.14 3.04 9.87
CA GLY A 122 0.56 3.55 8.59
C GLY A 122 0.32 5.04 8.46
N LYS A 123 1.34 5.76 8.05
CA LYS A 123 1.24 7.19 7.87
C LYS A 123 0.86 7.51 6.42
N LEU A 124 -0.10 8.39 6.25
CA LEU A 124 -0.58 8.73 4.93
C LEU A 124 -0.73 10.24 4.78
N PRO A 125 -0.45 10.77 3.58
CA PRO A 125 -0.59 12.21 3.28
C PRO A 125 -2.05 12.66 3.30
N PRO A 126 -2.31 13.98 3.26
CA PRO A 126 -3.67 14.54 3.29
C PRO A 126 -4.52 14.16 2.07
N GLU A 127 -4.02 13.24 1.27
CA GLU A 127 -4.72 12.74 0.10
C GLU A 127 -5.87 11.84 0.51
N ILE A 128 -5.70 11.18 1.64
CA ILE A 128 -6.62 10.16 2.09
C ILE A 128 -7.16 10.50 3.48
N LYS A 129 -8.23 9.82 3.90
CA LYS A 129 -8.90 10.09 5.17
C LYS A 129 -9.49 11.51 5.17
N HIS A 130 -10.41 11.73 4.25
CA HIS A 130 -11.01 13.05 4.07
C HIS A 130 -12.49 12.90 3.74
N MET A 1 -12.75 -13.00 3.65
CA MET A 1 -11.50 -13.22 4.41
C MET A 1 -10.94 -11.89 4.91
N SER A 2 -11.39 -10.80 4.27
CA SER A 2 -11.02 -9.43 4.63
C SER A 2 -9.78 -9.02 3.87
N ILE A 3 -9.99 -8.48 2.68
CA ILE A 3 -8.90 -8.10 1.79
C ILE A 3 -7.98 -7.06 2.44
N PHE A 4 -8.55 -6.19 3.27
CA PHE A 4 -7.76 -5.18 3.96
C PHE A 4 -6.72 -5.83 4.87
N GLY A 5 -7.03 -7.02 5.37
CA GLY A 5 -6.08 -7.75 6.19
C GLY A 5 -5.12 -8.55 5.34
N LYS A 6 -5.53 -8.84 4.11
CA LYS A 6 -4.73 -9.62 3.19
C LYS A 6 -3.68 -8.73 2.52
N ILE A 7 -4.04 -7.49 2.24
CA ILE A 7 -3.14 -6.55 1.60
C ILE A 7 -2.13 -5.96 2.58
N MET A 8 -2.56 -5.78 3.83
CA MET A 8 -1.69 -5.17 4.84
C MET A 8 -0.53 -6.08 5.19
N SER A 9 -0.61 -7.33 4.77
CA SER A 9 0.43 -8.31 5.04
C SER A 9 1.70 -7.95 4.25
N ALA A 10 1.50 -7.24 3.14
CA ALA A 10 2.62 -6.79 2.33
C ALA A 10 3.00 -5.35 2.68
N ILE A 11 1.98 -4.51 2.86
CA ILE A 11 2.21 -3.10 3.19
C ILE A 11 2.96 -2.96 4.51
N PHE A 12 2.51 -3.69 5.51
CA PHE A 12 3.11 -3.62 6.84
C PHE A 12 4.11 -4.75 7.06
N GLY A 13 4.50 -5.41 5.98
CA GLY A 13 5.43 -6.51 6.08
C GLY A 13 6.69 -6.24 5.28
N ASP A 14 7.34 -5.12 5.58
CA ASP A 14 8.56 -4.74 4.90
C ASP A 14 9.79 -5.46 5.47
N SER A 15 10.57 -4.75 6.31
CA SER A 15 11.74 -5.31 6.99
C SER A 15 12.89 -5.60 6.02
N ALA A 16 12.62 -6.40 5.01
CA ALA A 16 13.65 -6.85 4.08
C ALA A 16 13.88 -5.81 2.98
N ALA A 17 14.37 -4.65 3.40
CA ALA A 17 14.75 -3.56 2.49
C ALA A 17 13.56 -3.02 1.70
N ALA A 18 12.36 -3.36 2.13
CA ALA A 18 11.16 -2.87 1.48
C ALA A 18 10.80 -1.48 1.99
N SER A 19 11.44 -1.08 3.07
CA SER A 19 11.24 0.24 3.63
C SER A 19 11.96 1.30 2.80
N PRO A 20 11.38 2.50 2.67
CA PRO A 20 11.94 3.59 1.87
C PRO A 20 13.34 4.00 2.35
N GLY A 21 14.32 3.84 1.47
CA GLY A 21 15.68 4.21 1.79
C GLY A 21 16.54 4.34 0.55
N GLY A 22 17.23 3.28 0.19
CA GLY A 22 18.09 3.29 -0.97
C GLY A 22 19.55 3.39 -0.58
N ALA A 23 19.96 4.61 -0.21
CA ALA A 23 21.32 4.88 0.26
C ALA A 23 22.36 4.65 -0.84
N GLN A 24 22.69 5.72 -1.56
CA GLN A 24 23.71 5.68 -2.58
C GLN A 24 24.73 6.78 -2.33
N ALA A 25 26.01 6.42 -2.36
CA ALA A 25 27.07 7.36 -2.03
C ALA A 25 27.70 7.94 -3.29
N PRO A 26 27.84 9.27 -3.34
CA PRO A 26 28.55 9.95 -4.43
C PRO A 26 30.06 9.79 -4.27
N ALA A 27 30.65 8.93 -5.08
CA ALA A 27 32.08 8.65 -4.99
C ALA A 27 32.85 9.48 -6.01
N THR A 28 33.86 10.19 -5.53
CA THR A 28 34.70 10.99 -6.40
C THR A 28 36.17 10.61 -6.22
N THR A 29 36.95 10.73 -7.29
CA THR A 29 38.36 10.34 -7.26
C THR A 29 39.21 11.42 -6.57
N GLY A 30 38.57 12.52 -6.18
CA GLY A 30 39.27 13.61 -5.55
C GLY A 30 39.12 13.62 -4.04
N ALA A 31 38.59 12.53 -3.49
CA ALA A 31 38.36 12.46 -2.06
C ALA A 31 38.34 11.01 -1.59
N ALA A 32 38.32 10.83 -0.27
CA ALA A 32 38.20 9.51 0.33
C ALA A 32 37.06 9.51 1.34
N GLY A 33 36.17 8.53 1.23
CA GLY A 33 35.00 8.50 2.09
C GLY A 33 35.21 7.71 3.37
N THR A 34 35.02 8.38 4.50
CA THR A 34 35.02 7.72 5.79
C THR A 34 33.59 7.37 6.20
N ALA A 35 33.03 6.37 5.54
CA ALA A 35 31.63 6.02 5.74
C ALA A 35 31.48 4.82 6.65
N PRO A 36 30.78 4.99 7.78
CA PRO A 36 30.49 3.90 8.70
C PRO A 36 29.30 3.06 8.22
N THR A 37 29.59 1.94 7.60
CA THR A 37 28.55 1.10 7.04
C THR A 37 27.99 0.14 8.09
N ALA A 38 27.08 0.66 8.92
CA ALA A 38 26.43 -0.14 9.95
C ALA A 38 25.11 0.49 10.36
N PRO A 39 24.00 0.09 9.74
CA PRO A 39 22.67 0.62 10.02
C PRO A 39 22.08 0.05 11.31
N GLN A 40 22.68 0.42 12.43
CA GLN A 40 22.18 -0.01 13.73
C GLN A 40 21.04 0.89 14.23
N PRO A 41 21.25 2.22 14.33
CA PRO A 41 20.22 3.13 14.84
C PRO A 41 19.13 3.41 13.81
N THR A 42 18.03 2.68 13.94
CA THR A 42 16.89 2.87 13.07
C THR A 42 15.68 2.14 13.65
N ALA A 43 14.50 2.57 13.26
CA ALA A 43 13.25 2.00 13.75
C ALA A 43 12.13 2.26 12.77
N ALA A 44 10.91 1.96 13.16
CA ALA A 44 9.76 2.17 12.30
C ALA A 44 8.62 2.77 13.10
N PRO A 45 8.69 4.08 13.38
CA PRO A 45 7.67 4.78 14.16
C PRO A 45 6.44 5.08 13.33
N SER A 46 6.58 4.94 12.03
CA SER A 46 5.49 5.14 11.09
C SER A 46 5.75 4.34 9.82
N ILE A 47 4.75 3.58 9.39
CA ILE A 47 4.87 2.80 8.16
C ILE A 47 4.45 3.64 6.97
N ASP A 48 5.43 4.15 6.23
CA ASP A 48 5.15 5.06 5.13
C ASP A 48 4.58 4.30 3.94
N VAL A 49 3.28 4.36 3.78
CA VAL A 49 2.58 3.55 2.79
C VAL A 49 2.70 4.16 1.40
N ALA A 50 2.99 5.46 1.35
CA ALA A 50 3.07 6.19 0.09
C ALA A 50 4.05 5.55 -0.90
N PRO A 51 5.34 5.38 -0.55
CA PRO A 51 6.31 4.75 -1.43
C PRO A 51 5.96 3.28 -1.69
N ILE A 52 5.47 2.60 -0.66
CA ILE A 52 5.14 1.18 -0.75
C ILE A 52 4.19 0.92 -1.91
N LEU A 53 3.07 1.64 -1.95
CA LEU A 53 2.07 1.39 -2.96
C LEU A 53 2.46 2.02 -4.28
N ASP A 54 3.18 3.14 -4.21
CA ASP A 54 3.64 3.81 -5.42
C ASP A 54 4.52 2.89 -6.26
N LYS A 55 5.46 2.22 -5.60
CA LYS A 55 6.38 1.33 -6.30
C LYS A 55 5.72 -0.01 -6.61
N ALA A 56 4.76 -0.40 -5.77
CA ALA A 56 4.01 -1.64 -5.98
C ALA A 56 3.16 -1.52 -7.24
N VAL A 57 2.61 -0.32 -7.45
CA VAL A 57 1.83 -0.03 -8.65
C VAL A 57 2.71 -0.13 -9.89
N LYS A 58 3.91 0.43 -9.81
CA LYS A 58 4.83 0.41 -10.93
C LYS A 58 5.47 -0.96 -11.10
N ALA A 59 5.26 -1.82 -10.11
CA ALA A 59 5.69 -3.21 -10.19
C ALA A 59 4.53 -4.07 -10.69
N LYS A 60 3.35 -3.48 -10.74
CA LYS A 60 2.16 -4.17 -11.21
C LYS A 60 2.12 -4.15 -12.73
N GLY A 61 2.29 -2.97 -13.29
CA GLY A 61 2.32 -2.85 -14.74
C GLY A 61 2.21 -1.40 -15.19
N GLU A 62 1.08 -0.78 -14.89
CA GLU A 62 0.84 0.60 -15.29
C GLU A 62 0.59 1.47 -14.08
N LYS A 63 0.29 2.76 -14.31
CA LYS A 63 0.09 3.69 -13.22
C LYS A 63 -1.38 3.75 -12.83
N LEU A 64 -1.66 3.30 -11.62
CA LEU A 64 -3.02 3.26 -11.09
C LEU A 64 -3.20 4.31 -10.01
N GLU A 65 -4.44 4.62 -9.67
CA GLU A 65 -4.70 5.64 -8.66
C GLU A 65 -5.01 4.99 -7.31
N TRP A 66 -3.97 4.57 -6.59
CA TRP A 66 -4.18 3.97 -5.28
C TRP A 66 -4.62 5.02 -4.27
N ARG A 67 -4.57 6.28 -4.71
CA ARG A 67 -4.89 7.41 -3.86
C ARG A 67 -6.40 7.54 -3.65
N THR A 68 -7.19 6.97 -4.55
CA THR A 68 -8.63 7.07 -4.44
C THR A 68 -9.32 5.76 -4.81
N SER A 69 -8.73 5.01 -5.73
CA SER A 69 -9.33 3.76 -6.18
C SER A 69 -8.89 2.60 -5.30
N ILE A 70 -9.85 2.02 -4.60
CA ILE A 70 -9.57 0.92 -3.68
C ILE A 70 -9.34 -0.38 -4.44
N VAL A 71 -9.92 -0.46 -5.63
CA VAL A 71 -9.80 -1.66 -6.46
C VAL A 71 -8.41 -1.75 -7.09
N ASP A 72 -7.83 -0.60 -7.40
CA ASP A 72 -6.56 -0.57 -8.11
C ASP A 72 -5.38 -0.81 -7.17
N LEU A 73 -5.49 -0.39 -5.93
CA LEU A 73 -4.45 -0.72 -4.96
C LEU A 73 -4.61 -2.18 -4.55
N MET A 74 -5.86 -2.64 -4.56
CA MET A 74 -6.20 -4.02 -4.27
C MET A 74 -5.44 -4.96 -5.20
N LYS A 75 -5.55 -4.72 -6.49
CA LYS A 75 -4.90 -5.56 -7.49
C LYS A 75 -3.39 -5.42 -7.42
N ALA A 76 -2.93 -4.19 -7.15
CA ALA A 76 -1.50 -3.87 -7.13
C ALA A 76 -0.73 -4.74 -6.14
N LEU A 77 -1.33 -4.97 -4.96
CA LEU A 77 -0.71 -5.84 -3.98
C LEU A 77 -0.60 -7.27 -4.50
N ASP A 78 -1.74 -7.97 -4.55
CA ASP A 78 -1.77 -9.36 -5.01
C ASP A 78 -3.19 -9.91 -4.99
N ILE A 79 -4.16 -9.06 -5.31
CA ILE A 79 -5.56 -9.46 -5.23
C ILE A 79 -6.21 -9.44 -6.60
N ASP A 80 -7.15 -10.36 -6.79
CA ASP A 80 -7.83 -10.55 -8.08
C ASP A 80 -8.52 -9.27 -8.56
N SER A 81 -9.04 -8.50 -7.60
CA SER A 81 -9.76 -7.24 -7.86
C SER A 81 -10.97 -7.42 -8.79
N SER A 82 -11.39 -8.66 -8.97
CA SER A 82 -12.57 -8.96 -9.79
C SER A 82 -13.81 -9.02 -8.90
N LEU A 83 -14.88 -9.63 -9.40
CA LEU A 83 -16.16 -9.69 -8.68
C LEU A 83 -15.96 -10.23 -7.27
N SER A 84 -15.27 -11.34 -7.14
CA SER A 84 -15.06 -12.00 -5.86
C SER A 84 -14.41 -11.05 -4.85
N ALA A 85 -13.54 -10.17 -5.35
CA ALA A 85 -12.79 -9.27 -4.49
C ALA A 85 -13.68 -8.15 -3.95
N ARG A 86 -14.38 -7.45 -4.85
CA ARG A 86 -15.26 -6.37 -4.44
C ARG A 86 -16.42 -6.91 -3.61
N LYS A 87 -16.74 -8.17 -3.83
CA LYS A 87 -17.83 -8.83 -3.13
C LYS A 87 -17.45 -9.08 -1.67
N GLU A 88 -16.30 -9.72 -1.44
CA GLU A 88 -15.93 -10.10 -0.08
C GLU A 88 -15.47 -8.88 0.72
N LEU A 89 -14.66 -8.01 0.12
CA LEU A 89 -14.14 -6.85 0.84
C LEU A 89 -15.27 -5.99 1.37
N ALA A 90 -16.31 -5.83 0.56
CA ALA A 90 -17.45 -5.03 0.95
C ALA A 90 -18.23 -5.71 2.07
N LYS A 91 -18.44 -7.03 1.98
CA LYS A 91 -19.26 -7.73 2.94
C LYS A 91 -18.57 -7.84 4.30
N GLU A 92 -17.23 -7.77 4.29
CA GLU A 92 -16.47 -7.78 5.53
C GLU A 92 -16.72 -6.48 6.29
N LEU A 93 -16.93 -5.40 5.55
CA LEU A 93 -17.18 -4.09 6.15
C LEU A 93 -18.68 -3.89 6.41
N GLY A 94 -19.51 -4.25 5.42
CA GLY A 94 -20.94 -4.07 5.55
C GLY A 94 -21.68 -4.45 4.28
N TYR A 95 -21.17 -3.93 3.16
CA TYR A 95 -21.71 -4.21 1.82
C TYR A 95 -23.04 -3.51 1.59
N SER A 96 -23.00 -2.45 0.79
CA SER A 96 -24.19 -1.70 0.40
C SER A 96 -23.96 -1.05 -0.95
N GLY A 97 -24.71 -1.48 -1.96
CA GLY A 97 -24.50 -0.94 -3.30
C GLY A 97 -25.79 -0.73 -4.06
N ASP A 98 -26.07 0.54 -4.38
CA ASP A 98 -27.22 0.89 -5.23
C ASP A 98 -27.08 2.30 -5.77
N MET A 99 -27.40 3.28 -4.92
CA MET A 99 -27.39 4.69 -5.33
C MET A 99 -25.97 5.23 -5.48
N ASN A 100 -25.01 4.47 -4.96
CA ASN A 100 -23.61 4.90 -4.95
C ASN A 100 -22.95 4.70 -6.30
N ASP A 101 -23.56 3.88 -7.16
CA ASP A 101 -23.00 3.56 -8.47
C ASP A 101 -21.60 2.96 -8.30
N SER A 102 -20.82 2.92 -9.35
CA SER A 102 -19.44 2.49 -9.26
C SER A 102 -18.57 3.62 -8.74
N ALA A 103 -19.08 4.85 -8.86
CA ALA A 103 -18.35 6.05 -8.48
C ALA A 103 -18.13 6.12 -6.98
N SER A 104 -19.21 6.25 -6.22
CA SER A 104 -19.12 6.41 -4.78
C SER A 104 -18.73 5.10 -4.12
N MET A 105 -18.99 3.99 -4.82
CA MET A 105 -18.64 2.67 -4.31
C MET A 105 -17.13 2.56 -4.13
N ASN A 106 -16.39 3.07 -5.11
CA ASN A 106 -14.93 3.01 -5.09
C ASN A 106 -14.38 3.91 -3.99
N ILE A 107 -14.97 5.09 -3.84
CA ILE A 107 -14.50 6.08 -2.89
C ILE A 107 -14.85 5.67 -1.44
N TRP A 108 -16.10 5.26 -1.23
CA TRP A 108 -16.57 4.86 0.10
C TRP A 108 -15.78 3.67 0.63
N LEU A 109 -15.65 2.65 -0.21
CA LEU A 109 -14.94 1.43 0.17
C LEU A 109 -13.47 1.74 0.47
N HIS A 110 -12.90 2.65 -0.30
CA HIS A 110 -11.51 3.06 -0.14
C HIS A 110 -11.28 3.62 1.27
N LYS A 111 -12.14 4.52 1.69
CA LYS A 111 -11.99 5.20 2.98
C LYS A 111 -12.15 4.23 4.13
N GLN A 112 -13.13 3.35 4.04
CA GLN A 112 -13.40 2.38 5.10
C GLN A 112 -12.22 1.41 5.24
N VAL A 113 -11.69 0.96 4.12
CA VAL A 113 -10.51 0.10 4.11
C VAL A 113 -9.29 0.83 4.66
N MET A 114 -9.20 2.13 4.38
CA MET A 114 -8.11 2.96 4.91
C MET A 114 -8.10 2.93 6.43
N SER A 115 -9.28 2.93 7.03
CA SER A 115 -9.42 2.92 8.46
C SER A 115 -8.96 1.59 9.04
N LYS A 116 -8.93 0.57 8.20
CA LYS A 116 -8.48 -0.76 8.63
C LYS A 116 -7.01 -0.95 8.27
N LEU A 117 -6.47 0.00 7.52
CA LEU A 117 -5.09 -0.07 7.06
C LEU A 117 -4.17 0.81 7.88
N VAL A 118 -4.29 2.12 7.70
CA VAL A 118 -3.34 3.06 8.29
C VAL A 118 -3.45 3.10 9.81
N ALA A 119 -4.55 2.56 10.34
CA ALA A 119 -4.73 2.46 11.77
C ALA A 119 -3.71 1.52 12.40
N ASN A 120 -3.08 0.69 11.58
CA ASN A 120 -2.07 -0.26 12.06
C ASN A 120 -0.70 0.41 12.14
N GLY A 121 -0.65 1.72 11.90
CA GLY A 121 0.60 2.44 11.98
C GLY A 121 1.04 2.97 10.63
N GLY A 122 0.11 2.98 9.69
CA GLY A 122 0.41 3.47 8.35
C GLY A 122 0.44 4.99 8.26
N LYS A 123 1.42 5.49 7.55
CA LYS A 123 1.59 6.93 7.33
C LYS A 123 1.31 7.26 5.87
N LEU A 124 0.53 8.30 5.64
CA LEU A 124 0.20 8.73 4.29
C LEU A 124 0.31 10.25 4.17
N PRO A 125 0.65 10.74 2.97
CA PRO A 125 0.62 12.17 2.67
C PRO A 125 -0.81 12.69 2.67
N PRO A 126 -1.00 13.98 2.98
CA PRO A 126 -2.34 14.60 3.08
C PRO A 126 -3.10 14.63 1.74
N GLU A 127 -2.55 13.94 0.74
CA GLU A 127 -3.18 13.87 -0.58
C GLU A 127 -4.13 12.69 -0.64
N ILE A 128 -3.89 11.68 0.19
CA ILE A 128 -4.70 10.48 0.18
C ILE A 128 -5.77 10.58 1.26
N LYS A 129 -6.85 11.27 0.92
CA LYS A 129 -8.00 11.45 1.79
C LYS A 129 -9.03 12.28 1.04
N HIS A 130 -10.05 11.63 0.51
CA HIS A 130 -11.11 12.32 -0.20
C HIS A 130 -12.38 12.33 0.63
N MET A 1 -13.54 -12.53 2.95
CA MET A 1 -12.47 -12.46 3.96
C MET A 1 -11.77 -11.11 3.92
N SER A 2 -10.80 -10.93 4.77
CA SER A 2 -10.23 -9.62 5.03
C SER A 2 -9.09 -9.31 4.07
N ILE A 3 -9.46 -8.88 2.88
CA ILE A 3 -8.49 -8.58 1.85
C ILE A 3 -7.58 -7.43 2.27
N PHE A 4 -8.12 -6.52 3.06
CA PHE A 4 -7.34 -5.44 3.63
C PHE A 4 -6.25 -5.99 4.56
N GLY A 5 -6.49 -7.16 5.13
CA GLY A 5 -5.50 -7.79 5.97
C GLY A 5 -4.56 -8.67 5.18
N LYS A 6 -4.96 -8.99 3.96
CA LYS A 6 -4.14 -9.80 3.06
C LYS A 6 -3.14 -8.92 2.31
N ILE A 7 -3.52 -7.66 2.07
CA ILE A 7 -2.63 -6.73 1.38
C ILE A 7 -1.62 -6.10 2.34
N MET A 8 -2.01 -5.95 3.61
CA MET A 8 -1.15 -5.30 4.59
C MET A 8 0.09 -6.14 4.89
N SER A 9 0.04 -7.40 4.49
CA SER A 9 1.16 -8.31 4.69
C SER A 9 2.39 -7.86 3.90
N ALA A 10 2.16 -7.24 2.77
CA ALA A 10 3.24 -6.77 1.91
C ALA A 10 3.59 -5.32 2.22
N ILE A 11 2.71 -4.66 2.96
CA ILE A 11 2.91 -3.26 3.32
C ILE A 11 3.62 -3.14 4.66
N PHE A 12 3.04 -3.75 5.68
CA PHE A 12 3.60 -3.69 7.03
C PHE A 12 4.57 -4.84 7.25
N GLY A 13 4.95 -5.50 6.17
CA GLY A 13 5.89 -6.60 6.27
C GLY A 13 7.31 -6.16 6.04
N ASP A 14 7.48 -4.94 5.52
CA ASP A 14 8.80 -4.40 5.23
C ASP A 14 9.46 -3.92 6.51
N SER A 15 10.78 -3.94 6.51
CA SER A 15 11.58 -3.49 7.63
C SER A 15 12.95 -3.06 7.15
N ALA A 16 13.48 -3.78 6.18
CA ALA A 16 14.81 -3.48 5.62
C ALA A 16 14.89 -3.90 4.15
N ALA A 17 13.75 -4.00 3.50
CA ALA A 17 13.71 -4.40 2.10
C ALA A 17 13.46 -3.19 1.22
N ALA A 18 12.43 -2.44 1.56
CA ALA A 18 12.11 -1.20 0.86
C ALA A 18 12.62 -0.01 1.67
N SER A 19 12.02 0.18 2.84
CA SER A 19 12.41 1.23 3.77
C SER A 19 12.24 2.63 3.16
N PRO A 20 11.11 3.30 3.48
CA PRO A 20 10.83 4.67 3.04
C PRO A 20 12.05 5.59 3.14
N GLY A 21 12.65 5.86 1.99
CA GLY A 21 13.84 6.69 1.95
C GLY A 21 14.98 6.01 1.23
N GLY A 22 15.15 4.72 1.49
CA GLY A 22 16.20 3.96 0.86
C GLY A 22 17.10 3.27 1.87
N ALA A 23 17.42 2.01 1.62
CA ALA A 23 18.28 1.24 2.50
C ALA A 23 19.46 0.65 1.72
N GLN A 24 20.66 0.88 2.23
CA GLN A 24 21.87 0.35 1.58
C GLN A 24 22.31 -0.95 2.24
N ALA A 25 23.16 -1.68 1.56
CA ALA A 25 23.68 -2.94 2.07
C ALA A 25 25.19 -2.87 2.20
N PRO A 26 25.79 -3.58 3.19
CA PRO A 26 27.24 -3.61 3.38
C PRO A 26 27.97 -4.24 2.19
N ALA A 27 28.54 -3.38 1.34
CA ALA A 27 29.30 -3.84 0.19
C ALA A 27 30.79 -3.74 0.47
N THR A 28 31.60 -4.09 -0.54
CA THR A 28 33.07 -4.08 -0.46
C THR A 28 33.57 -4.63 0.89
N THR A 29 33.00 -5.76 1.29
CA THR A 29 33.36 -6.41 2.53
C THR A 29 34.28 -7.59 2.25
N GLY A 30 34.50 -7.86 0.97
CA GLY A 30 35.35 -8.95 0.57
C GLY A 30 36.76 -8.49 0.26
N ALA A 31 37.71 -9.44 0.34
CA ALA A 31 39.12 -9.17 0.07
C ALA A 31 39.73 -8.22 1.10
N ALA A 32 39.01 -8.03 2.19
CA ALA A 32 39.47 -7.14 3.26
C ALA A 32 39.40 -7.86 4.59
N GLY A 33 40.49 -7.80 5.34
CA GLY A 33 40.55 -8.46 6.64
C GLY A 33 39.70 -7.74 7.67
N THR A 34 39.68 -6.43 7.59
CA THR A 34 38.86 -5.62 8.47
C THR A 34 38.07 -4.59 7.66
N ALA A 35 36.86 -4.96 7.28
CA ALA A 35 36.01 -4.06 6.52
C ALA A 35 35.13 -3.24 7.45
N PRO A 36 35.08 -1.93 7.24
CA PRO A 36 34.26 -1.02 8.05
C PRO A 36 32.78 -1.23 7.83
N THR A 37 32.17 -2.09 8.64
CA THR A 37 30.74 -2.31 8.59
C THR A 37 30.05 -1.47 9.67
N ALA A 38 29.56 -0.30 9.26
CA ALA A 38 28.95 0.63 10.20
C ALA A 38 27.51 0.24 10.49
N PRO A 39 27.20 -0.08 11.76
CA PRO A 39 25.84 -0.42 12.18
C PRO A 39 24.91 0.78 12.10
N GLN A 40 23.76 0.59 11.46
CA GLN A 40 22.80 1.67 11.30
C GLN A 40 21.50 1.31 12.01
N PRO A 41 21.32 1.82 13.24
CA PRO A 41 20.10 1.60 14.01
C PRO A 41 18.96 2.51 13.54
N THR A 42 17.83 1.92 13.22
CA THR A 42 16.69 2.69 12.75
C THR A 42 15.39 2.00 13.16
N ALA A 43 14.64 2.64 14.05
CA ALA A 43 13.32 2.17 14.42
C ALA A 43 12.29 2.73 13.45
N ALA A 44 11.12 2.10 13.40
CA ALA A 44 10.08 2.51 12.47
C ALA A 44 8.72 2.42 13.14
N PRO A 45 8.34 3.46 13.89
CA PRO A 45 7.08 3.48 14.62
C PRO A 45 5.91 3.89 13.72
N SER A 46 6.20 4.07 12.44
CA SER A 46 5.19 4.40 11.47
C SER A 46 5.64 3.90 10.09
N ILE A 47 4.70 3.39 9.32
CA ILE A 47 5.01 2.82 8.02
C ILE A 47 4.51 3.71 6.89
N ASP A 48 5.43 4.34 6.19
CA ASP A 48 5.07 5.23 5.10
C ASP A 48 4.65 4.41 3.89
N VAL A 49 3.36 4.44 3.58
CA VAL A 49 2.80 3.58 2.55
C VAL A 49 3.09 4.13 1.15
N ALA A 50 3.44 5.41 1.08
CA ALA A 50 3.68 6.08 -0.19
C ALA A 50 4.77 5.39 -1.02
N PRO A 51 5.99 5.17 -0.47
CA PRO A 51 7.07 4.51 -1.19
C PRO A 51 6.90 3.00 -1.24
N ILE A 52 5.72 2.53 -0.87
CA ILE A 52 5.41 1.12 -0.95
C ILE A 52 4.46 0.86 -2.11
N LEU A 53 3.28 1.47 -2.06
CA LEU A 53 2.25 1.20 -3.05
C LEU A 53 2.55 1.88 -4.37
N ASP A 54 2.99 3.14 -4.30
CA ASP A 54 3.25 3.91 -5.52
C ASP A 54 4.40 3.29 -6.30
N LYS A 55 5.25 2.53 -5.61
CA LYS A 55 6.37 1.85 -6.24
C LYS A 55 5.94 0.49 -6.76
N ALA A 56 5.21 -0.27 -5.94
CA ALA A 56 4.75 -1.61 -6.30
C ALA A 56 3.77 -1.53 -7.47
N VAL A 57 3.06 -0.42 -7.59
CA VAL A 57 2.14 -0.19 -8.67
C VAL A 57 2.85 -0.30 -10.02
N LYS A 58 4.08 0.21 -10.05
CA LYS A 58 4.89 0.20 -11.26
C LYS A 58 5.27 -1.22 -11.63
N ALA A 59 5.44 -2.06 -10.62
CA ALA A 59 5.82 -3.44 -10.83
C ALA A 59 4.61 -4.30 -11.16
N LYS A 60 3.41 -3.80 -10.85
CA LYS A 60 2.18 -4.51 -11.15
C LYS A 60 1.93 -4.55 -12.65
N GLY A 61 2.30 -3.46 -13.32
CA GLY A 61 2.24 -3.44 -14.78
C GLY A 61 1.87 -2.09 -15.35
N GLU A 62 1.02 -1.36 -14.66
CA GLU A 62 0.53 -0.08 -15.16
C GLU A 62 0.33 0.89 -14.01
N LYS A 63 0.21 2.18 -14.33
CA LYS A 63 0.06 3.19 -13.30
C LYS A 63 -1.35 3.17 -12.73
N LEU A 64 -1.43 3.11 -11.41
CA LEU A 64 -2.69 3.06 -10.70
C LEU A 64 -2.72 4.17 -9.66
N GLU A 65 -3.90 4.53 -9.20
CA GLU A 65 -4.03 5.58 -8.19
C GLU A 65 -4.70 5.05 -6.93
N TRP A 66 -3.88 4.58 -6.01
CA TRP A 66 -4.36 4.02 -4.75
C TRP A 66 -4.86 5.12 -3.81
N ARG A 67 -4.47 6.35 -4.09
CA ARG A 67 -4.85 7.47 -3.26
C ARG A 67 -6.29 7.90 -3.55
N THR A 68 -6.87 7.30 -4.59
CA THR A 68 -8.24 7.62 -4.98
C THR A 68 -9.06 6.34 -5.17
N SER A 69 -8.57 5.45 -6.03
CA SER A 69 -9.29 4.25 -6.38
C SER A 69 -8.91 3.10 -5.45
N ILE A 70 -9.91 2.49 -4.84
CA ILE A 70 -9.66 1.40 -3.90
C ILE A 70 -9.32 0.11 -4.65
N VAL A 71 -9.89 -0.04 -5.84
CA VAL A 71 -9.63 -1.21 -6.66
C VAL A 71 -8.17 -1.23 -7.11
N ASP A 72 -7.63 -0.06 -7.36
CA ASP A 72 -6.26 0.10 -7.84
C ASP A 72 -5.25 -0.49 -6.87
N LEU A 73 -5.30 -0.09 -5.61
CA LEU A 73 -4.36 -0.58 -4.61
C LEU A 73 -4.59 -2.07 -4.33
N MET A 74 -5.84 -2.50 -4.42
CA MET A 74 -6.20 -3.88 -4.16
C MET A 74 -5.48 -4.82 -5.14
N LYS A 75 -5.59 -4.53 -6.43
CA LYS A 75 -4.95 -5.37 -7.44
C LYS A 75 -3.44 -5.16 -7.42
N ALA A 76 -3.01 -3.92 -7.16
CA ALA A 76 -1.59 -3.55 -7.16
C ALA A 76 -0.76 -4.48 -6.28
N LEU A 77 -1.24 -4.76 -5.07
CA LEU A 77 -0.52 -5.63 -4.15
C LEU A 77 -0.46 -7.04 -4.69
N ASP A 78 -1.58 -7.76 -4.66
CA ASP A 78 -1.60 -9.15 -5.08
C ASP A 78 -3.00 -9.74 -4.95
N ILE A 79 -4.01 -8.99 -5.40
CA ILE A 79 -5.38 -9.45 -5.26
C ILE A 79 -6.08 -9.55 -6.60
N ASP A 80 -7.02 -10.49 -6.70
CA ASP A 80 -7.77 -10.77 -7.93
C ASP A 80 -8.39 -9.50 -8.53
N SER A 81 -8.92 -8.65 -7.66
CA SER A 81 -9.65 -7.43 -8.05
C SER A 81 -10.83 -7.75 -8.97
N SER A 82 -11.23 -9.02 -8.98
CA SER A 82 -12.35 -9.46 -9.79
C SER A 82 -13.65 -9.29 -9.02
N LEU A 83 -14.71 -9.96 -9.45
CA LEU A 83 -16.01 -9.87 -8.78
C LEU A 83 -15.91 -10.52 -7.41
N SER A 84 -15.25 -11.68 -7.37
CA SER A 84 -15.04 -12.41 -6.12
C SER A 84 -14.41 -11.51 -5.04
N ALA A 85 -13.28 -10.91 -5.39
CA ALA A 85 -12.51 -10.09 -4.46
C ALA A 85 -13.32 -8.89 -3.96
N ARG A 86 -13.92 -8.15 -4.89
CA ARG A 86 -14.67 -6.95 -4.53
C ARG A 86 -15.90 -7.30 -3.71
N LYS A 87 -16.41 -8.51 -3.91
CA LYS A 87 -17.60 -8.97 -3.20
C LYS A 87 -17.28 -9.20 -1.73
N GLU A 88 -16.30 -10.04 -1.45
CA GLU A 88 -15.95 -10.37 -0.08
C GLU A 88 -15.43 -9.14 0.66
N LEU A 89 -14.58 -8.35 0.00
CA LEU A 89 -13.98 -7.16 0.61
C LEU A 89 -15.06 -6.19 1.09
N ALA A 90 -16.01 -5.90 0.22
CA ALA A 90 -17.09 -4.98 0.56
C ALA A 90 -17.94 -5.55 1.68
N LYS A 91 -18.14 -6.86 1.65
CA LYS A 91 -18.99 -7.54 2.64
C LYS A 91 -18.35 -7.53 4.03
N GLU A 92 -17.02 -7.52 4.09
CA GLU A 92 -16.31 -7.42 5.37
C GLU A 92 -16.55 -6.04 5.97
N LEU A 93 -16.74 -5.06 5.11
CA LEU A 93 -16.89 -3.68 5.53
C LEU A 93 -18.35 -3.37 5.84
N GLY A 94 -19.25 -3.80 4.96
CA GLY A 94 -20.66 -3.53 5.15
C GLY A 94 -21.49 -3.89 3.93
N TYR A 95 -20.89 -3.69 2.74
CA TYR A 95 -21.56 -3.99 1.47
C TYR A 95 -22.78 -3.09 1.27
N SER A 96 -22.75 -1.93 1.92
CA SER A 96 -23.83 -0.96 1.81
C SER A 96 -23.58 -0.03 0.63
N GLY A 97 -24.57 0.13 -0.23
CA GLY A 97 -24.42 1.00 -1.37
C GLY A 97 -25.36 0.62 -2.51
N ASP A 98 -26.33 1.47 -2.79
CA ASP A 98 -27.25 1.24 -3.89
C ASP A 98 -27.56 2.55 -4.61
N MET A 99 -28.21 3.46 -3.91
CA MET A 99 -28.67 4.71 -4.52
C MET A 99 -27.53 5.69 -4.73
N ASN A 100 -26.37 5.36 -4.19
CA ASN A 100 -25.19 6.19 -4.33
C ASN A 100 -24.38 5.80 -5.57
N ASP A 101 -24.90 4.82 -6.31
CA ASP A 101 -24.30 4.40 -7.58
C ASP A 101 -22.90 3.82 -7.34
N SER A 102 -22.23 3.41 -8.40
CA SER A 102 -20.87 2.91 -8.31
C SER A 102 -19.91 4.06 -8.01
N ALA A 103 -20.37 5.28 -8.30
CA ALA A 103 -19.60 6.50 -8.06
C ALA A 103 -19.14 6.57 -6.61
N SER A 104 -20.09 6.68 -5.69
CA SER A 104 -19.77 6.79 -4.27
C SER A 104 -19.38 5.43 -3.69
N MET A 105 -19.58 4.38 -4.48
CA MET A 105 -19.21 3.03 -4.07
C MET A 105 -17.69 2.89 -3.99
N ASN A 106 -17.00 3.45 -4.97
CA ASN A 106 -15.54 3.44 -4.99
C ASN A 106 -15.00 4.31 -3.85
N ILE A 107 -15.71 5.38 -3.56
CA ILE A 107 -15.31 6.32 -2.52
C ILE A 107 -15.50 5.72 -1.13
N TRP A 108 -16.69 5.19 -0.87
CA TRP A 108 -17.03 4.61 0.43
C TRP A 108 -16.08 3.47 0.79
N LEU A 109 -15.91 2.54 -0.15
CA LEU A 109 -15.10 1.36 0.06
C LEU A 109 -13.64 1.76 0.28
N HIS A 110 -13.21 2.79 -0.44
CA HIS A 110 -11.85 3.32 -0.30
C HIS A 110 -11.60 3.78 1.12
N LYS A 111 -12.58 4.44 1.72
CA LYS A 111 -12.46 4.95 3.09
C LYS A 111 -12.36 3.79 4.08
N GLN A 112 -13.29 2.85 3.95
CA GLN A 112 -13.39 1.73 4.88
C GLN A 112 -12.09 0.92 4.92
N VAL A 113 -11.54 0.62 3.75
CA VAL A 113 -10.31 -0.17 3.67
C VAL A 113 -9.14 0.57 4.31
N MET A 114 -9.06 1.89 4.08
CA MET A 114 -7.98 2.69 4.65
C MET A 114 -8.04 2.65 6.17
N SER A 115 -9.25 2.62 6.71
CA SER A 115 -9.46 2.60 8.15
C SER A 115 -8.96 1.27 8.75
N LYS A 116 -8.79 0.26 7.90
CA LYS A 116 -8.32 -1.04 8.35
C LYS A 116 -6.83 -1.19 8.02
N LEU A 117 -6.32 -0.27 7.24
CA LEU A 117 -4.95 -0.36 6.73
C LEU A 117 -4.04 0.66 7.41
N VAL A 118 -4.20 1.93 7.06
CA VAL A 118 -3.28 2.98 7.52
C VAL A 118 -3.47 3.29 8.98
N ALA A 119 -4.61 2.89 9.53
CA ALA A 119 -4.90 3.11 10.95
C ALA A 119 -4.11 2.13 11.82
N ASN A 120 -3.33 1.26 11.17
CA ASN A 120 -2.51 0.30 11.89
C ASN A 120 -1.12 0.87 12.16
N GLY A 121 -0.86 2.07 11.66
CA GLY A 121 0.43 2.69 11.85
C GLY A 121 1.00 3.23 10.54
N GLY A 122 0.30 2.96 9.45
CA GLY A 122 0.69 3.46 8.15
C GLY A 122 0.58 4.97 8.05
N LYS A 123 1.54 5.58 7.38
CA LYS A 123 1.56 7.01 7.18
C LYS A 123 1.42 7.31 5.71
N LEU A 124 0.66 8.34 5.39
CA LEU A 124 0.44 8.72 4.01
C LEU A 124 0.59 10.23 3.84
N PRO A 125 0.97 10.67 2.63
CA PRO A 125 0.99 12.10 2.30
C PRO A 125 -0.41 12.72 2.42
N PRO A 126 -0.49 14.05 2.61
CA PRO A 126 -1.77 14.75 2.79
C PRO A 126 -2.69 14.66 1.57
N GLU A 127 -2.24 13.92 0.56
CA GLU A 127 -3.02 13.69 -0.63
C GLU A 127 -4.10 12.65 -0.39
N ILE A 128 -3.82 11.71 0.50
CA ILE A 128 -4.73 10.60 0.75
C ILE A 128 -5.71 10.95 1.86
N LYS A 129 -6.68 11.77 1.50
CA LYS A 129 -7.79 12.13 2.36
C LYS A 129 -8.94 12.62 1.50
N HIS A 130 -9.81 11.72 1.11
CA HIS A 130 -10.92 12.04 0.24
C HIS A 130 -12.18 11.38 0.76
N MET A 1 -12.42 -14.00 1.51
CA MET A 1 -11.49 -13.72 2.63
C MET A 1 -11.67 -12.27 3.08
N SER A 2 -10.66 -11.71 3.75
CA SER A 2 -10.73 -10.32 4.18
C SER A 2 -9.58 -9.54 3.55
N ILE A 3 -9.86 -8.93 2.42
CA ILE A 3 -8.82 -8.33 1.58
C ILE A 3 -8.03 -7.24 2.30
N PHE A 4 -8.69 -6.45 3.14
CA PHE A 4 -8.00 -5.39 3.88
C PHE A 4 -6.97 -5.98 4.83
N GLY A 5 -7.20 -7.21 5.27
CA GLY A 5 -6.26 -7.87 6.15
C GLY A 5 -5.21 -8.63 5.36
N LYS A 6 -5.43 -8.77 4.07
CA LYS A 6 -4.50 -9.45 3.19
C LYS A 6 -3.47 -8.47 2.65
N ILE A 7 -3.93 -7.31 2.21
CA ILE A 7 -3.04 -6.31 1.61
C ILE A 7 -2.06 -5.75 2.64
N MET A 8 -2.51 -5.67 3.90
CA MET A 8 -1.68 -5.10 4.95
C MET A 8 -0.53 -6.03 5.32
N SER A 9 -0.63 -7.28 4.91
CA SER A 9 0.38 -8.29 5.23
C SER A 9 1.71 -7.95 4.55
N ALA A 10 1.62 -7.30 3.41
CA ALA A 10 2.82 -6.89 2.69
C ALA A 10 3.29 -5.53 3.17
N ILE A 11 2.33 -4.62 3.32
CA ILE A 11 2.62 -3.25 3.73
C ILE A 11 3.27 -3.21 5.11
N PHE A 12 2.67 -3.91 6.05
CA PHE A 12 3.17 -3.94 7.42
C PHE A 12 4.06 -5.16 7.63
N GLY A 13 4.47 -5.78 6.54
CA GLY A 13 5.28 -6.98 6.63
C GLY A 13 6.72 -6.74 6.19
N ASP A 14 7.05 -5.49 5.92
CA ASP A 14 8.41 -5.16 5.51
C ASP A 14 8.83 -3.78 6.01
N SER A 15 10.11 -3.63 6.28
CA SER A 15 10.69 -2.36 6.65
C SER A 15 12.16 -2.33 6.22
N ALA A 16 12.49 -3.16 5.24
CA ALA A 16 13.90 -3.35 4.84
C ALA A 16 14.05 -3.47 3.32
N ALA A 17 13.27 -4.35 2.72
CA ALA A 17 13.38 -4.61 1.29
C ALA A 17 12.55 -3.62 0.48
N ALA A 18 11.53 -3.07 1.11
CA ALA A 18 10.69 -2.05 0.49
C ALA A 18 10.74 -0.77 1.31
N SER A 19 11.83 -0.61 2.06
CA SER A 19 11.99 0.51 2.98
C SER A 19 12.04 1.86 2.25
N PRO A 20 11.31 2.85 2.77
CA PRO A 20 11.38 4.23 2.27
C PRO A 20 12.77 4.84 2.48
N GLY A 21 13.48 5.10 1.40
CA GLY A 21 14.80 5.68 1.50
C GLY A 21 15.33 6.09 0.14
N GLY A 22 16.50 6.71 0.16
CA GLY A 22 17.13 7.14 -1.07
C GLY A 22 18.53 6.60 -1.20
N ALA A 23 19.08 6.67 -2.40
CA ALA A 23 20.43 6.18 -2.66
C ALA A 23 21.19 7.18 -3.52
N GLN A 24 22.51 7.16 -3.41
CA GLN A 24 23.35 8.06 -4.18
C GLN A 24 24.06 7.30 -5.27
N ALA A 25 24.64 8.03 -6.22
CA ALA A 25 25.37 7.42 -7.31
C ALA A 25 26.69 6.84 -6.81
N PRO A 26 27.06 5.64 -7.30
CA PRO A 26 28.32 5.00 -6.92
C PRO A 26 29.52 5.86 -7.29
N ALA A 27 30.49 5.93 -6.39
CA ALA A 27 31.69 6.73 -6.60
C ALA A 27 32.49 6.21 -7.79
N THR A 28 32.24 6.79 -8.95
CA THR A 28 32.95 6.41 -10.15
C THR A 28 34.21 7.26 -10.33
N THR A 29 35.33 6.57 -10.54
CA THR A 29 36.63 7.22 -10.77
C THR A 29 37.17 7.87 -9.49
N GLY A 30 36.48 8.90 -9.01
CA GLY A 30 36.92 9.61 -7.84
C GLY A 30 36.26 10.96 -7.72
N ALA A 31 35.07 10.99 -7.13
CA ALA A 31 34.34 12.23 -6.94
C ALA A 31 33.67 12.23 -5.57
N ALA A 32 34.39 12.76 -4.57
CA ALA A 32 33.91 12.83 -3.20
C ALA A 32 33.62 11.43 -2.63
N GLY A 33 34.21 10.42 -3.27
CA GLY A 33 33.95 9.04 -2.88
C GLY A 33 34.77 8.61 -1.69
N THR A 34 35.46 9.55 -1.07
CA THR A 34 36.25 9.28 0.11
C THR A 34 35.36 8.85 1.27
N ALA A 35 34.16 9.41 1.32
CA ALA A 35 33.22 9.10 2.38
C ALA A 35 32.23 8.02 1.92
N PRO A 36 32.23 6.87 2.59
CA PRO A 36 31.29 5.78 2.28
C PRO A 36 29.86 6.16 2.64
N THR A 37 29.01 6.30 1.63
CA THR A 37 27.64 6.66 1.84
C THR A 37 26.81 5.44 2.23
N ALA A 38 26.63 5.26 3.53
CA ALA A 38 25.85 4.15 4.04
C ALA A 38 24.76 4.65 4.98
N PRO A 39 23.50 4.61 4.53
CA PRO A 39 22.36 5.06 5.34
C PRO A 39 22.11 4.12 6.51
N GLN A 40 22.03 4.69 7.71
CA GLN A 40 21.80 3.90 8.91
C GLN A 40 20.35 3.99 9.35
N PRO A 41 19.58 2.92 9.14
CA PRO A 41 18.22 2.82 9.63
C PRO A 41 18.21 2.42 11.10
N THR A 42 17.89 3.37 11.98
CA THR A 42 17.87 3.11 13.40
C THR A 42 16.61 2.34 13.78
N ALA A 43 15.48 2.85 13.33
CA ALA A 43 14.19 2.24 13.60
C ALA A 43 13.15 2.72 12.60
N ALA A 44 11.93 2.26 12.76
CA ALA A 44 10.83 2.64 11.89
C ALA A 44 9.54 2.69 12.70
N PRO A 45 9.27 3.84 13.32
CA PRO A 45 8.15 3.99 14.24
C PRO A 45 6.80 4.12 13.52
N SER A 46 6.84 4.19 12.21
CA SER A 46 5.63 4.29 11.42
C SER A 46 5.84 3.66 10.04
N ILE A 47 4.81 3.04 9.52
CA ILE A 47 4.88 2.36 8.24
C ILE A 47 4.45 3.28 7.10
N ASP A 48 5.41 3.77 6.33
CA ASP A 48 5.11 4.68 5.24
C ASP A 48 4.56 3.90 4.05
N VAL A 49 3.27 4.07 3.79
CA VAL A 49 2.58 3.27 2.80
C VAL A 49 2.88 3.74 1.38
N ALA A 50 3.26 5.00 1.25
CA ALA A 50 3.47 5.62 -0.06
C ALA A 50 4.48 4.85 -0.92
N PRO A 51 5.73 4.63 -0.46
CA PRO A 51 6.76 3.96 -1.27
C PRO A 51 6.53 2.45 -1.37
N ILE A 52 5.55 1.95 -0.63
CA ILE A 52 5.25 0.53 -0.65
C ILE A 52 4.20 0.22 -1.71
N LEU A 53 3.28 1.14 -1.94
CA LEU A 53 2.21 0.91 -2.91
C LEU A 53 2.54 1.53 -4.26
N ASP A 54 2.96 2.80 -4.25
CA ASP A 54 3.17 3.52 -5.49
C ASP A 54 4.42 3.02 -6.21
N LYS A 55 5.42 2.63 -5.44
CA LYS A 55 6.68 2.16 -6.01
C LYS A 55 6.59 0.68 -6.41
N ALA A 56 5.66 -0.05 -5.79
CA ALA A 56 5.46 -1.45 -6.13
C ALA A 56 4.37 -1.61 -7.19
N VAL A 57 3.63 -0.53 -7.43
CA VAL A 57 2.55 -0.55 -8.40
C VAL A 57 3.12 -0.72 -9.81
N LYS A 58 4.31 -0.19 -10.02
CA LYS A 58 5.00 -0.32 -11.30
C LYS A 58 5.56 -1.73 -11.45
N ALA A 59 5.62 -2.47 -10.34
CA ALA A 59 6.06 -3.85 -10.36
C ALA A 59 4.86 -4.76 -10.62
N LYS A 60 3.68 -4.31 -10.21
CA LYS A 60 2.45 -5.01 -10.51
C LYS A 60 2.25 -5.00 -12.02
N GLY A 61 2.65 -3.91 -12.65
CA GLY A 61 2.65 -3.85 -14.10
C GLY A 61 1.78 -2.75 -14.65
N GLU A 62 1.43 -1.81 -13.79
CA GLU A 62 0.48 -0.77 -14.15
C GLU A 62 0.50 0.35 -13.12
N LYS A 63 0.59 1.60 -13.59
CA LYS A 63 0.61 2.73 -12.68
C LYS A 63 -0.82 3.03 -12.23
N LEU A 64 -1.11 2.65 -11.01
CA LEU A 64 -2.45 2.76 -10.47
C LEU A 64 -2.55 3.94 -9.51
N GLU A 65 -3.76 4.39 -9.25
CA GLU A 65 -3.98 5.52 -8.36
C GLU A 65 -4.61 5.05 -7.07
N TRP A 66 -3.81 4.43 -6.22
CA TRP A 66 -4.27 3.94 -4.93
C TRP A 66 -4.72 5.08 -4.04
N ARG A 67 -4.25 6.28 -4.36
CA ARG A 67 -4.51 7.45 -3.55
C ARG A 67 -5.95 7.94 -3.76
N THR A 68 -6.59 7.43 -4.81
CA THR A 68 -7.98 7.78 -5.11
C THR A 68 -8.84 6.52 -5.25
N SER A 69 -8.32 5.54 -5.96
CA SER A 69 -9.06 4.33 -6.29
C SER A 69 -8.74 3.21 -5.31
N ILE A 70 -9.78 2.63 -4.73
CA ILE A 70 -9.60 1.56 -3.76
C ILE A 70 -9.31 0.25 -4.47
N VAL A 71 -9.86 0.11 -5.68
CA VAL A 71 -9.66 -1.09 -6.47
C VAL A 71 -8.20 -1.20 -6.92
N ASP A 72 -7.53 -0.06 -7.03
CA ASP A 72 -6.17 0.00 -7.54
C ASP A 72 -5.16 -0.49 -6.52
N LEU A 73 -5.29 -0.09 -5.26
CA LEU A 73 -4.36 -0.56 -4.24
C LEU A 73 -4.64 -2.03 -3.93
N MET A 74 -5.91 -2.42 -4.06
CA MET A 74 -6.30 -3.81 -3.86
C MET A 74 -5.57 -4.71 -4.84
N LYS A 75 -5.60 -4.34 -6.13
CA LYS A 75 -4.98 -5.14 -7.17
C LYS A 75 -3.46 -5.06 -7.08
N ALA A 76 -2.95 -3.88 -6.72
CA ALA A 76 -1.50 -3.63 -6.67
C ALA A 76 -0.78 -4.62 -5.76
N LEU A 77 -1.36 -4.86 -4.60
CA LEU A 77 -0.74 -5.74 -3.62
C LEU A 77 -0.72 -7.20 -4.08
N ASP A 78 -1.90 -7.82 -4.17
CA ASP A 78 -1.95 -9.26 -4.45
C ASP A 78 -3.35 -9.71 -4.89
N ILE A 79 -4.22 -8.78 -5.24
CA ILE A 79 -5.61 -9.15 -5.45
C ILE A 79 -5.99 -9.06 -6.93
N ASP A 80 -6.88 -9.96 -7.33
CA ASP A 80 -7.28 -10.10 -8.73
C ASP A 80 -8.14 -8.94 -9.20
N SER A 81 -8.58 -8.13 -8.24
CA SER A 81 -9.50 -7.00 -8.48
C SER A 81 -10.70 -7.42 -9.34
N SER A 82 -11.06 -8.70 -9.26
CA SER A 82 -12.14 -9.25 -10.05
C SER A 82 -13.47 -9.05 -9.32
N LEU A 83 -14.48 -9.77 -9.75
CA LEU A 83 -15.81 -9.70 -9.15
C LEU A 83 -15.73 -10.19 -7.71
N SER A 84 -15.06 -11.33 -7.52
CA SER A 84 -14.91 -11.94 -6.20
C SER A 84 -14.26 -10.94 -5.24
N ALA A 85 -13.23 -10.26 -5.71
CA ALA A 85 -12.49 -9.30 -4.90
C ALA A 85 -13.38 -8.18 -4.40
N ARG A 86 -14.04 -7.48 -5.33
CA ARG A 86 -14.88 -6.35 -4.97
C ARG A 86 -16.10 -6.80 -4.15
N LYS A 87 -16.40 -8.09 -4.24
CA LYS A 87 -17.52 -8.66 -3.52
C LYS A 87 -17.18 -8.82 -2.04
N GLU A 88 -16.13 -9.60 -1.76
CA GLU A 88 -15.76 -9.92 -0.39
C GLU A 88 -15.14 -8.72 0.33
N LEU A 89 -14.57 -7.79 -0.42
CA LEU A 89 -14.00 -6.59 0.18
C LEU A 89 -15.11 -5.74 0.80
N ALA A 90 -16.11 -5.43 0.00
CA ALA A 90 -17.26 -4.66 0.48
C ALA A 90 -18.02 -5.46 1.54
N LYS A 91 -18.07 -6.77 1.34
CA LYS A 91 -18.76 -7.68 2.23
C LYS A 91 -18.18 -7.63 3.65
N GLU A 92 -16.86 -7.61 3.73
CA GLU A 92 -16.16 -7.61 5.02
C GLU A 92 -16.20 -6.24 5.68
N LEU A 93 -16.54 -5.22 4.92
CA LEU A 93 -16.62 -3.86 5.45
C LEU A 93 -18.01 -3.60 6.01
N GLY A 94 -19.01 -4.21 5.40
CA GLY A 94 -20.37 -4.03 5.85
C GLY A 94 -21.36 -4.21 4.73
N TYR A 95 -21.10 -3.54 3.62
CA TYR A 95 -21.90 -3.64 2.40
C TYR A 95 -23.36 -3.23 2.64
N SER A 96 -23.66 -1.97 2.38
CA SER A 96 -25.03 -1.48 2.48
C SER A 96 -25.21 -0.33 1.50
N GLY A 97 -26.23 -0.44 0.64
CA GLY A 97 -26.50 0.60 -0.34
C GLY A 97 -26.96 0.03 -1.66
N ASP A 98 -27.63 0.86 -2.45
CA ASP A 98 -28.12 0.44 -3.76
C ASP A 98 -28.00 1.56 -4.79
N MET A 99 -28.52 2.73 -4.46
CA MET A 99 -28.57 3.84 -5.41
C MET A 99 -27.27 4.64 -5.44
N ASN A 100 -26.29 4.19 -4.68
CA ASN A 100 -24.98 4.84 -4.65
C ASN A 100 -24.19 4.51 -5.90
N ASP A 101 -24.57 3.40 -6.56
CA ASP A 101 -23.95 2.99 -7.82
C ASP A 101 -22.46 2.66 -7.62
N SER A 102 -21.78 2.27 -8.69
CA SER A 102 -20.36 1.99 -8.64
C SER A 102 -19.58 3.29 -8.44
N ALA A 103 -20.23 4.41 -8.74
CA ALA A 103 -19.62 5.72 -8.60
C ALA A 103 -19.19 5.98 -7.16
N SER A 104 -20.15 5.93 -6.25
CA SER A 104 -19.87 6.18 -4.84
C SER A 104 -19.28 4.93 -4.18
N MET A 105 -19.30 3.82 -4.92
CA MET A 105 -18.77 2.56 -4.41
C MET A 105 -17.25 2.64 -4.24
N ASN A 106 -16.57 3.20 -5.24
CA ASN A 106 -15.12 3.35 -5.17
C ASN A 106 -14.75 4.32 -4.05
N ILE A 107 -15.62 5.30 -3.80
CA ILE A 107 -15.39 6.30 -2.78
C ILE A 107 -15.53 5.70 -1.38
N TRP A 108 -16.69 5.11 -1.10
CA TRP A 108 -16.99 4.62 0.25
C TRP A 108 -15.99 3.54 0.65
N LEU A 109 -15.73 2.62 -0.26
CA LEU A 109 -14.78 1.53 0.00
C LEU A 109 -13.41 2.08 0.32
N HIS A 110 -13.02 3.14 -0.38
CA HIS A 110 -11.69 3.73 -0.19
C HIS A 110 -11.58 4.36 1.19
N LYS A 111 -12.71 4.74 1.75
CA LYS A 111 -12.76 5.31 3.10
C LYS A 111 -12.66 4.20 4.14
N GLN A 112 -13.53 3.21 3.98
CA GLN A 112 -13.71 2.16 4.97
C GLN A 112 -12.46 1.28 5.08
N VAL A 113 -11.92 0.86 3.95
CA VAL A 113 -10.69 0.07 3.92
C VAL A 113 -9.53 0.85 4.53
N MET A 114 -9.52 2.15 4.29
CA MET A 114 -8.46 3.02 4.79
C MET A 114 -8.43 2.99 6.31
N SER A 115 -9.63 2.98 6.90
CA SER A 115 -9.77 2.98 8.35
C SER A 115 -9.32 1.65 8.95
N LYS A 116 -9.30 0.60 8.12
CA LYS A 116 -8.88 -0.72 8.55
C LYS A 116 -7.38 -0.91 8.29
N LEU A 117 -6.82 -0.05 7.46
CA LEU A 117 -5.45 -0.21 6.98
C LEU A 117 -4.48 0.69 7.73
N VAL A 118 -4.53 1.99 7.45
CA VAL A 118 -3.53 2.92 7.98
C VAL A 118 -3.67 3.10 9.49
N ALA A 119 -4.81 2.69 10.04
CA ALA A 119 -5.02 2.79 11.49
C ALA A 119 -4.16 1.77 12.23
N ASN A 120 -3.50 0.89 11.48
CA ASN A 120 -2.62 -0.12 12.06
C ASN A 120 -1.21 0.43 12.23
N GLY A 121 -1.02 1.69 11.88
CA GLY A 121 0.30 2.29 11.98
C GLY A 121 0.85 2.71 10.63
N GLY A 122 -0.04 2.83 9.65
CA GLY A 122 0.34 3.24 8.33
C GLY A 122 0.38 4.75 8.18
N LYS A 123 1.48 5.25 7.65
CA LYS A 123 1.67 6.66 7.38
C LYS A 123 1.35 6.95 5.92
N LEU A 124 0.62 8.04 5.67
CA LEU A 124 0.30 8.44 4.32
C LEU A 124 0.52 9.94 4.14
N PRO A 125 0.94 10.36 2.95
CA PRO A 125 1.10 11.78 2.61
C PRO A 125 -0.24 12.52 2.72
N PRO A 126 -0.18 13.85 2.96
CA PRO A 126 -1.38 14.68 3.20
C PRO A 126 -2.25 14.87 1.95
N GLU A 127 -2.37 13.84 1.14
CA GLU A 127 -3.23 13.87 -0.04
C GLU A 127 -4.23 12.74 0.01
N ILE A 128 -3.83 11.61 0.58
CA ILE A 128 -4.64 10.41 0.54
C ILE A 128 -5.59 10.35 1.72
N LYS A 129 -6.68 11.09 1.59
CA LYS A 129 -7.75 11.11 2.58
C LYS A 129 -8.81 12.11 2.16
N HIS A 130 -9.93 11.61 1.69
CA HIS A 130 -11.05 12.43 1.28
C HIS A 130 -12.35 11.82 1.77
N MET A 1 -12.91 -13.07 2.02
CA MET A 1 -11.74 -12.95 2.91
C MET A 1 -11.50 -11.47 3.20
N SER A 2 -10.64 -11.17 4.14
CA SER A 2 -10.39 -9.81 4.57
C SER A 2 -9.31 -9.17 3.72
N ILE A 3 -9.70 -8.64 2.58
CA ILE A 3 -8.77 -8.11 1.60
C ILE A 3 -8.01 -6.91 2.16
N PHE A 4 -8.66 -6.12 2.99
CA PHE A 4 -7.98 -4.98 3.63
C PHE A 4 -6.86 -5.48 4.56
N GLY A 5 -6.96 -6.73 4.98
CA GLY A 5 -5.93 -7.31 5.81
C GLY A 5 -4.88 -8.02 4.98
N LYS A 6 -5.24 -8.33 3.74
CA LYS A 6 -4.31 -9.00 2.82
C LYS A 6 -3.36 -7.98 2.20
N ILE A 7 -3.89 -6.80 1.89
CA ILE A 7 -3.09 -5.75 1.29
C ILE A 7 -2.03 -5.23 2.26
N MET A 8 -2.40 -5.13 3.54
CA MET A 8 -1.47 -4.61 4.54
C MET A 8 -0.48 -5.68 4.97
N SER A 9 -0.70 -6.90 4.50
CA SER A 9 0.17 -8.02 4.83
C SER A 9 1.58 -7.78 4.28
N ALA A 10 1.67 -7.18 3.10
CA ALA A 10 2.95 -6.89 2.49
C ALA A 10 3.42 -5.48 2.85
N ILE A 11 2.48 -4.65 3.28
CA ILE A 11 2.79 -3.28 3.66
C ILE A 11 3.42 -3.24 5.05
N PHE A 12 2.75 -3.86 6.01
CA PHE A 12 3.25 -3.90 7.39
C PHE A 12 4.06 -5.16 7.61
N GLY A 13 4.40 -5.83 6.52
CA GLY A 13 5.14 -7.05 6.59
C GLY A 13 6.47 -6.97 5.86
N ASP A 14 7.00 -5.76 5.74
CA ASP A 14 8.30 -5.58 5.13
C ASP A 14 9.11 -4.56 5.92
N SER A 15 10.34 -4.92 6.22
CA SER A 15 11.26 -4.02 6.90
C SER A 15 12.68 -4.44 6.52
N ALA A 16 12.80 -5.02 5.34
CA ALA A 16 14.06 -5.58 4.88
C ALA A 16 14.33 -5.22 3.43
N ALA A 17 13.28 -5.09 2.64
CA ALA A 17 13.42 -4.75 1.23
C ALA A 17 13.00 -3.31 0.99
N ALA A 18 11.91 -2.90 1.62
CA ALA A 18 11.39 -1.56 1.47
C ALA A 18 12.02 -0.61 2.48
N SER A 19 12.54 0.50 1.99
CA SER A 19 13.12 1.51 2.85
C SER A 19 12.82 2.91 2.31
N PRO A 20 11.81 3.58 2.89
CA PRO A 20 11.42 4.95 2.51
C PRO A 20 12.61 5.89 2.43
N GLY A 21 12.75 6.55 1.28
CA GLY A 21 13.80 7.54 1.12
C GLY A 21 15.09 6.95 0.56
N GLY A 22 15.62 5.95 1.26
CA GLY A 22 16.91 5.39 0.89
C GLY A 22 16.81 4.29 -0.15
N ALA A 23 15.61 4.01 -0.62
CA ALA A 23 15.40 2.98 -1.63
C ALA A 23 15.76 3.50 -3.02
N GLN A 24 17.05 3.61 -3.28
CA GLN A 24 17.54 4.04 -4.57
C GLN A 24 18.75 3.23 -4.98
N ALA A 25 18.63 2.53 -6.09
CA ALA A 25 19.74 1.75 -6.62
C ALA A 25 20.56 2.59 -7.61
N PRO A 26 21.90 2.47 -7.56
CA PRO A 26 22.78 3.16 -8.50
C PRO A 26 22.57 2.67 -9.92
N ALA A 27 22.22 3.58 -10.82
CA ALA A 27 21.90 3.21 -12.19
C ALA A 27 23.15 3.18 -13.05
N THR A 28 23.60 1.97 -13.39
CA THR A 28 24.74 1.76 -14.28
C THR A 28 26.06 2.19 -13.63
N THR A 29 26.97 1.21 -13.47
CA THR A 29 28.29 1.45 -12.89
C THR A 29 28.23 1.63 -11.37
N GLY A 30 28.80 0.67 -10.65
CA GLY A 30 28.83 0.74 -9.20
C GLY A 30 29.77 -0.30 -8.63
N ALA A 31 30.12 -0.14 -7.35
CA ALA A 31 31.02 -1.08 -6.71
C ALA A 31 30.28 -2.30 -6.19
N ALA A 32 29.99 -3.21 -7.12
CA ALA A 32 29.27 -4.46 -6.83
C ALA A 32 27.89 -4.19 -6.23
N GLY A 33 27.84 -4.06 -4.90
CA GLY A 33 26.61 -3.75 -4.23
C GLY A 33 26.86 -3.04 -2.92
N THR A 34 28.02 -2.42 -2.80
CA THR A 34 28.41 -1.74 -1.59
C THR A 34 28.23 -0.23 -1.70
N ALA A 35 27.25 0.28 -1.00
CA ALA A 35 27.00 1.72 -0.96
C ALA A 35 27.44 2.30 0.38
N PRO A 36 27.97 3.53 0.38
CA PRO A 36 28.38 4.21 1.61
C PRO A 36 27.23 4.41 2.58
N THR A 37 27.22 3.62 3.64
CA THR A 37 26.18 3.70 4.65
C THR A 37 26.41 4.87 5.60
N ALA A 38 25.84 6.01 5.25
CA ALA A 38 25.93 7.19 6.09
C ALA A 38 24.62 7.45 6.84
N PRO A 39 23.47 7.56 6.14
CA PRO A 39 22.18 7.76 6.81
C PRO A 39 21.69 6.50 7.50
N GLN A 40 21.66 6.53 8.83
CA GLN A 40 21.24 5.37 9.61
C GLN A 40 19.92 5.66 10.33
N PRO A 41 18.80 5.16 9.78
CA PRO A 41 17.51 5.26 10.44
C PRO A 41 17.43 4.34 11.65
N THR A 42 16.95 4.87 12.77
CA THR A 42 16.83 4.09 13.98
C THR A 42 15.46 3.42 14.07
N ALA A 43 15.43 2.12 13.75
CA ALA A 43 14.20 1.33 13.80
C ALA A 43 13.16 1.83 12.80
N ALA A 44 11.95 1.32 12.92
CA ALA A 44 10.86 1.73 12.07
C ALA A 44 9.61 1.93 12.91
N PRO A 45 9.49 3.10 13.55
CA PRO A 45 8.41 3.38 14.48
C PRO A 45 7.11 3.77 13.77
N SER A 46 7.19 3.94 12.47
CA SER A 46 6.03 4.26 11.66
C SER A 46 6.18 3.63 10.28
N ILE A 47 5.08 3.14 9.74
CA ILE A 47 5.09 2.48 8.45
C ILE A 47 4.71 3.45 7.35
N ASP A 48 5.67 3.86 6.54
CA ASP A 48 5.41 4.78 5.45
C ASP A 48 4.85 4.01 4.27
N VAL A 49 3.55 4.12 4.06
CA VAL A 49 2.86 3.33 3.05
C VAL A 49 3.15 3.83 1.63
N ALA A 50 3.53 5.10 1.54
CA ALA A 50 3.74 5.75 0.25
C ALA A 50 4.75 5.00 -0.63
N PRO A 51 6.01 4.81 -0.17
CA PRO A 51 7.04 4.14 -0.99
C PRO A 51 6.87 2.63 -1.01
N ILE A 52 5.76 2.14 -0.49
CA ILE A 52 5.45 0.73 -0.55
C ILE A 52 4.50 0.47 -1.71
N LEU A 53 3.36 1.16 -1.70
CA LEU A 53 2.36 0.98 -2.73
C LEU A 53 2.76 1.66 -4.03
N ASP A 54 3.55 2.72 -3.92
CA ASP A 54 4.04 3.43 -5.09
C ASP A 54 4.89 2.50 -5.96
N LYS A 55 5.68 1.66 -5.30
CA LYS A 55 6.54 0.74 -6.01
C LYS A 55 5.76 -0.52 -6.37
N ALA A 56 4.69 -0.79 -5.60
CA ALA A 56 3.80 -1.90 -5.90
C ALA A 56 3.06 -1.67 -7.21
N VAL A 57 2.73 -0.42 -7.47
CA VAL A 57 2.09 -0.05 -8.73
C VAL A 57 3.01 -0.37 -9.91
N LYS A 58 4.26 0.01 -9.76
CA LYS A 58 5.26 -0.19 -10.81
C LYS A 58 5.65 -1.67 -10.90
N ALA A 59 5.24 -2.45 -9.89
CA ALA A 59 5.46 -3.88 -9.91
C ALA A 59 4.30 -4.59 -10.60
N LYS A 60 3.12 -3.97 -10.54
CA LYS A 60 1.94 -4.50 -11.22
C LYS A 60 2.08 -4.29 -12.72
N GLY A 61 2.71 -3.18 -13.08
CA GLY A 61 3.04 -2.94 -14.48
C GLY A 61 2.16 -1.89 -15.10
N GLU A 62 0.99 -1.71 -14.53
CA GLU A 62 0.02 -0.76 -15.04
C GLU A 62 0.07 0.53 -14.23
N LYS A 63 -0.26 1.65 -14.87
CA LYS A 63 -0.24 2.94 -14.20
C LYS A 63 -1.43 3.04 -13.27
N LEU A 64 -1.17 3.16 -11.98
CA LEU A 64 -2.21 3.22 -10.98
C LEU A 64 -2.05 4.45 -10.11
N GLU A 65 -3.02 4.69 -9.24
CA GLU A 65 -2.91 5.73 -8.23
C GLU A 65 -3.67 5.31 -6.97
N TRP A 66 -2.99 4.54 -6.14
CA TRP A 66 -3.55 3.95 -4.93
C TRP A 66 -4.07 5.01 -3.96
N ARG A 67 -3.49 6.20 -4.03
CA ARG A 67 -3.85 7.28 -3.13
C ARG A 67 -5.31 7.68 -3.33
N THR A 68 -5.81 7.49 -4.54
CA THR A 68 -7.19 7.86 -4.85
C THR A 68 -8.06 6.64 -5.08
N SER A 69 -7.55 5.69 -5.85
CA SER A 69 -8.34 4.55 -6.28
C SER A 69 -8.11 3.35 -5.35
N ILE A 70 -9.18 2.89 -4.73
CA ILE A 70 -9.09 1.77 -3.79
C ILE A 70 -8.87 0.46 -4.54
N VAL A 71 -9.35 0.41 -5.78
CA VAL A 71 -9.21 -0.76 -6.61
C VAL A 71 -7.76 -0.96 -7.06
N ASP A 72 -7.03 0.15 -7.16
CA ASP A 72 -5.65 0.13 -7.64
C ASP A 72 -4.72 -0.58 -6.67
N LEU A 73 -4.78 -0.17 -5.41
CA LEU A 73 -3.92 -0.76 -4.39
C LEU A 73 -4.30 -2.20 -4.12
N MET A 74 -5.57 -2.52 -4.34
CA MET A 74 -6.08 -3.87 -4.14
C MET A 74 -5.40 -4.84 -5.10
N LYS A 75 -5.42 -4.52 -6.38
CA LYS A 75 -4.85 -5.40 -7.39
C LYS A 75 -3.32 -5.39 -7.34
N ALA A 76 -2.74 -4.20 -7.19
CA ALA A 76 -1.30 -4.03 -7.21
C ALA A 76 -0.61 -4.84 -6.12
N LEU A 77 -1.28 -4.99 -4.98
CA LEU A 77 -0.69 -5.66 -3.85
C LEU A 77 -0.78 -7.18 -4.01
N ASP A 78 -1.99 -7.72 -4.10
CA ASP A 78 -2.17 -9.17 -3.96
C ASP A 78 -3.45 -9.69 -4.62
N ILE A 79 -4.33 -8.80 -5.04
CA ILE A 79 -5.69 -9.21 -5.38
C ILE A 79 -5.97 -9.13 -6.87
N ASP A 80 -6.83 -10.02 -7.35
CA ASP A 80 -7.16 -10.15 -8.77
C ASP A 80 -8.02 -9.00 -9.27
N SER A 81 -8.47 -8.14 -8.35
CA SER A 81 -9.41 -7.05 -8.64
C SER A 81 -10.62 -7.55 -9.43
N SER A 82 -11.04 -8.77 -9.17
CA SER A 82 -12.16 -9.38 -9.88
C SER A 82 -13.48 -9.06 -9.18
N LEU A 83 -14.58 -9.63 -9.69
CA LEU A 83 -15.88 -9.42 -9.08
C LEU A 83 -15.86 -9.96 -7.66
N SER A 84 -15.21 -11.09 -7.49
CA SER A 84 -15.10 -11.72 -6.18
C SER A 84 -14.32 -10.80 -5.22
N ALA A 85 -13.34 -10.09 -5.76
CA ALA A 85 -12.55 -9.16 -4.96
C ALA A 85 -13.41 -8.05 -4.40
N ARG A 86 -14.17 -7.38 -5.27
CA ARG A 86 -15.08 -6.32 -4.83
C ARG A 86 -16.15 -6.89 -3.90
N LYS A 87 -16.52 -8.14 -4.13
CA LYS A 87 -17.58 -8.81 -3.39
C LYS A 87 -17.21 -8.98 -1.92
N GLU A 88 -16.09 -9.64 -1.67
CA GLU A 88 -15.72 -10.00 -0.31
C GLU A 88 -15.18 -8.81 0.47
N LEU A 89 -14.42 -7.94 -0.19
CA LEU A 89 -13.88 -6.75 0.47
C LEU A 89 -15.01 -5.85 0.95
N ALA A 90 -16.02 -5.67 0.10
CA ALA A 90 -17.14 -4.82 0.45
C ALA A 90 -17.94 -5.42 1.59
N LYS A 91 -18.15 -6.74 1.57
CA LYS A 91 -18.97 -7.39 2.59
C LYS A 91 -18.21 -7.50 3.92
N GLU A 92 -16.91 -7.33 3.87
CA GLU A 92 -16.11 -7.27 5.09
C GLU A 92 -16.35 -5.95 5.81
N LEU A 93 -16.70 -4.93 5.03
CA LEU A 93 -16.97 -3.61 5.59
C LEU A 93 -18.46 -3.41 5.83
N GLY A 94 -19.29 -3.93 4.94
CA GLY A 94 -20.72 -3.81 5.11
C GLY A 94 -21.50 -4.28 3.88
N TYR A 95 -21.00 -3.92 2.70
CA TYR A 95 -21.61 -4.27 1.41
C TYR A 95 -22.89 -3.46 1.19
N SER A 96 -22.81 -2.47 0.32
CA SER A 96 -23.94 -1.62 0.00
C SER A 96 -24.04 -1.40 -1.49
N GLY A 97 -25.12 -1.89 -2.09
CA GLY A 97 -25.31 -1.76 -3.52
C GLY A 97 -26.69 -1.25 -3.85
N ASP A 98 -27.05 -0.13 -3.24
CA ASP A 98 -28.36 0.48 -3.42
C ASP A 98 -28.28 1.49 -4.56
N MET A 99 -29.10 2.55 -4.50
CA MET A 99 -29.09 3.58 -5.53
C MET A 99 -27.83 4.45 -5.43
N ASN A 100 -26.97 4.13 -4.47
CA ASN A 100 -25.69 4.82 -4.33
C ASN A 100 -24.78 4.51 -5.51
N ASP A 101 -25.02 3.35 -6.15
CA ASP A 101 -24.28 2.94 -7.33
C ASP A 101 -22.79 2.73 -7.02
N SER A 102 -22.04 2.22 -8.00
CA SER A 102 -20.61 2.04 -7.83
C SER A 102 -19.93 3.39 -7.64
N ALA A 103 -20.61 4.46 -8.07
CA ALA A 103 -20.11 5.81 -7.93
C ALA A 103 -19.79 6.15 -6.49
N SER A 104 -20.76 5.94 -5.60
CA SER A 104 -20.56 6.20 -4.19
C SER A 104 -19.87 5.02 -3.53
N MET A 105 -19.90 3.86 -4.18
CA MET A 105 -19.29 2.65 -3.64
C MET A 105 -17.77 2.78 -3.61
N ASN A 106 -17.20 3.43 -4.61
CA ASN A 106 -15.75 3.64 -4.64
C ASN A 106 -15.31 4.58 -3.52
N ILE A 107 -16.14 5.58 -3.24
CA ILE A 107 -15.85 6.54 -2.18
C ILE A 107 -15.89 5.88 -0.81
N TRP A 108 -17.03 5.30 -0.48
CA TRP A 108 -17.23 4.66 0.83
C TRP A 108 -16.19 3.58 1.09
N LEU A 109 -15.87 2.79 0.07
CA LEU A 109 -14.94 1.69 0.21
C LEU A 109 -13.54 2.21 0.53
N HIS A 110 -13.14 3.27 -0.18
CA HIS A 110 -11.82 3.86 -0.01
C HIS A 110 -11.67 4.51 1.36
N LYS A 111 -12.80 4.77 2.01
CA LYS A 111 -12.80 5.34 3.36
C LYS A 111 -12.72 4.25 4.41
N GLN A 112 -13.57 3.24 4.28
CA GLN A 112 -13.74 2.22 5.30
C GLN A 112 -12.62 1.19 5.27
N VAL A 113 -11.86 1.11 4.19
CA VAL A 113 -10.66 0.31 4.17
C VAL A 113 -9.53 1.03 4.91
N MET A 114 -9.47 2.35 4.74
CA MET A 114 -8.39 3.16 5.31
C MET A 114 -8.54 3.31 6.82
N SER A 115 -9.75 3.19 7.33
CA SER A 115 -9.99 3.27 8.76
C SER A 115 -9.38 2.08 9.49
N LYS A 116 -8.93 1.09 8.71
CA LYS A 116 -8.16 -0.02 9.25
C LYS A 116 -6.70 0.14 8.85
N LEU A 117 -6.45 0.05 7.55
CA LEU A 117 -5.12 0.05 6.95
C LEU A 117 -4.16 1.06 7.60
N VAL A 118 -4.35 2.33 7.33
CA VAL A 118 -3.43 3.35 7.81
C VAL A 118 -3.59 3.59 9.30
N ALA A 119 -4.69 3.13 9.86
CA ALA A 119 -4.95 3.26 11.30
C ALA A 119 -4.04 2.33 12.09
N ASN A 120 -3.52 1.30 11.43
CA ASN A 120 -2.58 0.36 12.07
C ASN A 120 -1.24 1.05 12.35
N GLY A 121 -1.05 2.23 11.80
CA GLY A 121 0.20 2.95 12.01
C GLY A 121 0.90 3.30 10.71
N GLY A 122 0.14 3.31 9.64
CA GLY A 122 0.68 3.66 8.34
C GLY A 122 0.66 5.15 8.11
N LYS A 123 1.77 5.68 7.66
CA LYS A 123 1.89 7.10 7.36
C LYS A 123 1.38 7.36 5.96
N LEU A 124 0.48 8.32 5.83
CA LEU A 124 -0.05 8.69 4.54
C LEU A 124 -0.07 10.21 4.38
N PRO A 125 0.13 10.71 3.16
CA PRO A 125 0.01 12.13 2.87
C PRO A 125 -1.45 12.54 2.71
N PRO A 126 -1.75 13.85 2.59
CA PRO A 126 -3.13 14.35 2.43
C PRO A 126 -3.82 13.83 1.16
N GLU A 127 -3.08 13.03 0.39
CA GLU A 127 -3.62 12.39 -0.80
C GLU A 127 -4.73 11.42 -0.41
N ILE A 128 -4.54 10.75 0.71
CA ILE A 128 -5.51 9.81 1.22
C ILE A 128 -6.38 10.48 2.26
N LYS A 129 -7.50 11.01 1.84
CA LYS A 129 -8.41 11.68 2.75
C LYS A 129 -9.31 10.67 3.42
N HIS A 130 -8.81 10.11 4.49
CA HIS A 130 -9.58 9.16 5.27
C HIS A 130 -10.33 9.90 6.37
N MET A 1 -13.74 -12.80 2.82
CA MET A 1 -12.48 -12.56 3.57
C MET A 1 -12.14 -11.06 3.56
N SER A 2 -11.36 -10.64 4.53
CA SER A 2 -11.06 -9.23 4.73
C SER A 2 -9.82 -8.85 3.94
N ILE A 3 -10.02 -8.22 2.80
CA ILE A 3 -8.92 -7.95 1.88
C ILE A 3 -8.03 -6.82 2.40
N PHE A 4 -8.58 -5.97 3.25
CA PHE A 4 -7.77 -4.94 3.91
C PHE A 4 -6.74 -5.60 4.82
N GLY A 5 -7.00 -6.85 5.20
CA GLY A 5 -6.05 -7.60 5.99
C GLY A 5 -5.17 -8.49 5.13
N LYS A 6 -5.52 -8.62 3.86
CA LYS A 6 -4.75 -9.42 2.92
C LYS A 6 -3.60 -8.58 2.36
N ILE A 7 -3.90 -7.34 2.00
CA ILE A 7 -2.92 -6.46 1.37
C ILE A 7 -1.91 -5.94 2.38
N MET A 8 -2.31 -5.84 3.64
CA MET A 8 -1.46 -5.26 4.68
C MET A 8 -0.21 -6.12 4.92
N SER A 9 -0.27 -7.38 4.46
CA SER A 9 0.83 -8.33 4.62
C SER A 9 2.11 -7.81 3.98
N ALA A 10 1.97 -7.13 2.84
CA ALA A 10 3.14 -6.67 2.09
C ALA A 10 3.49 -5.23 2.46
N ILE A 11 2.62 -4.59 3.23
CA ILE A 11 2.85 -3.20 3.62
C ILE A 11 3.42 -3.14 5.04
N PHE A 12 2.76 -3.80 5.97
CA PHE A 12 3.15 -3.76 7.37
C PHE A 12 4.00 -4.97 7.72
N GLY A 13 4.32 -5.76 6.72
CA GLY A 13 5.14 -6.93 6.93
C GLY A 13 6.50 -6.79 6.27
N ASP A 14 6.86 -5.55 5.98
CA ASP A 14 8.14 -5.26 5.34
C ASP A 14 9.18 -4.85 6.35
N SER A 15 10.41 -5.28 6.11
CA SER A 15 11.56 -4.84 6.87
C SER A 15 12.83 -4.94 6.01
N ALA A 16 12.66 -5.17 4.70
CA ALA A 16 13.80 -5.38 3.81
C ALA A 16 13.41 -5.49 2.34
N ALA A 17 12.21 -5.06 1.98
CA ALA A 17 11.74 -5.16 0.60
C ALA A 17 10.98 -3.91 0.18
N ALA A 18 11.62 -3.09 -0.66
CA ALA A 18 11.02 -1.86 -1.20
C ALA A 18 10.81 -0.82 -0.10
N SER A 19 11.58 -0.95 0.97
CA SER A 19 11.50 -0.03 2.10
C SER A 19 11.97 1.38 1.69
N PRO A 20 11.39 2.42 2.31
CA PRO A 20 11.74 3.82 2.02
C PRO A 20 13.21 4.12 2.27
N GLY A 21 13.81 4.87 1.35
CA GLY A 21 15.20 5.24 1.47
C GLY A 21 16.12 4.27 0.77
N GLY A 22 16.96 3.58 1.54
CA GLY A 22 17.88 2.62 0.98
C GLY A 22 18.95 3.26 0.12
N ALA A 23 19.66 4.23 0.68
CA ALA A 23 20.73 4.90 -0.04
C ALA A 23 22.01 4.08 0.04
N GLN A 24 22.41 3.52 -1.10
CA GLN A 24 23.60 2.68 -1.15
C GLN A 24 24.57 3.21 -2.21
N ALA A 25 25.60 3.91 -1.77
CA ALA A 25 26.59 4.44 -2.69
C ALA A 25 27.47 3.34 -3.29
N PRO A 26 27.74 3.42 -4.61
CA PRO A 26 28.63 2.48 -5.29
C PRO A 26 30.06 2.60 -4.79
N ALA A 27 30.53 1.57 -4.10
CA ALA A 27 31.84 1.58 -3.48
C ALA A 27 32.93 1.21 -4.48
N THR A 28 33.86 2.12 -4.68
CA THR A 28 35.01 1.86 -5.54
C THR A 28 36.12 1.21 -4.72
N THR A 29 37.11 0.65 -5.39
CA THR A 29 38.23 -0.02 -4.71
C THR A 29 39.13 0.98 -3.99
N GLY A 30 38.76 1.30 -2.75
CA GLY A 30 39.57 2.19 -1.94
C GLY A 30 40.62 1.43 -1.15
N ALA A 31 41.76 1.18 -1.78
CA ALA A 31 42.84 0.43 -1.14
C ALA A 31 43.45 1.21 0.00
N ALA A 32 42.86 1.04 1.19
CA ALA A 32 43.30 1.72 2.40
C ALA A 32 42.46 1.26 3.58
N GLY A 33 41.19 0.97 3.30
CA GLY A 33 40.29 0.54 4.34
C GLY A 33 39.22 1.59 4.62
N THR A 34 38.74 2.23 3.57
CA THR A 34 37.76 3.31 3.70
C THR A 34 36.34 2.75 3.75
N ALA A 35 35.65 3.04 4.83
CA ALA A 35 34.26 2.64 4.99
C ALA A 35 33.44 3.78 5.59
N PRO A 36 32.24 4.03 5.06
CA PRO A 36 31.35 5.08 5.57
C PRO A 36 30.84 4.76 6.98
N THR A 37 31.53 5.27 7.99
CA THR A 37 31.16 5.04 9.38
C THR A 37 30.09 6.05 9.83
N ALA A 38 28.99 6.07 9.10
CA ALA A 38 27.89 6.98 9.41
C ALA A 38 26.72 6.22 10.04
N PRO A 39 26.58 6.29 11.36
CA PRO A 39 25.52 5.61 12.08
C PRO A 39 24.16 6.28 11.90
N GLN A 40 23.41 5.82 10.91
CA GLN A 40 22.07 6.31 10.68
C GLN A 40 21.07 5.45 11.45
N PRO A 41 20.20 6.10 12.25
CA PRO A 41 19.24 5.39 13.10
C PRO A 41 18.23 4.56 12.30
N THR A 42 18.46 3.25 12.26
CA THR A 42 17.54 2.34 11.59
C THR A 42 16.35 2.03 12.49
N ALA A 43 15.35 2.90 12.43
CA ALA A 43 14.15 2.74 13.24
C ALA A 43 12.91 2.98 12.39
N ALA A 44 11.77 2.54 12.89
CA ALA A 44 10.52 2.69 12.18
C ALA A 44 9.36 2.82 13.16
N PRO A 45 9.11 4.04 13.65
CA PRO A 45 8.02 4.31 14.59
C PRO A 45 6.68 4.46 13.85
N SER A 46 6.75 4.39 12.53
CA SER A 46 5.58 4.46 11.68
C SER A 46 5.88 3.72 10.37
N ILE A 47 4.87 3.09 9.81
CA ILE A 47 5.03 2.39 8.54
C ILE A 47 4.80 3.36 7.39
N ASP A 48 5.85 3.66 6.66
CA ASP A 48 5.77 4.61 5.55
C ASP A 48 5.17 3.93 4.32
N VAL A 49 3.86 4.09 4.16
CA VAL A 49 3.13 3.38 3.12
C VAL A 49 3.28 4.06 1.75
N ALA A 50 3.55 5.36 1.79
CA ALA A 50 3.63 6.17 0.57
C ALA A 50 4.62 5.59 -0.46
N PRO A 51 5.91 5.41 -0.10
CA PRO A 51 6.92 4.91 -1.05
C PRO A 51 6.62 3.48 -1.50
N ILE A 52 6.11 2.68 -0.57
CA ILE A 52 5.81 1.28 -0.84
C ILE A 52 4.79 1.16 -1.97
N LEU A 53 3.64 1.82 -1.81
CA LEU A 53 2.57 1.67 -2.78
C LEU A 53 2.85 2.42 -4.07
N ASP A 54 3.37 3.64 -3.96
CA ASP A 54 3.61 4.48 -5.14
C ASP A 54 4.57 3.79 -6.11
N LYS A 55 5.61 3.16 -5.56
CA LYS A 55 6.58 2.45 -6.38
C LYS A 55 5.99 1.13 -6.87
N ALA A 56 5.26 0.43 -6.00
CA ALA A 56 4.67 -0.86 -6.34
C ALA A 56 3.62 -0.70 -7.44
N VAL A 57 3.03 0.48 -7.53
CA VAL A 57 2.05 0.77 -8.56
C VAL A 57 2.67 0.67 -9.94
N LYS A 58 3.83 1.28 -10.07
CA LYS A 58 4.52 1.37 -11.34
C LYS A 58 5.27 0.07 -11.62
N ALA A 59 5.46 -0.72 -10.56
CA ALA A 59 6.08 -2.04 -10.70
C ALA A 59 5.03 -3.06 -11.13
N LYS A 60 3.79 -2.83 -10.70
CA LYS A 60 2.68 -3.70 -11.07
C LYS A 60 2.41 -3.60 -12.56
N GLY A 61 2.32 -2.37 -13.06
CA GLY A 61 2.20 -2.17 -14.49
C GLY A 61 1.25 -1.05 -14.85
N GLU A 62 0.15 -0.95 -14.12
CA GLU A 62 -0.89 0.03 -14.42
C GLU A 62 -0.63 1.33 -13.69
N LYS A 63 -1.26 2.41 -14.13
CA LYS A 63 -1.22 3.63 -13.36
C LYS A 63 -2.29 3.55 -12.27
N LEU A 64 -1.99 2.75 -11.27
CA LEU A 64 -2.87 2.57 -10.13
C LEU A 64 -2.85 3.82 -9.27
N GLU A 65 -3.98 4.15 -8.68
CA GLU A 65 -4.05 5.32 -7.82
C GLU A 65 -4.66 4.96 -6.48
N TRP A 66 -3.80 4.55 -5.55
CA TRP A 66 -4.23 4.14 -4.22
C TRP A 66 -4.72 5.34 -3.41
N ARG A 67 -4.40 6.54 -3.89
CA ARG A 67 -4.79 7.77 -3.21
C ARG A 67 -6.30 7.96 -3.24
N THR A 68 -6.98 7.33 -4.20
CA THR A 68 -8.43 7.49 -4.33
C THR A 68 -9.14 6.18 -4.72
N SER A 69 -8.48 5.35 -5.51
CA SER A 69 -9.10 4.13 -5.99
C SER A 69 -8.73 2.94 -5.12
N ILE A 70 -9.73 2.29 -4.56
CA ILE A 70 -9.51 1.15 -3.67
C ILE A 70 -9.26 -0.12 -4.47
N VAL A 71 -9.89 -0.20 -5.64
CA VAL A 71 -9.80 -1.39 -6.46
C VAL A 71 -8.40 -1.54 -7.07
N ASP A 72 -7.72 -0.42 -7.29
CA ASP A 72 -6.43 -0.43 -7.94
C ASP A 72 -5.33 -0.84 -6.98
N LEU A 73 -5.39 -0.34 -5.75
CA LEU A 73 -4.39 -0.69 -4.75
C LEU A 73 -4.53 -2.16 -4.34
N MET A 74 -5.74 -2.68 -4.45
CA MET A 74 -6.01 -4.06 -4.14
C MET A 74 -5.23 -4.98 -5.08
N LYS A 75 -5.43 -4.81 -6.39
CA LYS A 75 -4.74 -5.65 -7.36
C LYS A 75 -3.26 -5.31 -7.42
N ALA A 76 -2.88 -4.11 -6.96
CA ALA A 76 -1.48 -3.68 -6.87
C ALA A 76 -0.67 -4.65 -6.01
N LEU A 77 -1.14 -4.90 -4.79
CA LEU A 77 -0.50 -5.86 -3.89
C LEU A 77 -0.68 -7.29 -4.41
N ASP A 78 -1.43 -7.39 -5.50
CA ASP A 78 -1.65 -8.62 -6.25
C ASP A 78 -2.78 -9.44 -5.66
N ILE A 79 -3.96 -8.88 -5.75
CA ILE A 79 -5.17 -9.57 -5.36
C ILE A 79 -5.96 -9.91 -6.62
N ASP A 80 -6.82 -10.92 -6.55
CA ASP A 80 -7.61 -11.36 -7.70
C ASP A 80 -8.36 -10.19 -8.34
N SER A 81 -8.92 -9.32 -7.49
CA SER A 81 -9.68 -8.14 -7.90
C SER A 81 -10.86 -8.47 -8.84
N SER A 82 -11.16 -9.75 -8.97
CA SER A 82 -12.30 -10.18 -9.75
C SER A 82 -13.55 -10.17 -8.87
N LEU A 83 -14.60 -10.87 -9.29
CA LEU A 83 -15.87 -10.88 -8.58
C LEU A 83 -15.68 -11.26 -7.11
N SER A 84 -14.84 -12.25 -6.86
CA SER A 84 -14.61 -12.75 -5.50
C SER A 84 -14.09 -11.65 -4.57
N ALA A 85 -13.09 -10.91 -5.05
CA ALA A 85 -12.44 -9.89 -4.23
C ALA A 85 -13.38 -8.72 -3.96
N ARG A 86 -14.04 -8.25 -5.01
CA ARG A 86 -14.93 -7.10 -4.91
C ARG A 86 -16.12 -7.44 -4.01
N LYS A 87 -16.54 -8.69 -4.06
CA LYS A 87 -17.67 -9.15 -3.26
C LYS A 87 -17.29 -9.19 -1.78
N GLU A 88 -16.21 -9.89 -1.46
CA GLU A 88 -15.85 -10.14 -0.07
C GLU A 88 -15.37 -8.87 0.64
N LEU A 89 -14.63 -8.01 -0.04
CA LEU A 89 -14.12 -6.79 0.59
C LEU A 89 -15.28 -5.90 1.03
N ALA A 90 -16.23 -5.69 0.14
CA ALA A 90 -17.40 -4.89 0.46
C ALA A 90 -18.27 -5.61 1.49
N LYS A 91 -18.24 -6.93 1.44
CA LYS A 91 -19.05 -7.76 2.31
C LYS A 91 -18.62 -7.62 3.76
N GLU A 92 -17.31 -7.64 3.99
CA GLU A 92 -16.75 -7.55 5.32
C GLU A 92 -17.04 -6.18 5.93
N LEU A 93 -17.15 -5.17 5.07
CA LEU A 93 -17.38 -3.81 5.53
C LEU A 93 -18.88 -3.54 5.68
N GLY A 94 -19.71 -4.38 5.09
CA GLY A 94 -21.14 -4.25 5.25
C GLY A 94 -21.86 -4.21 3.92
N TYR A 95 -21.24 -3.54 2.96
CA TYR A 95 -21.82 -3.36 1.61
C TYR A 95 -22.99 -2.40 1.64
N SER A 96 -22.77 -1.22 1.07
CA SER A 96 -23.82 -0.21 0.95
C SER A 96 -23.75 0.42 -0.43
N GLY A 97 -24.90 0.59 -1.06
CA GLY A 97 -24.93 1.18 -2.38
C GLY A 97 -26.24 0.95 -3.09
N ASP A 98 -26.86 2.05 -3.51
CA ASP A 98 -28.08 2.00 -4.32
C ASP A 98 -28.12 3.17 -5.29
N MET A 99 -28.17 4.38 -4.73
CA MET A 99 -28.29 5.59 -5.53
C MET A 99 -26.93 6.14 -5.90
N ASN A 100 -25.90 5.70 -5.19
CA ASN A 100 -24.54 6.20 -5.38
C ASN A 100 -23.83 5.50 -6.53
N ASP A 101 -24.49 4.48 -7.11
CA ASP A 101 -23.95 3.74 -8.25
C ASP A 101 -22.60 3.11 -7.87
N SER A 102 -21.86 2.63 -8.87
CA SER A 102 -20.55 2.05 -8.63
C SER A 102 -19.50 3.16 -8.55
N ALA A 103 -19.87 4.34 -9.06
CA ALA A 103 -18.99 5.51 -9.04
C ALA A 103 -18.58 5.86 -7.62
N SER A 104 -19.55 6.22 -6.79
CA SER A 104 -19.28 6.59 -5.41
C SER A 104 -18.96 5.37 -4.56
N MET A 105 -19.13 4.19 -5.15
CA MET A 105 -18.86 2.95 -4.45
C MET A 105 -17.35 2.71 -4.32
N ASN A 106 -16.59 3.21 -5.29
CA ASN A 106 -15.13 3.16 -5.21
C ASN A 106 -14.63 4.12 -4.14
N ILE A 107 -15.34 5.22 -4.00
CA ILE A 107 -15.01 6.27 -3.03
C ILE A 107 -15.29 5.79 -1.60
N TRP A 108 -16.53 5.37 -1.36
CA TRP A 108 -16.96 4.87 -0.05
C TRP A 108 -16.09 3.70 0.42
N LEU A 109 -15.93 2.70 -0.45
CA LEU A 109 -15.19 1.50 -0.12
C LEU A 109 -13.75 1.85 0.25
N HIS A 110 -13.14 2.74 -0.53
CA HIS A 110 -11.78 3.19 -0.30
C HIS A 110 -11.63 3.75 1.11
N LYS A 111 -12.57 4.59 1.52
CA LYS A 111 -12.50 5.28 2.79
C LYS A 111 -12.75 4.33 3.96
N GLN A 112 -13.65 3.38 3.76
CA GLN A 112 -13.98 2.41 4.79
C GLN A 112 -12.78 1.50 5.07
N VAL A 113 -12.07 1.16 4.00
CA VAL A 113 -10.86 0.36 4.11
C VAL A 113 -9.74 1.16 4.81
N MET A 114 -9.68 2.46 4.56
CA MET A 114 -8.63 3.30 5.15
C MET A 114 -8.71 3.29 6.67
N SER A 115 -9.93 3.20 7.20
CA SER A 115 -10.14 3.19 8.63
C SER A 115 -9.52 1.96 9.29
N LYS A 116 -9.13 1.00 8.47
CA LYS A 116 -8.47 -0.22 8.95
C LYS A 116 -6.99 -0.14 8.62
N LEU A 117 -6.70 -0.11 7.32
CA LEU A 117 -5.35 -0.25 6.77
C LEU A 117 -4.35 0.69 7.44
N VAL A 118 -4.48 1.99 7.20
CA VAL A 118 -3.51 2.95 7.71
C VAL A 118 -3.59 3.07 9.23
N ALA A 119 -4.69 2.58 9.81
CA ALA A 119 -4.88 2.58 11.25
C ALA A 119 -4.01 1.51 11.90
N ASN A 120 -3.43 0.63 11.07
CA ASN A 120 -2.51 -0.40 11.56
C ASN A 120 -1.15 0.22 11.92
N GLY A 121 -1.00 1.52 11.69
CA GLY A 121 0.24 2.20 12.02
C GLY A 121 0.94 2.73 10.79
N GLY A 122 0.19 2.94 9.73
CA GLY A 122 0.77 3.44 8.50
C GLY A 122 0.72 4.95 8.40
N LYS A 123 1.75 5.52 7.80
CA LYS A 123 1.81 6.96 7.59
C LYS A 123 1.55 7.27 6.13
N LEU A 124 0.71 8.27 5.89
CA LEU A 124 0.31 8.63 4.54
C LEU A 124 0.39 10.14 4.33
N PRO A 125 0.63 10.57 3.08
CA PRO A 125 0.62 11.99 2.70
C PRO A 125 -0.79 12.59 2.79
N PRO A 126 -0.90 13.93 2.80
CA PRO A 126 -2.19 14.62 2.91
C PRO A 126 -3.05 14.52 1.64
N GLU A 127 -2.86 13.45 0.88
CA GLU A 127 -3.63 13.20 -0.32
C GLU A 127 -4.65 12.11 -0.07
N ILE A 128 -4.44 11.37 1.02
CA ILE A 128 -5.25 10.21 1.31
C ILE A 128 -6.41 10.59 2.24
N LYS A 129 -7.50 11.00 1.61
CA LYS A 129 -8.79 11.30 2.25
C LYS A 129 -9.73 11.90 1.21
N HIS A 130 -10.53 11.04 0.61
CA HIS A 130 -11.34 11.44 -0.53
C HIS A 130 -12.71 10.80 -0.45
N MET A 1 -13.54 -12.71 3.29
CA MET A 1 -12.73 -12.86 4.52
C MET A 1 -12.22 -11.49 4.98
N SER A 2 -11.15 -11.02 4.35
CA SER A 2 -10.55 -9.73 4.68
C SER A 2 -9.49 -9.34 3.66
N ILE A 3 -9.91 -8.77 2.55
CA ILE A 3 -8.97 -8.30 1.53
C ILE A 3 -8.05 -7.22 2.09
N PHE A 4 -8.62 -6.35 2.93
CA PHE A 4 -7.83 -5.30 3.59
C PHE A 4 -6.76 -5.91 4.49
N GLY A 5 -7.02 -7.10 5.01
CA GLY A 5 -6.06 -7.79 5.83
C GLY A 5 -5.07 -8.58 5.00
N LYS A 6 -5.36 -8.71 3.71
CA LYS A 6 -4.52 -9.45 2.79
C LYS A 6 -3.47 -8.53 2.18
N ILE A 7 -3.88 -7.30 1.87
CA ILE A 7 -2.97 -6.32 1.28
C ILE A 7 -1.98 -5.80 2.33
N MET A 8 -2.44 -5.65 3.56
CA MET A 8 -1.59 -5.13 4.64
C MET A 8 -0.56 -6.18 5.05
N SER A 9 -0.79 -7.42 4.62
CA SER A 9 0.11 -8.53 4.92
C SER A 9 1.46 -8.33 4.24
N ALA A 10 1.47 -7.52 3.18
CA ALA A 10 2.69 -7.19 2.48
C ALA A 10 3.21 -5.83 2.93
N ILE A 11 2.28 -4.88 3.05
CA ILE A 11 2.62 -3.51 3.44
C ILE A 11 3.32 -3.48 4.80
N PHE A 12 2.73 -4.15 5.78
CA PHE A 12 3.28 -4.19 7.13
C PHE A 12 4.05 -5.48 7.36
N GLY A 13 4.18 -6.27 6.31
CA GLY A 13 4.80 -7.57 6.43
C GLY A 13 6.25 -7.58 5.98
N ASP A 14 6.66 -6.54 5.26
CA ASP A 14 8.03 -6.48 4.77
C ASP A 14 8.90 -5.71 5.75
N SER A 15 10.19 -5.68 5.50
CA SER A 15 11.13 -5.04 6.40
C SER A 15 12.41 -4.60 5.68
N ALA A 16 12.40 -4.63 4.35
CA ALA A 16 13.59 -4.28 3.58
C ALA A 16 13.25 -3.61 2.27
N ALA A 17 12.13 -4.00 1.66
CA ALA A 17 11.74 -3.47 0.37
C ALA A 17 10.84 -2.25 0.52
N ALA A 18 10.91 -1.35 -0.47
CA ALA A 18 10.04 -0.18 -0.54
C ALA A 18 10.27 0.79 0.62
N SER A 19 11.42 0.66 1.28
CA SER A 19 11.74 1.51 2.42
C SER A 19 12.13 2.91 1.95
N PRO A 20 11.43 3.93 2.47
CA PRO A 20 11.69 5.33 2.10
C PRO A 20 12.93 5.89 2.78
N GLY A 21 13.54 6.88 2.16
CA GLY A 21 14.72 7.51 2.73
C GLY A 21 15.55 8.20 1.68
N GLY A 22 16.81 8.47 2.01
CA GLY A 22 17.70 9.11 1.07
C GLY A 22 18.88 8.23 0.73
N ALA A 23 18.95 7.79 -0.52
CA ALA A 23 20.04 6.95 -0.98
C ALA A 23 21.00 7.75 -1.85
N GLN A 24 22.19 8.02 -1.33
CA GLN A 24 23.20 8.75 -2.06
C GLN A 24 24.08 7.79 -2.86
N ALA A 25 24.59 8.25 -3.99
CA ALA A 25 25.41 7.43 -4.87
C ALA A 25 26.69 6.97 -4.16
N PRO A 26 27.00 5.67 -4.25
CA PRO A 26 28.20 5.09 -3.63
C PRO A 26 29.47 5.79 -4.07
N ALA A 27 30.27 6.25 -3.12
CA ALA A 27 31.48 6.98 -3.42
C ALA A 27 32.67 6.43 -2.63
N THR A 28 33.87 6.85 -3.02
CA THR A 28 35.07 6.46 -2.32
C THR A 28 36.09 7.60 -2.35
N THR A 29 37.00 7.60 -1.40
CA THR A 29 38.03 8.62 -1.35
C THR A 29 39.42 8.02 -1.64
N GLY A 30 39.53 6.70 -1.46
CA GLY A 30 40.81 6.04 -1.66
C GLY A 30 41.61 5.95 -0.38
N ALA A 31 42.75 5.25 -0.43
CA ALA A 31 43.63 5.06 0.71
C ALA A 31 42.92 4.38 1.88
N ALA A 32 43.55 4.39 3.04
CA ALA A 32 42.95 3.81 4.24
C ALA A 32 42.27 4.88 5.07
N GLY A 33 40.94 4.86 5.06
CA GLY A 33 40.20 5.86 5.80
C GLY A 33 39.57 5.28 7.05
N THR A 34 40.38 5.13 8.08
CA THR A 34 39.93 4.56 9.34
C THR A 34 38.94 5.50 10.03
N ALA A 35 37.67 5.13 9.97
CA ALA A 35 36.60 5.96 10.49
C ALA A 35 36.02 5.37 11.78
N PRO A 36 35.50 6.23 12.66
CA PRO A 36 34.84 5.81 13.89
C PRO A 36 33.66 4.88 13.60
N THR A 37 33.60 3.77 14.33
CA THR A 37 32.54 2.79 14.15
C THR A 37 31.25 3.24 14.83
N ALA A 38 30.25 3.54 14.02
CA ALA A 38 28.98 4.00 14.54
C ALA A 38 27.87 3.02 14.16
N PRO A 39 27.51 2.12 15.09
CA PRO A 39 26.42 1.16 14.88
C PRO A 39 25.06 1.83 15.00
N GLN A 40 24.37 1.98 13.87
CA GLN A 40 23.07 2.64 13.86
C GLN A 40 21.97 1.63 14.15
N PRO A 41 21.24 1.83 15.26
CA PRO A 41 20.13 0.95 15.65
C PRO A 41 19.00 0.96 14.64
N THR A 42 18.53 -0.23 14.27
CA THR A 42 17.47 -0.36 13.30
C THR A 42 16.11 -0.12 13.94
N ALA A 43 15.64 1.11 13.84
CA ALA A 43 14.36 1.48 14.42
C ALA A 43 13.28 1.52 13.35
N ALA A 44 12.03 1.60 13.79
CA ALA A 44 10.90 1.70 12.89
C ALA A 44 9.84 2.60 13.51
N PRO A 45 9.98 3.91 13.31
CA PRO A 45 9.09 4.90 13.93
C PRO A 45 7.77 5.06 13.20
N SER A 46 7.77 4.79 11.90
CA SER A 46 6.57 4.93 11.09
C SER A 46 6.62 4.00 9.87
N ILE A 47 5.48 3.40 9.55
CA ILE A 47 5.37 2.60 8.35
C ILE A 47 4.79 3.45 7.23
N ASP A 48 5.65 4.00 6.39
CA ASP A 48 5.21 4.91 5.34
C ASP A 48 4.63 4.12 4.19
N VAL A 49 3.32 4.20 4.04
CA VAL A 49 2.62 3.39 3.05
C VAL A 49 2.72 4.02 1.65
N ALA A 50 3.07 5.29 1.62
CA ALA A 50 3.11 6.05 0.37
C ALA A 50 4.12 5.49 -0.63
N PRO A 51 5.40 5.30 -0.23
CA PRO A 51 6.42 4.75 -1.14
C PRO A 51 6.18 3.28 -1.44
N ILE A 52 5.57 2.58 -0.48
CA ILE A 52 5.32 1.16 -0.63
C ILE A 52 4.38 0.88 -1.81
N LEU A 53 3.19 1.49 -1.78
CA LEU A 53 2.19 1.17 -2.76
C LEU A 53 2.47 1.84 -4.10
N ASP A 54 2.75 3.15 -4.06
CA ASP A 54 2.97 3.93 -5.29
C ASP A 54 4.04 3.30 -6.18
N LYS A 55 5.06 2.75 -5.54
CA LYS A 55 6.21 2.25 -6.27
C LYS A 55 6.23 0.73 -6.31
N ALA A 56 5.20 0.12 -5.74
CA ALA A 56 4.92 -1.29 -5.97
C ALA A 56 3.99 -1.42 -7.16
N VAL A 57 3.20 -0.38 -7.37
CA VAL A 57 2.28 -0.32 -8.50
C VAL A 57 3.05 -0.21 -9.82
N LYS A 58 4.13 0.56 -9.82
CA LYS A 58 4.96 0.70 -11.00
C LYS A 58 5.83 -0.54 -11.19
N ALA A 59 5.64 -1.51 -10.30
CA ALA A 59 6.25 -2.82 -10.44
C ALA A 59 5.18 -3.85 -10.80
N LYS A 60 3.93 -3.42 -10.71
CA LYS A 60 2.79 -4.27 -11.05
C LYS A 60 2.65 -4.33 -12.57
N GLY A 61 2.59 -3.17 -13.18
CA GLY A 61 2.57 -3.08 -14.63
C GLY A 61 2.34 -1.67 -15.11
N GLU A 62 1.20 -1.12 -14.75
CA GLU A 62 0.83 0.24 -15.16
C GLU A 62 0.63 1.10 -13.92
N LYS A 63 0.48 2.41 -14.10
CA LYS A 63 0.31 3.27 -12.95
C LYS A 63 -1.13 3.29 -12.48
N LEU A 64 -1.43 2.39 -11.58
CA LEU A 64 -2.68 2.39 -10.84
C LEU A 64 -2.55 3.44 -9.74
N GLU A 65 -3.61 4.17 -9.48
CA GLU A 65 -3.53 5.25 -8.51
C GLU A 65 -4.33 4.92 -7.26
N TRP A 66 -3.61 4.44 -6.26
CA TRP A 66 -4.20 3.98 -5.02
C TRP A 66 -4.69 5.14 -4.15
N ARG A 67 -4.17 6.32 -4.43
CA ARG A 67 -4.56 7.52 -3.71
C ARG A 67 -6.03 7.84 -3.95
N THR A 68 -6.52 7.47 -5.12
CA THR A 68 -7.92 7.72 -5.45
C THR A 68 -8.70 6.42 -5.53
N SER A 69 -8.13 5.44 -6.20
CA SER A 69 -8.84 4.20 -6.52
C SER A 69 -8.48 3.11 -5.53
N ILE A 70 -9.49 2.60 -4.83
CA ILE A 70 -9.28 1.54 -3.85
C ILE A 70 -9.09 0.21 -4.57
N VAL A 71 -9.68 0.09 -5.75
CA VAL A 71 -9.58 -1.12 -6.55
C VAL A 71 -8.17 -1.26 -7.13
N ASP A 72 -7.49 -0.13 -7.30
CA ASP A 72 -6.17 -0.12 -7.91
C ASP A 72 -5.11 -0.71 -6.99
N LEU A 73 -5.15 -0.33 -5.71
CA LEU A 73 -4.20 -0.87 -4.75
C LEU A 73 -4.54 -2.32 -4.43
N MET A 74 -5.82 -2.65 -4.53
CA MET A 74 -6.29 -4.01 -4.28
C MET A 74 -5.66 -4.98 -5.27
N LYS A 75 -5.78 -4.66 -6.55
CA LYS A 75 -5.24 -5.52 -7.61
C LYS A 75 -3.72 -5.54 -7.57
N ALA A 76 -3.12 -4.38 -7.26
CA ALA A 76 -1.67 -4.21 -7.26
C ALA A 76 -0.97 -5.28 -6.44
N LEU A 77 -1.40 -5.45 -5.19
CA LEU A 77 -0.77 -6.43 -4.29
C LEU A 77 -0.93 -7.85 -4.83
N ASP A 78 -2.16 -8.35 -4.92
CA ASP A 78 -2.38 -9.75 -5.32
C ASP A 78 -3.84 -10.05 -5.65
N ILE A 79 -4.71 -9.05 -5.63
CA ILE A 79 -6.13 -9.34 -5.65
C ILE A 79 -6.69 -9.33 -7.07
N ASP A 80 -7.56 -10.30 -7.35
CA ASP A 80 -8.03 -10.58 -8.70
C ASP A 80 -9.02 -9.53 -9.20
N SER A 81 -9.55 -8.74 -8.27
CA SER A 81 -10.61 -7.76 -8.53
C SER A 81 -11.81 -8.40 -9.26
N SER A 82 -11.97 -9.71 -9.07
CA SER A 82 -13.07 -10.44 -9.68
C SER A 82 -14.31 -10.34 -8.81
N LEU A 83 -15.30 -11.18 -9.08
CA LEU A 83 -16.55 -11.16 -8.32
C LEU A 83 -16.27 -11.49 -6.86
N SER A 84 -15.49 -12.53 -6.62
CA SER A 84 -15.17 -12.97 -5.27
C SER A 84 -14.56 -11.82 -4.45
N ALA A 85 -13.73 -11.02 -5.09
CA ALA A 85 -13.03 -9.93 -4.42
C ALA A 85 -13.99 -8.82 -4.03
N ARG A 86 -14.68 -8.25 -5.02
CA ARG A 86 -15.58 -7.14 -4.80
C ARG A 86 -16.72 -7.53 -3.85
N LYS A 87 -17.07 -8.81 -3.87
CA LYS A 87 -18.17 -9.31 -3.05
C LYS A 87 -17.78 -9.32 -1.58
N GLU A 88 -16.59 -9.86 -1.28
CA GLU A 88 -16.21 -9.99 0.11
C GLU A 88 -15.76 -8.66 0.69
N LEU A 89 -14.89 -7.93 -0.01
CA LEU A 89 -14.35 -6.68 0.52
C LEU A 89 -15.46 -5.72 0.92
N ALA A 90 -16.52 -5.69 0.15
CA ALA A 90 -17.65 -4.82 0.44
C ALA A 90 -18.41 -5.30 1.68
N LYS A 91 -18.70 -6.59 1.75
CA LYS A 91 -19.56 -7.14 2.78
C LYS A 91 -18.87 -7.17 4.15
N GLU A 92 -17.55 -7.30 4.16
CA GLU A 92 -16.78 -7.38 5.40
C GLU A 92 -16.70 -6.00 6.04
N LEU A 93 -16.59 -4.98 5.20
CA LEU A 93 -16.56 -3.60 5.66
C LEU A 93 -17.92 -3.18 6.18
N GLY A 94 -18.97 -3.72 5.57
CA GLY A 94 -20.32 -3.41 5.98
C GLY A 94 -21.27 -3.38 4.81
N TYR A 95 -20.74 -2.94 3.66
CA TYR A 95 -21.50 -2.81 2.41
C TYR A 95 -22.47 -1.65 2.47
N SER A 96 -22.17 -0.61 1.72
CA SER A 96 -23.07 0.52 1.54
C SER A 96 -23.09 0.90 0.07
N GLY A 97 -24.00 0.29 -0.68
CA GLY A 97 -24.04 0.50 -2.10
C GLY A 97 -25.39 0.16 -2.70
N ASP A 98 -26.04 1.15 -3.27
CA ASP A 98 -27.35 0.95 -3.90
C ASP A 98 -27.53 1.89 -5.09
N MET A 99 -27.65 3.18 -4.81
CA MET A 99 -27.89 4.18 -5.86
C MET A 99 -26.60 4.89 -6.25
N ASN A 100 -25.50 4.44 -5.66
CA ASN A 100 -24.21 5.09 -5.88
C ASN A 100 -23.43 4.41 -7.00
N ASP A 101 -24.00 3.31 -7.52
CA ASP A 101 -23.39 2.56 -8.62
C ASP A 101 -21.95 2.17 -8.27
N SER A 102 -21.09 2.05 -9.27
CA SER A 102 -19.69 1.73 -9.06
C SER A 102 -18.87 3.01 -8.85
N ALA A 103 -19.44 4.13 -9.29
CA ALA A 103 -18.77 5.42 -9.24
C ALA A 103 -18.46 5.82 -7.80
N SER A 104 -19.49 5.97 -6.99
CA SER A 104 -19.32 6.36 -5.60
C SER A 104 -18.84 5.17 -4.75
N MET A 105 -18.88 3.98 -5.35
CA MET A 105 -18.46 2.77 -4.66
C MET A 105 -16.95 2.79 -4.43
N ASN A 106 -16.22 3.29 -5.42
CA ASN A 106 -14.77 3.40 -5.31
C ASN A 106 -14.40 4.40 -4.21
N ILE A 107 -15.30 5.36 -3.99
CA ILE A 107 -15.06 6.42 -3.02
C ILE A 107 -15.28 5.92 -1.58
N TRP A 108 -16.49 5.45 -1.29
CA TRP A 108 -16.84 5.01 0.05
C TRP A 108 -15.92 3.87 0.53
N LEU A 109 -15.69 2.91 -0.35
CA LEU A 109 -14.92 1.74 0.01
C LEU A 109 -13.45 2.12 0.21
N HIS A 110 -13.02 3.18 -0.46
CA HIS A 110 -11.67 3.71 -0.30
C HIS A 110 -11.49 4.32 1.09
N LYS A 111 -12.60 4.76 1.66
CA LYS A 111 -12.61 5.33 3.00
C LYS A 111 -12.47 4.21 4.03
N GLN A 112 -13.38 3.25 3.94
CA GLN A 112 -13.52 2.21 4.96
C GLN A 112 -12.30 1.30 5.04
N VAL A 113 -11.73 0.94 3.90
CA VAL A 113 -10.54 0.08 3.89
C VAL A 113 -9.38 0.73 4.64
N MET A 114 -9.20 2.04 4.44
CA MET A 114 -8.11 2.76 5.07
C MET A 114 -8.26 2.78 6.59
N SER A 115 -9.50 2.77 7.06
CA SER A 115 -9.79 2.73 8.49
C SER A 115 -9.27 1.42 9.11
N LYS A 116 -9.10 0.40 8.28
CA LYS A 116 -8.56 -0.87 8.74
C LYS A 116 -7.12 -1.05 8.26
N LEU A 117 -6.62 -0.05 7.54
CA LEU A 117 -5.31 -0.16 6.93
C LEU A 117 -4.28 0.73 7.64
N VAL A 118 -4.47 2.04 7.55
CA VAL A 118 -3.49 2.98 8.08
C VAL A 118 -3.61 3.11 9.59
N ALA A 119 -4.69 2.57 10.15
CA ALA A 119 -4.91 2.63 11.59
C ALA A 119 -4.08 1.57 12.32
N ASN A 120 -3.26 0.84 11.58
CA ASN A 120 -2.37 -0.16 12.17
C ASN A 120 -1.01 0.46 12.49
N GLY A 121 -0.94 1.79 12.48
CA GLY A 121 0.31 2.47 12.77
C GLY A 121 1.01 2.94 11.52
N GLY A 122 0.32 2.83 10.39
CA GLY A 122 0.88 3.27 9.14
C GLY A 122 0.93 4.77 9.02
N LYS A 123 1.89 5.26 8.25
CA LYS A 123 2.05 6.67 7.96
C LYS A 123 1.46 6.95 6.60
N LEU A 124 0.57 7.93 6.52
CA LEU A 124 -0.05 8.29 5.27
C LEU A 124 -0.06 9.81 5.09
N PRO A 125 0.19 10.27 3.86
CA PRO A 125 0.04 11.69 3.51
C PRO A 125 -1.43 12.12 3.55
N PRO A 126 -1.71 13.43 3.64
CA PRO A 126 -3.08 13.96 3.71
C PRO A 126 -3.86 13.80 2.40
N GLU A 127 -3.56 12.74 1.67
CA GLU A 127 -4.26 12.41 0.44
C GLU A 127 -4.93 11.04 0.58
N ILE A 128 -4.57 10.34 1.64
CA ILE A 128 -4.99 8.97 1.83
C ILE A 128 -6.26 8.90 2.65
N LYS A 129 -7.18 8.02 2.24
CA LYS A 129 -8.50 7.87 2.86
C LYS A 129 -9.40 9.04 2.49
N HIS A 130 -8.84 10.24 2.54
CA HIS A 130 -9.57 11.49 2.32
C HIS A 130 -10.51 11.74 3.49
N MET A 1 -13.17 -12.58 3.46
CA MET A 1 -12.36 -12.87 4.66
C MET A 1 -11.47 -11.66 5.01
N SER A 2 -11.68 -10.55 4.29
CA SER A 2 -11.09 -9.25 4.56
C SER A 2 -9.80 -9.05 3.78
N ILE A 3 -9.92 -8.37 2.64
CA ILE A 3 -8.77 -8.09 1.80
C ILE A 3 -7.92 -6.99 2.41
N PHE A 4 -8.52 -6.14 3.24
CA PHE A 4 -7.74 -5.16 3.99
C PHE A 4 -6.81 -5.88 4.96
N GLY A 5 -7.21 -7.09 5.35
CA GLY A 5 -6.36 -7.94 6.17
C GLY A 5 -5.39 -8.74 5.34
N LYS A 6 -5.69 -8.85 4.04
CA LYS A 6 -4.82 -9.53 3.11
C LYS A 6 -3.67 -8.60 2.68
N ILE A 7 -4.04 -7.38 2.28
CA ILE A 7 -3.06 -6.43 1.76
C ILE A 7 -2.11 -5.94 2.84
N MET A 8 -2.58 -5.90 4.08
CA MET A 8 -1.77 -5.40 5.19
C MET A 8 -0.59 -6.33 5.46
N SER A 9 -0.67 -7.55 4.95
CA SER A 9 0.38 -8.54 5.14
C SER A 9 1.58 -8.19 4.27
N ALA A 10 1.32 -7.50 3.16
CA ALA A 10 2.37 -7.10 2.24
C ALA A 10 2.91 -5.71 2.61
N ILE A 11 2.05 -4.89 3.21
CA ILE A 11 2.43 -3.55 3.61
C ILE A 11 3.20 -3.56 4.92
N PHE A 12 2.60 -4.11 5.96
CA PHE A 12 3.21 -4.11 7.29
C PHE A 12 4.18 -5.27 7.44
N GLY A 13 4.16 -6.18 6.47
CA GLY A 13 5.03 -7.34 6.53
C GLY A 13 6.43 -7.03 6.02
N ASP A 14 6.63 -5.81 5.55
CA ASP A 14 7.93 -5.41 5.03
C ASP A 14 8.70 -4.62 6.08
N SER A 15 9.86 -5.13 6.46
CA SER A 15 10.72 -4.44 7.41
C SER A 15 12.13 -4.27 6.86
N ALA A 16 12.41 -4.91 5.72
CA ALA A 16 13.76 -4.86 5.14
C ALA A 16 13.79 -5.51 3.75
N ALA A 17 12.78 -5.24 2.94
CA ALA A 17 12.75 -5.77 1.57
C ALA A 17 12.50 -4.66 0.56
N ALA A 18 11.31 -4.09 0.58
CA ALA A 18 10.96 -3.00 -0.32
C ALA A 18 10.99 -1.67 0.42
N SER A 19 11.50 -1.72 1.64
CA SER A 19 11.60 -0.54 2.49
C SER A 19 12.30 0.62 1.77
N PRO A 20 11.66 1.79 1.72
CA PRO A 20 12.23 2.98 1.08
C PRO A 20 13.53 3.43 1.73
N GLY A 21 14.65 3.14 1.07
CA GLY A 21 15.94 3.52 1.59
C GLY A 21 17.05 3.29 0.58
N GLY A 22 17.09 4.12 -0.44
CA GLY A 22 18.11 3.99 -1.47
C GLY A 22 19.41 4.67 -1.08
N ALA A 23 20.41 3.88 -0.75
CA ALA A 23 21.70 4.41 -0.36
C ALA A 23 22.58 4.68 -1.58
N GLN A 24 22.52 5.91 -2.07
CA GLN A 24 23.33 6.31 -3.21
C GLN A 24 24.67 6.85 -2.74
N ALA A 25 25.65 5.97 -2.60
CA ALA A 25 26.96 6.36 -2.15
C ALA A 25 28.02 6.04 -3.19
N PRO A 26 28.84 7.04 -3.58
CA PRO A 26 29.92 6.86 -4.55
C PRO A 26 31.15 6.15 -3.95
N ALA A 27 30.89 5.06 -3.25
CA ALA A 27 31.94 4.31 -2.57
C ALA A 27 32.22 2.99 -3.28
N THR A 28 31.82 2.93 -4.55
CA THR A 28 32.01 1.73 -5.34
C THR A 28 33.42 1.68 -5.93
N THR A 29 34.26 0.83 -5.37
CA THR A 29 35.65 0.70 -5.83
C THR A 29 35.71 -0.07 -7.15
N GLY A 30 34.81 -1.04 -7.31
CA GLY A 30 34.77 -1.83 -8.53
C GLY A 30 33.41 -2.44 -8.74
N ALA A 31 33.32 -3.75 -8.57
CA ALA A 31 32.03 -4.43 -8.60
C ALA A 31 31.49 -4.54 -7.18
N ALA A 32 32.32 -4.12 -6.24
CA ALA A 32 31.96 -4.12 -4.83
C ALA A 32 32.20 -2.74 -4.23
N GLY A 33 31.63 -2.51 -3.07
CA GLY A 33 31.78 -1.24 -2.40
C GLY A 33 31.37 -1.33 -0.94
N THR A 34 32.31 -1.70 -0.09
CA THR A 34 32.03 -1.87 1.32
C THR A 34 32.11 -0.53 2.03
N ALA A 35 30.98 0.12 2.17
CA ALA A 35 30.90 1.39 2.85
C ALA A 35 30.76 1.18 4.35
N PRO A 36 31.72 1.69 5.14
CA PRO A 36 31.73 1.54 6.60
C PRO A 36 30.46 2.09 7.23
N THR A 37 29.60 1.19 7.69
CA THR A 37 28.35 1.59 8.31
C THR A 37 28.59 2.07 9.74
N ALA A 38 28.78 3.38 9.88
CA ALA A 38 28.94 3.98 11.19
C ALA A 38 27.59 4.48 11.71
N PRO A 39 26.87 5.36 10.97
CA PRO A 39 25.53 5.78 11.36
C PRO A 39 24.46 4.93 10.68
N GLN A 40 23.88 4.00 11.43
CA GLN A 40 22.89 3.09 10.88
C GLN A 40 21.63 3.07 11.74
N PRO A 41 20.66 3.93 11.42
CA PRO A 41 19.38 3.97 12.14
C PRO A 41 18.51 2.76 11.80
N THR A 42 18.49 1.78 12.70
CA THR A 42 17.73 0.56 12.47
C THR A 42 16.41 0.61 13.23
N ALA A 43 15.43 1.30 12.68
CA ALA A 43 14.13 1.43 13.30
C ALA A 43 13.11 1.92 12.28
N ALA A 44 11.84 1.71 12.59
CA ALA A 44 10.76 2.13 11.71
C ALA A 44 9.57 2.57 12.56
N PRO A 45 9.55 3.85 12.95
CA PRO A 45 8.50 4.39 13.81
C PRO A 45 7.24 4.75 13.03
N SER A 46 7.28 4.54 11.72
CA SER A 46 6.12 4.77 10.88
C SER A 46 6.20 3.89 9.64
N ILE A 47 5.09 3.26 9.30
CA ILE A 47 5.00 2.47 8.08
C ILE A 47 4.60 3.38 6.93
N ASP A 48 5.57 3.75 6.12
CA ASP A 48 5.33 4.71 5.04
C ASP A 48 4.61 4.00 3.90
N VAL A 49 3.30 4.22 3.80
CA VAL A 49 2.48 3.51 2.84
C VAL A 49 2.59 4.14 1.46
N ALA A 50 2.98 5.41 1.43
CA ALA A 50 3.07 6.16 0.17
C ALA A 50 3.98 5.46 -0.86
N PRO A 51 5.24 5.09 -0.50
CA PRO A 51 6.13 4.43 -1.44
C PRO A 51 5.71 2.99 -1.70
N ILE A 52 5.21 2.32 -0.67
CA ILE A 52 4.83 0.93 -0.76
C ILE A 52 3.76 0.72 -1.84
N LEU A 53 2.82 1.65 -1.94
CA LEU A 53 1.73 1.52 -2.88
C LEU A 53 2.09 2.13 -4.22
N ASP A 54 2.74 3.29 -4.20
CA ASP A 54 3.11 3.99 -5.42
C ASP A 54 4.06 3.15 -6.28
N LYS A 55 5.05 2.54 -5.64
CA LYS A 55 6.04 1.76 -6.37
C LYS A 55 5.50 0.36 -6.67
N ALA A 56 4.40 0.02 -6.02
CA ALA A 56 3.71 -1.24 -6.30
C ALA A 56 2.83 -1.06 -7.53
N VAL A 57 2.42 0.18 -7.78
CA VAL A 57 1.60 0.50 -8.93
C VAL A 57 2.36 0.19 -10.22
N LYS A 58 3.58 0.69 -10.30
CA LYS A 58 4.43 0.48 -11.46
C LYS A 58 5.04 -0.92 -11.44
N ALA A 59 4.82 -1.64 -10.35
CA ALA A 59 5.26 -3.03 -10.25
C ALA A 59 4.18 -3.96 -10.75
N LYS A 60 2.94 -3.49 -10.69
CA LYS A 60 1.80 -4.26 -11.18
C LYS A 60 1.80 -4.27 -12.70
N GLY A 61 1.80 -3.08 -13.30
CA GLY A 61 1.87 -3.00 -14.74
C GLY A 61 1.39 -1.68 -15.29
N GLU A 62 0.20 -1.24 -14.89
CA GLU A 62 -0.40 -0.05 -15.44
C GLU A 62 -0.33 1.11 -14.45
N LYS A 63 -0.70 2.31 -14.92
CA LYS A 63 -0.74 3.48 -14.06
C LYS A 63 -1.98 3.46 -13.18
N LEU A 64 -1.90 2.67 -12.13
CA LEU A 64 -2.94 2.61 -11.12
C LEU A 64 -2.92 3.89 -10.28
N GLU A 65 -4.00 4.16 -9.57
CA GLU A 65 -4.11 5.37 -8.80
C GLU A 65 -4.69 5.07 -7.41
N TRP A 66 -3.85 4.57 -6.52
CA TRP A 66 -4.26 4.27 -5.16
C TRP A 66 -4.65 5.54 -4.42
N ARG A 67 -4.24 6.67 -5.00
CA ARG A 67 -4.49 7.98 -4.44
C ARG A 67 -5.98 8.20 -4.15
N THR A 68 -6.83 7.73 -5.05
CA THR A 68 -8.27 7.96 -4.92
C THR A 68 -9.05 6.66 -5.06
N SER A 69 -8.42 5.62 -5.58
CA SER A 69 -9.10 4.37 -5.82
C SER A 69 -8.71 3.31 -4.79
N ILE A 70 -9.72 2.72 -4.15
CA ILE A 70 -9.48 1.75 -3.10
C ILE A 70 -9.32 0.34 -3.68
N VAL A 71 -10.08 0.05 -4.74
CA VAL A 71 -9.96 -1.24 -5.44
C VAL A 71 -8.62 -1.31 -6.13
N ASP A 72 -8.11 -0.14 -6.46
CA ASP A 72 -6.86 0.03 -7.16
C ASP A 72 -5.68 -0.47 -6.33
N LEU A 73 -5.53 0.11 -5.14
CA LEU A 73 -4.42 -0.23 -4.26
C LEU A 73 -4.49 -1.68 -3.80
N MET A 74 -5.68 -2.26 -3.85
CA MET A 74 -5.87 -3.66 -3.51
C MET A 74 -5.01 -4.55 -4.40
N LYS A 75 -5.14 -4.37 -5.71
CA LYS A 75 -4.40 -5.21 -6.64
C LYS A 75 -2.96 -4.73 -6.81
N ALA A 76 -2.69 -3.50 -6.35
CA ALA A 76 -1.34 -2.93 -6.41
C ALA A 76 -0.35 -3.77 -5.60
N LEU A 77 -0.77 -4.20 -4.42
CA LEU A 77 0.06 -5.07 -3.60
C LEU A 77 0.22 -6.43 -4.28
N ASP A 78 -0.90 -7.15 -4.41
CA ASP A 78 -0.96 -8.43 -5.13
C ASP A 78 -2.29 -9.10 -4.87
N ILE A 79 -3.33 -8.57 -5.51
CA ILE A 79 -4.68 -9.13 -5.40
C ILE A 79 -5.30 -9.18 -6.79
N ASP A 80 -6.10 -10.20 -7.04
CA ASP A 80 -6.66 -10.46 -8.36
C ASP A 80 -7.68 -9.40 -8.76
N SER A 81 -8.36 -8.83 -7.76
CA SER A 81 -9.38 -7.80 -7.95
C SER A 81 -10.50 -8.27 -8.89
N SER A 82 -10.71 -9.57 -8.94
CA SER A 82 -11.77 -10.15 -9.75
C SER A 82 -13.08 -10.09 -8.97
N LEU A 83 -14.02 -10.95 -9.30
CA LEU A 83 -15.31 -10.98 -8.62
C LEU A 83 -15.13 -11.35 -7.15
N SER A 84 -14.39 -12.43 -6.91
CA SER A 84 -14.19 -12.92 -5.55
C SER A 84 -13.60 -11.85 -4.64
N ALA A 85 -12.69 -11.04 -5.19
CA ALA A 85 -12.03 -10.00 -4.41
C ALA A 85 -12.98 -8.86 -4.06
N ARG A 86 -13.60 -8.29 -5.06
CA ARG A 86 -14.49 -7.14 -4.86
C ARG A 86 -15.70 -7.53 -4.02
N LYS A 87 -16.06 -8.80 -4.08
CA LYS A 87 -17.21 -9.30 -3.36
C LYS A 87 -16.92 -9.41 -1.87
N GLU A 88 -15.81 -10.05 -1.51
CA GLU A 88 -15.51 -10.25 -0.10
C GLU A 88 -15.15 -8.95 0.59
N LEU A 89 -14.31 -8.13 -0.03
CA LEU A 89 -13.84 -6.89 0.58
C LEU A 89 -15.03 -6.01 0.97
N ALA A 90 -15.99 -5.91 0.06
CA ALA A 90 -17.16 -5.07 0.29
C ALA A 90 -18.05 -5.63 1.40
N LYS A 91 -18.28 -6.94 1.39
CA LYS A 91 -19.20 -7.54 2.35
C LYS A 91 -18.59 -7.60 3.75
N GLU A 92 -17.27 -7.54 3.84
CA GLU A 92 -16.61 -7.41 5.13
C GLU A 92 -17.03 -6.10 5.79
N LEU A 93 -17.09 -5.07 4.96
CA LEU A 93 -17.43 -3.72 5.42
C LEU A 93 -18.94 -3.54 5.58
N GLY A 94 -19.71 -4.40 4.92
CA GLY A 94 -21.17 -4.33 5.04
C GLY A 94 -21.87 -4.38 3.70
N TYR A 95 -21.11 -4.15 2.63
CA TYR A 95 -21.63 -4.22 1.25
C TYR A 95 -22.74 -3.18 1.04
N SER A 96 -22.61 -2.03 1.68
CA SER A 96 -23.59 -0.95 1.50
C SER A 96 -23.37 -0.25 0.16
N GLY A 97 -23.80 -0.90 -0.91
CA GLY A 97 -23.66 -0.33 -2.24
C GLY A 97 -24.91 -0.52 -3.06
N ASP A 98 -25.52 0.57 -3.48
CA ASP A 98 -26.76 0.50 -4.26
C ASP A 98 -26.90 1.70 -5.18
N MET A 99 -27.45 2.79 -4.65
CA MET A 99 -27.72 3.98 -5.46
C MET A 99 -26.53 4.94 -5.46
N ASN A 100 -25.43 4.47 -4.89
CA ASN A 100 -24.18 5.23 -4.92
C ASN A 100 -23.43 4.98 -6.22
N ASP A 101 -23.81 3.90 -6.90
CA ASP A 101 -23.22 3.52 -8.18
C ASP A 101 -21.72 3.31 -8.07
N SER A 102 -21.07 3.12 -9.21
CA SER A 102 -19.63 2.92 -9.25
C SER A 102 -18.88 4.14 -8.71
N ALA A 103 -19.48 5.31 -8.88
CA ALA A 103 -18.85 6.57 -8.48
C ALA A 103 -18.59 6.61 -6.98
N SER A 104 -19.65 6.58 -6.19
CA SER A 104 -19.51 6.69 -4.74
C SER A 104 -19.05 5.37 -4.13
N MET A 105 -19.09 4.30 -4.93
CA MET A 105 -18.61 2.99 -4.49
C MET A 105 -17.13 3.06 -4.12
N ASN A 106 -16.35 3.66 -5.01
CA ASN A 106 -14.90 3.76 -4.82
C ASN A 106 -14.57 4.77 -3.72
N ILE A 107 -15.42 5.79 -3.60
CA ILE A 107 -15.19 6.87 -2.63
C ILE A 107 -15.51 6.43 -1.20
N TRP A 108 -16.63 5.74 -1.03
CA TRP A 108 -17.08 5.28 0.28
C TRP A 108 -16.18 4.16 0.79
N LEU A 109 -15.96 3.16 -0.05
CA LEU A 109 -15.19 1.99 0.31
C LEU A 109 -13.74 2.38 0.58
N HIS A 110 -13.30 3.46 -0.07
CA HIS A 110 -11.97 4.01 0.13
C HIS A 110 -11.73 4.32 1.60
N LYS A 111 -12.68 5.04 2.20
CA LYS A 111 -12.57 5.44 3.60
C LYS A 111 -12.59 4.22 4.52
N GLN A 112 -13.55 3.33 4.27
CA GLN A 112 -13.79 2.18 5.13
C GLN A 112 -12.55 1.31 5.26
N VAL A 113 -11.90 1.00 4.14
CA VAL A 113 -10.72 0.15 4.16
C VAL A 113 -9.55 0.86 4.85
N MET A 114 -9.39 2.15 4.61
CA MET A 114 -8.29 2.90 5.20
C MET A 114 -8.40 2.91 6.72
N SER A 115 -9.63 2.89 7.21
CA SER A 115 -9.88 2.89 8.64
C SER A 115 -9.45 1.56 9.28
N LYS A 116 -9.22 0.55 8.45
CA LYS A 116 -8.76 -0.74 8.94
C LYS A 116 -7.27 -0.91 8.63
N LEU A 117 -6.78 -0.10 7.71
CA LEU A 117 -5.43 -0.29 7.18
C LEU A 117 -4.46 0.72 7.77
N VAL A 118 -4.52 1.96 7.30
CA VAL A 118 -3.52 2.97 7.68
C VAL A 118 -3.64 3.34 9.16
N ALA A 119 -4.81 3.08 9.74
CA ALA A 119 -5.04 3.37 11.14
C ALA A 119 -4.17 2.51 12.05
N ASN A 120 -3.66 1.41 11.51
CA ASN A 120 -2.80 0.51 12.27
C ASN A 120 -1.50 1.20 12.65
N GLY A 121 -0.85 1.76 11.66
CA GLY A 121 0.39 2.47 11.87
C GLY A 121 1.01 2.92 10.56
N GLY A 122 0.16 3.18 9.58
CA GLY A 122 0.61 3.55 8.27
C GLY A 122 0.61 5.05 8.07
N LYS A 123 1.61 5.53 7.36
CA LYS A 123 1.74 6.94 7.06
C LYS A 123 1.24 7.21 5.64
N LEU A 124 0.44 8.27 5.51
CA LEU A 124 -0.01 8.71 4.21
C LEU A 124 0.18 10.21 4.07
N PRO A 125 0.32 10.72 2.84
CA PRO A 125 0.37 12.15 2.58
C PRO A 125 -0.92 12.83 3.02
N PRO A 126 -0.82 14.08 3.50
CA PRO A 126 -1.99 14.85 4.00
C PRO A 126 -3.02 15.14 2.91
N GLU A 127 -2.86 14.50 1.77
CA GLU A 127 -3.73 14.67 0.63
C GLU A 127 -4.88 13.66 0.68
N ILE A 128 -4.63 12.53 1.32
CA ILE A 128 -5.61 11.47 1.43
C ILE A 128 -6.30 11.53 2.79
N LYS A 129 -7.56 11.96 2.79
CA LYS A 129 -8.31 12.07 4.04
C LYS A 129 -9.76 11.59 3.88
N HIS A 130 -10.18 11.33 2.64
CA HIS A 130 -11.58 11.00 2.38
C HIS A 130 -11.68 10.01 1.22
N MET A 1 -11.42 -13.94 1.55
CA MET A 1 -11.31 -13.79 3.01
C MET A 1 -11.64 -12.36 3.44
N SER A 2 -10.61 -11.52 3.51
CA SER A 2 -10.75 -10.13 3.93
C SER A 2 -9.62 -9.32 3.31
N ILE A 3 -9.90 -8.64 2.20
CA ILE A 3 -8.87 -7.97 1.41
C ILE A 3 -8.04 -6.98 2.23
N PHE A 4 -8.67 -6.22 3.12
CA PHE A 4 -7.95 -5.24 3.93
C PHE A 4 -6.90 -5.92 4.81
N GLY A 5 -7.13 -7.19 5.12
CA GLY A 5 -6.18 -7.95 5.90
C GLY A 5 -5.14 -8.63 5.03
N LYS A 6 -5.48 -8.79 3.76
CA LYS A 6 -4.58 -9.44 2.82
C LYS A 6 -3.51 -8.46 2.37
N ILE A 7 -3.92 -7.22 2.10
CA ILE A 7 -3.00 -6.21 1.62
C ILE A 7 -2.05 -5.74 2.72
N MET A 8 -2.56 -5.68 3.96
CA MET A 8 -1.77 -5.21 5.09
C MET A 8 -0.66 -6.21 5.42
N SER A 9 -0.85 -7.46 5.02
CA SER A 9 0.11 -8.51 5.28
C SER A 9 1.43 -8.21 4.57
N ALA A 10 1.33 -7.54 3.42
CA ALA A 10 2.51 -7.18 2.65
C ALA A 10 3.05 -5.82 3.09
N ILE A 11 2.13 -4.88 3.33
CA ILE A 11 2.50 -3.52 3.69
C ILE A 11 3.19 -3.47 5.07
N PHE A 12 2.57 -4.12 6.05
CA PHE A 12 3.10 -4.09 7.41
C PHE A 12 3.99 -5.29 7.70
N GLY A 13 4.15 -6.15 6.68
CA GLY A 13 4.97 -7.33 6.83
C GLY A 13 6.35 -7.12 6.26
N ASP A 14 6.75 -5.86 6.13
CA ASP A 14 8.07 -5.52 5.59
C ASP A 14 9.17 -5.87 6.60
N SER A 15 10.38 -6.04 6.08
CA SER A 15 11.53 -6.43 6.88
C SER A 15 12.77 -6.48 5.99
N ALA A 16 12.55 -6.81 4.71
CA ALA A 16 13.63 -6.87 3.74
C ALA A 16 13.87 -5.51 3.10
N ALA A 17 13.26 -4.49 3.70
CA ALA A 17 13.42 -3.09 3.29
C ALA A 17 12.65 -2.79 2.01
N ALA A 18 11.33 -2.77 2.13
CA ALA A 18 10.46 -2.29 1.08
C ALA A 18 10.12 -0.82 1.36
N SER A 19 10.16 -0.48 2.64
CA SER A 19 10.00 0.89 3.08
C SER A 19 11.17 1.76 2.58
N PRO A 20 11.01 3.09 2.56
CA PRO A 20 12.05 4.00 2.05
C PRO A 20 13.37 3.89 2.81
N GLY A 21 14.32 3.17 2.20
CA GLY A 21 15.64 3.02 2.79
C GLY A 21 16.75 3.33 1.81
N GLY A 22 16.37 3.97 0.71
CA GLY A 22 17.35 4.33 -0.30
C GLY A 22 16.79 4.22 -1.70
N ALA A 23 17.61 4.55 -2.68
CA ALA A 23 17.20 4.47 -4.08
C ALA A 23 18.31 3.81 -4.88
N GLN A 24 18.12 2.54 -5.19
CA GLN A 24 19.15 1.77 -5.87
C GLN A 24 18.88 1.68 -7.37
N ALA A 25 19.92 1.34 -8.11
CA ALA A 25 19.79 1.11 -9.54
C ALA A 25 19.80 -0.39 -9.82
N PRO A 26 19.28 -0.84 -10.98
CA PRO A 26 19.27 -2.26 -11.35
C PRO A 26 20.64 -2.76 -11.80
N ALA A 27 21.66 -2.21 -11.15
CA ALA A 27 23.06 -2.52 -11.43
C ALA A 27 23.95 -1.72 -10.49
N THR A 28 24.40 -2.37 -9.43
CA THR A 28 25.22 -1.70 -8.42
C THR A 28 26.69 -1.71 -8.80
N THR A 29 26.97 -1.76 -10.10
CA THR A 29 28.33 -1.81 -10.58
C THR A 29 28.77 -0.46 -11.14
N GLY A 30 29.54 0.27 -10.36
CA GLY A 30 30.09 1.53 -10.82
C GLY A 30 31.56 1.39 -11.16
N ALA A 31 32.25 0.62 -10.34
CA ALA A 31 33.67 0.34 -10.53
C ALA A 31 34.06 -0.88 -9.71
N ALA A 32 35.29 -1.35 -9.89
CA ALA A 32 35.79 -2.49 -9.12
C ALA A 32 36.08 -2.06 -7.70
N GLY A 33 35.63 -2.85 -6.74
CA GLY A 33 35.82 -2.50 -5.35
C GLY A 33 35.57 -3.68 -4.43
N THR A 34 35.31 -3.39 -3.17
CA THR A 34 35.12 -4.41 -2.17
C THR A 34 33.95 -4.02 -1.27
N ALA A 35 33.27 -5.02 -0.74
CA ALA A 35 32.12 -4.76 0.10
C ALA A 35 32.47 -4.94 1.57
N PRO A 36 32.48 -3.82 2.33
CA PRO A 36 32.67 -3.86 3.77
C PRO A 36 31.36 -4.15 4.48
N THR A 37 31.34 -5.21 5.27
CA THR A 37 30.11 -5.62 5.94
C THR A 37 29.95 -4.88 7.27
N ALA A 38 29.07 -3.88 7.26
CA ALA A 38 28.80 -3.08 8.44
C ALA A 38 27.30 -2.94 8.64
N PRO A 39 26.76 -3.58 9.68
CA PRO A 39 25.33 -3.56 9.97
C PRO A 39 24.80 -2.16 10.22
N GLN A 40 24.02 -1.65 9.26
CA GLN A 40 23.38 -0.36 9.40
C GLN A 40 22.10 -0.49 10.20
N PRO A 41 21.98 0.24 11.32
CA PRO A 41 20.81 0.19 12.18
C PRO A 41 19.57 0.70 11.48
N THR A 42 18.45 0.02 11.66
CA THR A 42 17.20 0.42 11.05
C THR A 42 16.02 0.06 11.93
N ALA A 43 15.09 0.99 12.05
CA ALA A 43 13.89 0.80 12.83
C ALA A 43 12.67 1.23 12.03
N ALA A 44 11.49 0.93 12.52
CA ALA A 44 10.27 1.27 11.81
C ALA A 44 9.20 1.72 12.78
N PRO A 45 9.25 2.98 13.22
CA PRO A 45 8.28 3.53 14.15
C PRO A 45 6.99 3.95 13.45
N SER A 46 7.05 4.04 12.13
CA SER A 46 5.90 4.38 11.32
C SER A 46 6.04 3.71 9.95
N ILE A 47 5.00 3.00 9.54
CA ILE A 47 4.98 2.36 8.24
C ILE A 47 4.45 3.32 7.19
N ASP A 48 5.34 3.85 6.36
CA ASP A 48 4.94 4.82 5.37
C ASP A 48 4.35 4.10 4.16
N VAL A 49 3.04 4.15 4.04
CA VAL A 49 2.33 3.38 3.03
C VAL A 49 2.47 4.00 1.64
N ALA A 50 2.83 5.29 1.61
CA ALA A 50 2.91 6.03 0.36
C ALA A 50 3.89 5.39 -0.62
N PRO A 51 5.19 5.27 -0.28
CA PRO A 51 6.19 4.71 -1.20
C PRO A 51 5.91 3.24 -1.53
N ILE A 52 5.36 2.51 -0.56
CA ILE A 52 5.09 1.09 -0.73
C ILE A 52 4.13 0.86 -1.90
N LEU A 53 3.09 1.67 -1.98
CA LEU A 53 2.10 1.51 -3.04
C LEU A 53 2.45 2.35 -4.26
N ASP A 54 3.09 3.49 -4.03
CA ASP A 54 3.45 4.40 -5.12
C ASP A 54 4.41 3.74 -6.08
N LYS A 55 5.32 2.93 -5.55
CA LYS A 55 6.28 2.22 -6.37
C LYS A 55 5.69 0.89 -6.81
N ALA A 56 4.75 0.38 -6.02
CA ALA A 56 4.04 -0.86 -6.35
C ALA A 56 3.21 -0.66 -7.61
N VAL A 57 2.87 0.59 -7.91
CA VAL A 57 2.18 0.92 -9.13
C VAL A 57 3.02 0.51 -10.33
N LYS A 58 4.31 0.79 -10.23
CA LYS A 58 5.26 0.48 -11.29
C LYS A 58 5.66 -0.98 -11.23
N ALA A 59 5.62 -1.55 -10.03
CA ALA A 59 5.99 -2.94 -9.83
C ALA A 59 4.86 -3.87 -10.26
N LYS A 60 3.64 -3.36 -10.28
CA LYS A 60 2.49 -4.14 -10.72
C LYS A 60 2.52 -4.27 -12.23
N GLY A 61 2.50 -3.13 -12.91
CA GLY A 61 2.63 -3.14 -14.36
C GLY A 61 1.56 -2.34 -15.07
N GLU A 62 0.78 -1.57 -14.32
CA GLU A 62 -0.28 -0.77 -14.92
C GLU A 62 -0.39 0.58 -14.22
N LYS A 63 -1.07 1.50 -14.86
CA LYS A 63 -1.29 2.84 -14.30
C LYS A 63 -2.28 2.74 -13.14
N LEU A 64 -1.79 2.96 -11.93
CA LEU A 64 -2.61 2.85 -10.73
C LEU A 64 -2.72 4.17 -10.01
N GLU A 65 -3.92 4.48 -9.55
CA GLU A 65 -4.18 5.70 -8.80
C GLU A 65 -4.71 5.37 -7.41
N TRP A 66 -3.90 4.66 -6.64
CA TRP A 66 -4.29 4.18 -5.31
C TRP A 66 -4.65 5.35 -4.37
N ARG A 67 -4.19 6.53 -4.73
CA ARG A 67 -4.42 7.72 -3.92
C ARG A 67 -5.89 8.11 -3.92
N THR A 68 -6.63 7.66 -4.93
CA THR A 68 -8.05 7.96 -5.02
C THR A 68 -8.88 6.68 -5.21
N SER A 69 -8.35 5.72 -5.94
CA SER A 69 -9.08 4.52 -6.28
C SER A 69 -8.70 3.36 -5.37
N ILE A 70 -9.70 2.76 -4.75
CA ILE A 70 -9.47 1.67 -3.82
C ILE A 70 -9.20 0.37 -4.58
N VAL A 71 -9.80 0.25 -5.76
CA VAL A 71 -9.63 -0.92 -6.60
C VAL A 71 -8.18 -1.04 -7.09
N ASP A 72 -7.54 0.10 -7.28
CA ASP A 72 -6.18 0.15 -7.80
C ASP A 72 -5.18 -0.44 -6.81
N LEU A 73 -5.21 0.03 -5.57
CA LEU A 73 -4.29 -0.47 -4.55
C LEU A 73 -4.61 -1.91 -4.19
N MET A 74 -5.88 -2.26 -4.30
CA MET A 74 -6.34 -3.61 -4.02
C MET A 74 -5.62 -4.61 -4.91
N LYS A 75 -5.76 -4.42 -6.23
CA LYS A 75 -5.13 -5.34 -7.18
C LYS A 75 -3.61 -5.26 -7.11
N ALA A 76 -3.09 -4.05 -6.87
CA ALA A 76 -1.66 -3.79 -6.80
C ALA A 76 -0.93 -4.81 -5.94
N LEU A 77 -1.40 -4.98 -4.71
CA LEU A 77 -0.77 -5.89 -3.75
C LEU A 77 -0.85 -7.35 -4.20
N ASP A 78 -2.05 -7.91 -4.21
CA ASP A 78 -2.20 -9.36 -4.47
C ASP A 78 -3.56 -9.69 -5.09
N ILE A 79 -4.43 -8.72 -5.17
CA ILE A 79 -5.83 -9.00 -5.45
C ILE A 79 -6.11 -8.99 -6.96
N ASP A 80 -7.07 -9.80 -7.39
CA ASP A 80 -7.37 -10.00 -8.81
C ASP A 80 -8.46 -9.05 -9.31
N SER A 81 -9.02 -8.26 -8.40
CA SER A 81 -10.10 -7.30 -8.69
C SER A 81 -11.33 -7.96 -9.34
N SER A 82 -11.42 -9.29 -9.25
CA SER A 82 -12.55 -10.01 -9.81
C SER A 82 -13.73 -10.03 -8.85
N LEU A 83 -14.83 -10.67 -9.25
CA LEU A 83 -16.07 -10.71 -8.46
C LEU A 83 -15.78 -11.08 -7.00
N SER A 84 -15.13 -12.22 -6.80
CA SER A 84 -14.86 -12.75 -5.47
C SER A 84 -14.26 -11.69 -4.55
N ALA A 85 -13.25 -11.00 -5.04
CA ALA A 85 -12.56 -10.00 -4.26
C ALA A 85 -13.46 -8.81 -3.93
N ARG A 86 -14.13 -8.30 -4.95
CA ARG A 86 -14.94 -7.10 -4.80
C ARG A 86 -16.05 -7.30 -3.78
N LYS A 87 -16.59 -8.52 -3.72
CA LYS A 87 -17.68 -8.79 -2.79
C LYS A 87 -17.17 -9.20 -1.42
N GLU A 88 -15.99 -9.81 -1.35
CA GLU A 88 -15.45 -10.23 -0.05
C GLU A 88 -15.01 -9.02 0.77
N LEU A 89 -14.46 -8.02 0.10
CA LEU A 89 -14.01 -6.82 0.78
C LEU A 89 -15.20 -6.00 1.28
N ALA A 90 -16.20 -5.85 0.43
CA ALA A 90 -17.37 -5.03 0.75
C ALA A 90 -18.23 -5.70 1.82
N LYS A 91 -18.25 -7.03 1.83
CA LYS A 91 -19.08 -7.78 2.78
C LYS A 91 -18.52 -7.66 4.20
N GLU A 92 -17.20 -7.50 4.31
CA GLU A 92 -16.54 -7.40 5.60
C GLU A 92 -16.81 -6.03 6.22
N LEU A 93 -16.87 -5.02 5.38
CA LEU A 93 -17.03 -3.64 5.84
C LEU A 93 -18.50 -3.31 6.07
N GLY A 94 -19.35 -3.65 5.12
CA GLY A 94 -20.77 -3.37 5.26
C GLY A 94 -21.28 -2.42 4.21
N TYR A 95 -20.98 -2.73 2.95
CA TYR A 95 -21.46 -1.92 1.83
C TYR A 95 -22.96 -2.08 1.67
N SER A 96 -23.69 -0.99 1.86
CA SER A 96 -25.14 -1.02 1.80
C SER A 96 -25.68 -0.01 0.79
N GLY A 97 -24.82 0.38 -0.15
CA GLY A 97 -25.23 1.27 -1.21
C GLY A 97 -25.58 0.51 -2.47
N ASP A 98 -26.31 1.15 -3.38
CA ASP A 98 -26.74 0.51 -4.61
C ASP A 98 -26.73 1.50 -5.78
N MET A 99 -27.59 2.51 -5.70
CA MET A 99 -27.78 3.45 -6.80
C MET A 99 -26.65 4.48 -6.89
N ASN A 100 -25.69 4.38 -5.97
CA ASN A 100 -24.54 5.27 -5.97
C ASN A 100 -23.52 4.80 -7.01
N ASP A 101 -23.74 3.60 -7.53
CA ASP A 101 -22.91 3.02 -8.60
C ASP A 101 -21.47 2.88 -8.13
N SER A 102 -20.57 2.63 -9.07
CA SER A 102 -19.15 2.46 -8.77
C SER A 102 -18.51 3.80 -8.42
N ALA A 103 -19.18 4.89 -8.78
CA ALA A 103 -18.70 6.23 -8.51
C ALA A 103 -18.43 6.45 -7.03
N SER A 104 -19.50 6.42 -6.24
CA SER A 104 -19.38 6.61 -4.80
C SER A 104 -18.76 5.38 -4.15
N MET A 105 -18.90 4.24 -4.82
CA MET A 105 -18.39 2.97 -4.32
C MET A 105 -16.87 3.03 -4.17
N ASN A 106 -16.20 3.61 -5.16
CA ASN A 106 -14.75 3.70 -5.16
C ASN A 106 -14.26 4.63 -4.04
N ILE A 107 -15.10 5.59 -3.65
CA ILE A 107 -14.73 6.56 -2.63
C ILE A 107 -14.98 6.02 -1.22
N TRP A 108 -16.20 5.54 -0.99
CA TRP A 108 -16.60 5.01 0.32
C TRP A 108 -15.70 3.87 0.74
N LEU A 109 -15.53 2.90 -0.16
CA LEU A 109 -14.73 1.72 0.10
C LEU A 109 -13.27 2.11 0.30
N HIS A 110 -12.84 3.14 -0.41
CA HIS A 110 -11.46 3.62 -0.33
C HIS A 110 -11.13 4.09 1.09
N LYS A 111 -12.08 4.76 1.73
CA LYS A 111 -11.87 5.25 3.08
C LYS A 111 -11.99 4.12 4.09
N GLN A 112 -13.05 3.35 3.97
CA GLN A 112 -13.37 2.30 4.94
C GLN A 112 -12.26 1.26 5.04
N VAL A 113 -11.74 0.82 3.90
CA VAL A 113 -10.65 -0.16 3.87
C VAL A 113 -9.40 0.39 4.54
N MET A 114 -9.07 1.64 4.23
CA MET A 114 -7.84 2.23 4.74
C MET A 114 -7.97 2.52 6.22
N SER A 115 -9.20 2.59 6.71
CA SER A 115 -9.45 2.73 8.13
C SER A 115 -8.99 1.48 8.86
N LYS A 116 -9.11 0.34 8.20
CA LYS A 116 -8.66 -0.94 8.77
C LYS A 116 -7.21 -1.19 8.39
N LEU A 117 -6.67 -0.30 7.57
CA LEU A 117 -5.34 -0.46 7.01
C LEU A 117 -4.33 0.42 7.76
N VAL A 118 -4.48 1.72 7.64
CA VAL A 118 -3.48 2.65 8.18
C VAL A 118 -3.54 2.72 9.70
N ALA A 119 -4.64 2.24 10.28
CA ALA A 119 -4.79 2.23 11.74
C ALA A 119 -3.84 1.22 12.38
N ASN A 120 -3.13 0.48 11.55
CA ASN A 120 -2.14 -0.49 12.03
C ASN A 120 -0.77 0.17 12.15
N GLY A 121 -0.72 1.49 12.07
CA GLY A 121 0.53 2.21 12.22
C GLY A 121 1.09 2.68 10.88
N GLY A 122 0.23 2.72 9.87
CA GLY A 122 0.64 3.17 8.56
C GLY A 122 0.41 4.65 8.37
N LYS A 123 1.41 5.34 7.86
CA LYS A 123 1.32 6.76 7.61
C LYS A 123 0.94 7.02 6.16
N LEU A 124 0.18 8.08 5.94
CA LEU A 124 -0.15 8.53 4.60
C LEU A 124 0.02 10.04 4.50
N PRO A 125 0.35 10.53 3.29
CA PRO A 125 0.32 11.96 3.02
C PRO A 125 -1.07 12.54 3.25
N PRO A 126 -1.17 13.81 3.64
CA PRO A 126 -2.45 14.44 4.01
C PRO A 126 -3.45 14.50 2.85
N GLU A 127 -3.03 14.02 1.69
CA GLU A 127 -3.89 14.00 0.52
C GLU A 127 -4.74 12.74 0.50
N ILE A 128 -4.30 11.74 1.26
CA ILE A 128 -4.99 10.48 1.34
C ILE A 128 -5.88 10.45 2.58
N LYS A 129 -7.11 9.99 2.40
CA LYS A 129 -8.09 9.87 3.48
C LYS A 129 -8.48 11.25 4.00
N HIS A 130 -9.58 11.76 3.47
CA HIS A 130 -10.14 13.02 3.96
C HIS A 130 -11.40 12.73 4.75
#